data_8SUZ
#
_entry.id   8SUZ
#
_entity_poly.entity_id   1
_entity_poly.type   'polypeptide(L)'
_entity_poly.pdbx_seq_one_letter_code
;ETGTLIVNSVLLFLAFVVFLLVTLAILTALR
;
_entity_poly.pdbx_strand_id   A,B,C,D,E
#
# COMPACT_ATOMS: atom_id res chain seq x y z
N GLU A 1 -24.76 1.10 8.51
CA GLU A 1 -23.96 0.58 9.65
C GLU A 1 -23.16 -0.63 9.19
N THR A 2 -23.81 -1.53 8.45
CA THR A 2 -23.15 -2.73 7.94
C THR A 2 -21.99 -2.36 7.02
N GLY A 3 -22.23 -1.38 6.15
CA GLY A 3 -21.22 -0.92 5.20
C GLY A 3 -19.98 -0.42 5.93
N THR A 4 -20.18 0.42 6.94
CA THR A 4 -19.08 0.99 7.71
C THR A 4 -18.31 -0.12 8.43
N LEU A 5 -19.05 -1.12 8.92
CA LEU A 5 -18.43 -2.25 9.64
C LEU A 5 -17.44 -2.98 8.73
N ILE A 6 -17.86 -3.23 7.49
CA ILE A 6 -17.02 -3.93 6.53
C ILE A 6 -15.73 -3.13 6.28
N VAL A 7 -15.89 -1.82 6.12
CA VAL A 7 -14.75 -0.92 5.89
C VAL A 7 -13.79 -1.00 7.08
N ASN A 8 -14.35 -0.90 8.29
CA ASN A 8 -13.55 -0.95 9.51
C ASN A 8 -12.79 -2.27 9.61
N SER A 9 -13.45 -3.36 9.21
CA SER A 9 -12.82 -4.68 9.25
C SER A 9 -11.52 -4.70 8.46
N VAL A 10 -11.54 -4.08 7.29
CA VAL A 10 -10.36 -4.02 6.43
C VAL A 10 -9.27 -3.18 7.11
N LEU A 11 -9.69 -2.04 7.67
CA LEU A 11 -8.76 -1.15 8.37
C LEU A 11 -8.12 -1.85 9.57
N LEU A 12 -8.90 -2.71 10.24
CA LEU A 12 -8.43 -3.44 11.41
C LEU A 12 -7.07 -4.10 11.15
N PHE A 13 -7.04 -5.01 10.17
CA PHE A 13 -5.79 -5.71 9.84
C PHE A 13 -4.77 -4.75 9.24
N LEU A 14 -5.26 -3.75 8.47
CA LEU A 14 -4.38 -2.76 7.86
C LEU A 14 -3.48 -2.15 8.92
N ALA A 15 -4.07 -1.82 10.07
CA ALA A 15 -3.34 -1.23 11.19
C ALA A 15 -2.08 -2.03 11.49
N PHE A 16 -2.23 -3.37 11.48
CA PHE A 16 -1.10 -4.26 11.75
C PHE A 16 -0.10 -4.23 10.60
N VAL A 17 -0.61 -4.20 9.37
CA VAL A 17 0.24 -4.18 8.17
C VAL A 17 1.16 -2.95 8.20
N VAL A 18 0.56 -1.78 8.41
CA VAL A 18 1.30 -0.52 8.44
C VAL A 18 2.31 -0.55 9.60
N PHE A 19 1.79 -0.71 10.82
CA PHE A 19 2.64 -0.75 12.03
C PHE A 19 3.85 -1.66 11.81
N LEU A 20 3.61 -2.84 11.22
CA LEU A 20 4.68 -3.79 10.95
C LEU A 20 5.66 -3.21 9.93
N LEU A 21 5.12 -2.53 8.92
CA LEU A 21 5.94 -1.92 7.88
C LEU A 21 6.93 -0.93 8.49
N VAL A 22 6.41 -0.01 9.30
CA VAL A 22 7.24 0.99 9.96
C VAL A 22 8.29 0.29 10.83
N THR A 23 7.86 -0.73 11.57
CA THR A 23 8.76 -1.47 12.45
C THR A 23 9.89 -2.12 11.65
N LEU A 24 9.55 -2.66 10.47
CA LEU A 24 10.54 -3.31 9.62
C LEU A 24 11.56 -2.31 9.08
N ALA A 25 11.06 -1.16 8.61
CA ALA A 25 11.95 -0.13 8.08
C ALA A 25 12.94 0.31 9.14
N ILE A 26 12.43 0.55 10.35
CA ILE A 26 13.28 0.95 11.47
C ILE A 26 14.31 -0.15 11.75
N LEU A 27 13.83 -1.40 11.75
CA LEU A 27 14.71 -2.54 11.97
C LEU A 27 15.89 -2.53 10.99
N THR A 28 15.62 -2.10 9.76
CA THR A 28 16.66 -2.02 8.73
C THR A 28 17.82 -1.16 9.21
N ALA A 29 17.52 -0.20 10.09
CA ALA A 29 18.55 0.70 10.62
C ALA A 29 19.71 -0.08 11.24
N LEU A 30 19.41 -1.31 11.72
CA LEU A 30 20.40 -2.24 12.33
C LEU A 30 21.83 -1.93 11.89
N ARG A 31 22.46 -1.00 12.65
CA ARG A 31 23.83 -0.60 12.36
C ARG A 31 24.58 -0.28 13.65
N GLU B 1 -23.99 -10.44 0.36
CA GLU B 1 -23.07 -11.62 0.32
C GLU B 1 -22.12 -11.48 -0.87
N THR B 2 -22.67 -11.12 -2.02
CA THR B 2 -21.88 -10.94 -3.24
C THR B 2 -20.84 -9.83 -3.06
N GLY B 3 -21.28 -8.71 -2.47
CA GLY B 3 -20.40 -7.57 -2.24
C GLY B 3 -19.22 -7.96 -1.36
N THR B 4 -19.52 -8.64 -0.25
CA THR B 4 -18.47 -9.07 0.68
C THR B 4 -17.49 -10.02 0.00
N LEU B 5 -18.02 -10.90 -0.86
CA LEU B 5 -17.18 -11.86 -1.59
C LEU B 5 -16.15 -11.13 -2.43
N ILE B 6 -16.59 -10.07 -3.12
CA ILE B 6 -15.69 -9.29 -3.97
C ILE B 6 -14.58 -8.66 -3.12
N VAL B 7 -14.96 -8.12 -1.95
CA VAL B 7 -14.00 -7.50 -1.05
C VAL B 7 -12.97 -8.53 -0.59
N ASN B 8 -13.47 -9.71 -0.18
CA ASN B 8 -12.60 -10.78 0.28
C ASN B 8 -11.63 -11.21 -0.82
N SER B 9 -12.11 -11.23 -2.06
CA SER B 9 -11.29 -11.62 -3.20
C SER B 9 -10.05 -10.73 -3.29
N VAL B 10 -10.24 -9.44 -3.08
CA VAL B 10 -9.13 -8.48 -3.13
C VAL B 10 -8.17 -8.74 -1.97
N LEU B 11 -8.73 -8.97 -0.79
CA LEU B 11 -7.92 -9.24 0.40
C LEU B 11 -7.10 -10.52 0.22
N LEU B 12 -7.69 -11.50 -0.46
CA LEU B 12 -7.03 -12.79 -0.70
C LEU B 12 -5.61 -12.58 -1.23
N PHE B 13 -5.49 -11.94 -2.38
CA PHE B 13 -4.17 -11.70 -2.99
C PHE B 13 -3.36 -10.73 -2.13
N LEU B 14 -4.04 -9.75 -1.51
CA LEU B 14 -3.37 -8.77 -0.65
C LEU B 14 -2.51 -9.48 0.38
N ALA B 15 -3.10 -10.53 0.99
CA ALA B 15 -2.41 -11.33 2.00
C ALA B 15 -1.01 -11.72 1.52
N PHE B 16 -0.94 -12.14 0.25
CA PHE B 16 0.33 -12.55 -0.34
C PHE B 16 1.25 -11.34 -0.55
N VAL B 17 0.66 -10.22 -0.99
CA VAL B 17 1.43 -8.99 -1.23
C VAL B 17 2.12 -8.53 0.05
N VAL B 18 1.34 -8.42 1.14
CA VAL B 18 1.88 -7.99 2.43
C VAL B 18 2.95 -8.97 2.92
N PHE B 19 2.55 -10.23 3.11
CA PHE B 19 3.46 -11.27 3.58
C PHE B 19 4.79 -11.22 2.81
N LEU B 20 4.69 -11.08 1.49
CA LEU B 20 5.88 -11.00 0.65
C LEU B 20 6.69 -9.75 0.99
N LEU B 21 5.99 -8.64 1.22
CA LEU B 21 6.63 -7.38 1.57
C LEU B 21 7.48 -7.54 2.83
N VAL B 22 6.87 -8.08 3.88
CA VAL B 22 7.56 -8.29 5.16
C VAL B 22 8.77 -9.20 4.93
N THR B 23 8.55 -10.28 4.17
CA THR B 23 9.61 -11.24 3.88
C THR B 23 10.79 -10.55 3.17
N LEU B 24 10.47 -9.67 2.22
CA LEU B 24 11.50 -8.95 1.46
C LEU B 24 12.29 -8.01 2.37
N ALA B 25 11.59 -7.27 3.24
CA ALA B 25 12.25 -6.35 4.16
C ALA B 25 13.24 -7.10 5.04
N ILE B 26 12.77 -8.21 5.60
CA ILE B 26 13.60 -9.05 6.46
C ILE B 26 14.82 -9.54 5.66
N LEU B 27 14.56 -9.97 4.43
CA LEU B 27 15.63 -10.46 3.55
C LEU B 27 16.71 -9.39 3.40
N THR B 28 16.30 -8.12 3.35
CA THR B 28 17.26 -7.01 3.20
C THR B 28 18.30 -7.06 4.33
N ALA B 29 17.90 -7.56 5.50
CA ALA B 29 18.81 -7.64 6.64
C ALA B 29 20.09 -8.40 6.31
N LEU B 30 20.01 -9.32 5.32
CA LEU B 30 21.15 -10.16 4.85
C LEU B 30 22.51 -9.50 5.11
N ARG B 31 23.03 -9.72 6.33
CA ARG B 31 24.31 -9.13 6.72
C ARG B 31 25.12 -10.14 7.55
N GLU C 1 -21.88 -6.24 -12.87
CA GLU C 1 -20.78 -6.50 -13.86
C GLU C 1 -19.94 -5.23 -14.00
N THR C 2 -20.61 -4.09 -14.14
CA THR C 2 -19.93 -2.81 -14.29
C THR C 2 -19.08 -2.50 -13.05
N GLY C 3 -19.66 -2.74 -11.87
CA GLY C 3 -18.96 -2.49 -10.61
C GLY C 3 -17.69 -3.32 -10.51
N THR C 4 -17.81 -4.60 -10.84
CA THR C 4 -16.67 -5.51 -10.78
C THR C 4 -15.58 -5.07 -11.76
N LEU C 5 -15.99 -4.58 -12.93
CA LEU C 5 -15.06 -4.12 -13.96
C LEU C 5 -14.21 -2.97 -13.42
N ILE C 6 -14.85 -2.04 -12.69
CA ILE C 6 -14.15 -0.89 -12.13
C ILE C 6 -13.11 -1.38 -11.10
N VAL C 7 -13.51 -2.34 -10.28
CA VAL C 7 -12.60 -2.90 -9.26
C VAL C 7 -11.41 -3.55 -9.94
N ASN C 8 -11.68 -4.34 -10.98
CA ASN C 8 -10.62 -5.02 -11.73
C ASN C 8 -9.65 -4.01 -12.35
N SER C 9 -10.20 -2.89 -12.83
CA SER C 9 -9.39 -1.84 -13.46
C SER C 9 -8.33 -1.34 -12.50
N VAL C 10 -8.71 -1.16 -11.23
CA VAL C 10 -7.78 -0.69 -10.20
C VAL C 10 -6.72 -1.76 -9.93
N LEU C 11 -7.16 -3.01 -9.85
CA LEU C 11 -6.25 -4.14 -9.60
C LEU C 11 -5.25 -4.27 -10.74
N LEU C 12 -5.71 -4.00 -11.97
CA LEU C 12 -4.86 -4.10 -13.16
C LEU C 12 -3.53 -3.37 -12.95
N PHE C 13 -3.59 -2.06 -12.70
CA PHE C 13 -2.38 -1.27 -12.49
C PHE C 13 -1.69 -1.68 -11.19
N LEU C 14 -2.47 -2.05 -10.17
CA LEU C 14 -1.90 -2.47 -8.89
C LEU C 14 -0.88 -3.58 -9.11
N ALA C 15 -1.25 -4.54 -9.96
CA ALA C 15 -0.38 -5.68 -10.29
C ALA C 15 1.03 -5.18 -10.63
N PHE C 16 1.10 -4.11 -11.42
CA PHE C 16 2.38 -3.55 -11.82
C PHE C 16 3.06 -2.86 -10.63
N VAL C 17 2.27 -2.18 -9.81
CA VAL C 17 2.79 -1.48 -8.64
C VAL C 17 3.49 -2.46 -7.69
N VAL C 18 2.78 -3.54 -7.34
CA VAL C 18 3.33 -4.55 -6.43
C VAL C 18 4.57 -5.20 -7.05
N PHE C 19 4.39 -5.82 -8.23
CA PHE C 19 5.48 -6.49 -8.94
C PHE C 19 6.74 -5.61 -8.96
N LEU C 20 6.54 -4.32 -9.25
CA LEU C 20 7.65 -3.37 -9.30
C LEU C 20 8.25 -3.22 -7.90
N LEU C 21 7.39 -3.17 -6.89
CA LEU C 21 7.85 -3.03 -5.50
C LEU C 21 8.79 -4.16 -5.13
N VAL C 22 8.33 -5.40 -5.37
CA VAL C 22 9.14 -6.59 -5.05
C VAL C 22 10.46 -6.52 -5.83
N THR C 23 10.37 -6.18 -7.11
CA THR C 23 11.55 -6.08 -7.96
C THR C 23 12.55 -5.07 -7.38
N LEU C 24 12.04 -3.93 -6.91
CA LEU C 24 12.89 -2.89 -6.34
C LEU C 24 13.57 -3.35 -5.06
N ALA C 25 12.82 -4.01 -4.18
CA ALA C 25 13.37 -4.50 -2.92
C ALA C 25 14.53 -5.46 -3.20
N ILE C 26 14.28 -6.41 -4.11
CA ILE C 26 15.29 -7.38 -4.50
C ILE C 26 16.52 -6.65 -5.05
N LEU C 27 16.27 -5.65 -5.90
CA LEU C 27 17.34 -4.85 -6.49
C LEU C 27 18.22 -4.24 -5.41
N THR C 28 17.61 -3.86 -4.28
CA THR C 28 18.35 -3.26 -3.16
C THR C 28 19.47 -4.20 -2.69
N ALA C 29 19.22 -5.50 -2.78
CA ALA C 29 20.20 -6.51 -2.35
C ALA C 29 21.56 -6.32 -3.03
N LEU C 30 21.53 -5.81 -4.27
CA LEU C 30 22.75 -5.56 -5.12
C LEU C 30 24.00 -5.28 -4.27
N ARG C 31 24.67 -6.39 -3.86
CA ARG C 31 25.88 -6.29 -3.04
C ARG C 31 26.96 -7.22 -3.57
N GLU D 1 -21.30 7.89 -12.93
CA GLU D 1 -20.23 8.84 -13.36
C GLU D 1 -19.61 9.47 -12.12
N THR D 2 -20.45 9.86 -11.17
CA THR D 2 -19.99 10.48 -9.93
C THR D 2 -19.14 9.50 -9.12
N GLY D 3 -19.60 8.25 -9.05
CA GLY D 3 -18.89 7.21 -8.32
C GLY D 3 -17.50 6.99 -8.90
N THR D 4 -17.43 6.88 -10.22
CA THR D 4 -16.15 6.67 -10.91
C THR D 4 -15.20 7.85 -10.66
N LEU D 5 -15.76 9.06 -10.63
CA LEU D 5 -14.98 10.28 -10.40
C LEU D 5 -14.30 10.22 -9.04
N ILE D 6 -15.04 9.77 -8.03
CA ILE D 6 -14.50 9.65 -6.67
C ILE D 6 -13.33 8.66 -6.66
N VAL D 7 -13.53 7.52 -7.35
CA VAL D 7 -12.49 6.49 -7.42
C VAL D 7 -11.24 7.06 -8.08
N ASN D 8 -11.44 7.77 -9.19
CA ASN D 8 -10.33 8.37 -9.93
C ASN D 8 -9.58 9.38 -9.06
N SER D 9 -10.33 10.12 -8.23
CA SER D 9 -9.74 11.12 -7.36
C SER D 9 -8.71 10.48 -6.43
N VAL D 10 -9.05 9.31 -5.90
CA VAL D 10 -8.15 8.58 -5.00
C VAL D 10 -6.91 8.12 -5.77
N LEU D 11 -7.15 7.59 -6.98
CA LEU D 11 -6.05 7.11 -7.83
C LEU D 11 -5.11 8.26 -8.19
N LEU D 12 -5.67 9.45 -8.38
CA LEU D 12 -4.88 10.64 -8.75
C LEU D 12 -3.68 10.80 -7.81
N PHE D 13 -3.95 10.98 -6.51
CA PHE D 13 -2.87 11.15 -5.54
C PHE D 13 -2.04 9.88 -5.42
N LEU D 14 -2.69 8.71 -5.55
CA LEU D 14 -1.99 7.43 -5.44
C LEU D 14 -0.82 7.41 -6.42
N ALA D 15 -1.08 7.85 -7.64
CA ALA D 15 -0.06 7.91 -8.69
C ALA D 15 1.23 8.54 -8.15
N PHE D 16 1.09 9.62 -7.40
CA PHE D 16 2.24 10.32 -6.82
C PHE D 16 2.87 9.48 -5.71
N VAL D 17 2.01 8.83 -4.92
CA VAL D 17 2.48 8.00 -3.80
C VAL D 17 3.38 6.88 -4.33
N VAL D 18 2.89 6.13 -5.31
CA VAL D 18 3.66 5.02 -5.90
C VAL D 18 4.93 5.56 -6.55
N PHE D 19 4.76 6.45 -7.52
CA PHE D 19 5.90 7.05 -8.23
C PHE D 19 6.99 7.48 -7.25
N LEU D 20 6.58 8.11 -6.15
CA LEU D 20 7.52 8.56 -5.13
C LEU D 20 8.18 7.36 -4.46
N LEU D 21 7.39 6.31 -4.20
CA LEU D 21 7.90 5.10 -3.57
C LEU D 21 9.04 4.51 -4.39
N VAL D 22 8.78 4.30 -5.68
CA VAL D 22 9.78 3.74 -6.59
C VAL D 22 11.02 4.63 -6.59
N THR D 23 10.80 5.94 -6.70
CA THR D 23 11.90 6.90 -6.72
C THR D 23 12.75 6.78 -5.46
N LEU D 24 12.09 6.61 -4.31
CA LEU D 24 12.79 6.49 -3.02
C LEU D 24 13.62 5.21 -2.96
N ALA D 25 13.03 4.09 -3.38
CA ALA D 25 13.74 2.81 -3.36
C ALA D 25 15.01 2.91 -4.19
N ILE D 26 14.87 3.45 -5.40
CA ILE D 26 16.00 3.63 -6.31
C ILE D 26 17.05 4.52 -5.63
N LEU D 27 16.59 5.60 -5.00
CA LEU D 27 17.48 6.53 -4.30
C LEU D 27 18.32 5.78 -3.26
N THR D 28 17.72 4.78 -2.63
CA THR D 28 18.43 3.99 -1.61
C THR D 28 19.72 3.39 -2.18
N ALA D 29 19.68 3.02 -3.46
CA ALA D 29 20.83 2.41 -4.14
C ALA D 29 22.08 3.28 -4.03
N LEU D 30 21.89 4.61 -3.90
CA LEU D 30 23.01 5.58 -3.81
C LEU D 30 24.24 4.99 -3.08
N ARG D 31 25.13 4.37 -3.86
CA ARG D 31 26.35 3.75 -3.32
C ARG D 31 27.55 4.10 -4.19
N GLU E 1 -23.10 12.42 0.31
CA GLU E 1 -22.19 13.22 1.18
C GLU E 1 -21.58 12.30 2.23
N THR E 2 -22.41 11.45 2.83
CA THR E 2 -21.94 10.52 3.85
C THR E 2 -20.91 9.55 3.27
N GLY E 3 -21.19 9.06 2.06
CA GLY E 3 -20.29 8.13 1.39
C GLY E 3 -18.90 8.74 1.19
N THR E 4 -18.89 9.99 0.71
CA THR E 4 -17.62 10.69 0.48
C THR E 4 -16.89 10.91 1.80
N LEU E 5 -17.64 11.20 2.86
CA LEU E 5 -17.05 11.43 4.18
C LEU E 5 -16.29 10.19 4.65
N ILE E 6 -16.89 9.02 4.45
CA ILE E 6 -16.26 7.75 4.86
C ILE E 6 -14.95 7.56 4.09
N VAL E 7 -14.99 7.84 2.79
CA VAL E 7 -13.80 7.70 1.94
C VAL E 7 -12.70 8.64 2.44
N ASN E 8 -13.07 9.88 2.72
CA ASN E 8 -12.12 10.88 3.20
C ASN E 8 -11.50 10.45 4.52
N SER E 9 -12.32 9.83 5.38
CA SER E 9 -11.85 9.36 6.69
C SER E 9 -10.67 8.41 6.52
N VAL E 10 -10.79 7.50 5.56
CA VAL E 10 -9.73 6.51 5.29
C VAL E 10 -8.48 7.23 4.78
N LEU E 11 -8.69 8.19 3.85
CA LEU E 11 -7.59 8.96 3.29
C LEU E 11 -6.86 9.76 4.37
N LEU E 12 -7.63 10.24 5.36
CA LEU E 12 -7.07 11.04 6.45
C LEU E 12 -5.85 10.36 7.07
N PHE E 13 -6.05 9.15 7.62
CA PHE E 13 -4.95 8.42 8.24
C PHE E 13 -3.92 7.99 7.20
N LEU E 14 -4.40 7.66 5.99
CA LEU E 14 -3.51 7.24 4.91
C LEU E 14 -2.40 8.28 4.73
N ALA E 15 -2.80 9.55 4.74
CA ALA E 15 -1.85 10.66 4.59
C ALA E 15 -0.65 10.48 5.52
N PHE E 16 -0.94 10.09 6.76
CA PHE E 16 0.11 9.87 7.75
C PHE E 16 0.93 8.63 7.42
N VAL E 17 0.25 7.57 6.96
CA VAL E 17 0.92 6.32 6.60
C VAL E 17 1.96 6.57 5.50
N VAL E 18 1.53 7.23 4.42
CA VAL E 18 2.43 7.52 3.30
C VAL E 18 3.55 8.45 3.75
N PHE E 19 3.17 9.60 4.32
CA PHE E 19 4.14 10.59 4.80
C PHE E 19 5.23 9.91 5.64
N LEU E 20 4.79 9.02 6.53
CA LEU E 20 5.72 8.28 7.39
C LEU E 20 6.60 7.35 6.56
N LEU E 21 6.00 6.70 5.57
CA LEU E 21 6.73 5.78 4.70
C LEU E 21 7.90 6.50 4.02
N VAL E 22 7.61 7.63 3.38
CA VAL E 22 8.63 8.42 2.69
C VAL E 22 9.71 8.83 3.69
N THR E 23 9.28 9.30 4.86
CA THR E 23 10.20 9.74 5.91
C THR E 23 11.12 8.60 6.33
N LEU E 24 10.57 7.39 6.43
CA LEU E 24 11.36 6.21 6.85
C LEU E 24 12.38 5.85 5.78
N ALA E 25 11.97 5.84 4.51
CA ALA E 25 12.87 5.50 3.41
C ALA E 25 14.07 6.46 3.42
N ILE E 26 13.76 7.75 3.52
CA ILE E 26 14.79 8.79 3.55
C ILE E 26 15.72 8.54 4.74
N LEU E 27 15.13 8.20 5.88
CA LEU E 27 15.90 7.92 7.10
C LEU E 27 16.91 6.81 6.83
N THR E 28 16.53 5.83 6.02
CA THR E 28 17.41 4.71 5.70
C THR E 28 18.75 5.19 5.13
N ALA E 29 18.69 6.29 4.37
CA ALA E 29 19.89 6.88 3.76
C ALA E 29 20.99 7.23 4.80
N LEU E 30 20.60 7.16 6.13
CA LEU E 30 21.52 7.57 7.17
C LEU E 30 22.89 6.88 6.88
N ARG E 31 23.82 7.66 6.34
CA ARG E 31 25.15 7.15 6.01
C ARG E 31 26.20 8.23 6.21
N GLU A 1 -23.21 12.99 0.86
CA GLU A 1 -22.26 13.67 1.78
C GLU A 1 -21.59 12.63 2.67
N THR A 2 -22.40 11.77 3.27
CA THR A 2 -21.89 10.72 4.16
C THR A 2 -21.03 9.73 3.36
N GLY A 3 -21.45 9.42 2.14
CA GLY A 3 -20.72 8.48 1.30
C GLY A 3 -19.29 8.95 1.07
N THR A 4 -19.13 10.25 0.83
CA THR A 4 -17.81 10.84 0.60
C THR A 4 -17.06 11.03 1.92
N LEU A 5 -17.80 11.35 2.99
CA LEU A 5 -17.20 11.56 4.31
C LEU A 5 -16.48 10.31 4.79
N ILE A 6 -17.11 9.16 4.61
CA ILE A 6 -16.53 7.88 5.05
C ILE A 6 -15.24 7.57 4.26
N VAL A 7 -15.20 8.02 3.01
CA VAL A 7 -14.01 7.79 2.16
C VAL A 7 -12.88 8.70 2.63
N ASN A 8 -13.22 9.97 2.90
CA ASN A 8 -12.24 10.95 3.35
C ASN A 8 -11.61 10.52 4.68
N SER A 9 -12.43 9.92 5.55
CA SER A 9 -11.95 9.47 6.86
C SER A 9 -10.81 8.48 6.70
N VAL A 10 -10.94 7.57 5.72
CA VAL A 10 -9.91 6.57 5.45
C VAL A 10 -8.65 7.25 4.90
N LEU A 11 -8.85 8.20 3.99
CA LEU A 11 -7.74 8.93 3.38
C LEU A 11 -7.00 9.76 4.43
N LEU A 12 -7.73 10.26 5.43
CA LEU A 12 -7.15 11.10 6.48
C LEU A 12 -5.87 10.50 7.03
N PHE A 13 -5.95 9.30 7.61
CA PHE A 13 -4.77 8.64 8.18
C PHE A 13 -3.84 8.15 7.07
N LEU A 14 -4.41 7.77 5.91
CA LEU A 14 -3.60 7.29 4.79
C LEU A 14 -2.49 8.29 4.47
N ALA A 15 -2.89 9.56 4.35
CA ALA A 15 -1.96 10.64 4.05
C ALA A 15 -0.76 10.61 5.01
N PHE A 16 -1.05 10.39 6.29
CA PHE A 16 0.00 10.33 7.30
C PHE A 16 0.92 9.12 7.07
N VAL A 17 0.32 8.00 6.68
CA VAL A 17 1.09 6.77 6.41
C VAL A 17 2.10 7.02 5.30
N VAL A 18 1.66 7.64 4.21
CA VAL A 18 2.54 7.93 3.08
C VAL A 18 3.62 8.93 3.50
N PHE A 19 3.18 10.06 4.06
CA PHE A 19 4.10 11.10 4.51
C PHE A 19 5.20 10.51 5.40
N LEU A 20 4.79 9.66 6.34
CA LEU A 20 5.73 9.01 7.24
C LEU A 20 6.63 8.06 6.47
N LEU A 21 6.02 7.28 5.57
CA LEU A 21 6.74 6.32 4.73
C LEU A 21 7.98 6.97 4.12
N VAL A 22 7.79 8.15 3.53
CA VAL A 22 8.90 8.87 2.90
C VAL A 22 9.99 9.14 3.94
N THR A 23 9.57 9.59 5.12
CA THR A 23 10.51 9.87 6.21
C THR A 23 11.27 8.61 6.63
N LEU A 24 10.58 7.45 6.55
CA LEU A 24 11.18 6.18 6.92
C LEU A 24 12.30 5.80 5.95
N ALA A 25 11.97 5.76 4.64
CA ALA A 25 12.96 5.41 3.62
C ALA A 25 14.18 6.31 3.72
N ILE A 26 13.94 7.62 3.85
CA ILE A 26 15.03 8.60 3.98
C ILE A 26 15.92 8.21 5.17
N LEU A 27 15.30 7.74 6.25
CA LEU A 27 16.05 7.33 7.44
C LEU A 27 17.11 6.29 7.07
N THR A 28 16.75 5.39 6.15
CA THR A 28 17.67 4.34 5.70
C THR A 28 18.97 4.96 5.16
N ALA A 29 18.84 6.10 4.49
CA ALA A 29 20.00 6.80 3.92
C ALA A 29 21.08 7.10 4.98
N LEU A 30 20.70 6.95 6.30
CA LEU A 30 21.60 7.30 7.37
C LEU A 30 22.98 6.65 7.04
N ARG A 31 23.91 7.47 6.56
CA ARG A 31 25.24 7.01 6.21
C ARG A 31 26.28 8.10 6.47
N GLU B 1 -24.89 0.73 9.44
CA GLU B 1 -24.01 0.15 10.49
C GLU B 1 -23.13 -0.94 9.87
N THR B 2 -23.77 -1.85 9.13
CA THR B 2 -23.06 -2.95 8.48
C THR B 2 -22.09 -2.42 7.43
N GLY B 3 -22.52 -1.38 6.71
CA GLY B 3 -21.68 -0.78 5.67
C GLY B 3 -20.36 -0.29 6.25
N THR B 4 -20.43 0.37 7.40
CA THR B 4 -19.23 0.90 8.06
C THR B 4 -18.44 -0.22 8.75
N LEU B 5 -19.17 -1.21 9.27
CA LEU B 5 -18.54 -2.34 9.97
C LEU B 5 -17.60 -3.10 9.03
N ILE B 6 -18.05 -3.37 7.81
CA ILE B 6 -17.25 -4.10 6.84
C ILE B 6 -15.99 -3.32 6.47
N VAL B 7 -16.07 -1.99 6.49
CA VAL B 7 -14.92 -1.14 6.17
C VAL B 7 -13.92 -1.17 7.34
N ASN B 8 -14.44 -1.07 8.55
CA ASN B 8 -13.60 -1.10 9.75
C ASN B 8 -12.84 -2.42 9.86
N SER B 9 -13.50 -3.51 9.47
CA SER B 9 -12.87 -4.83 9.53
C SER B 9 -11.59 -4.86 8.71
N VAL B 10 -11.64 -4.24 7.52
CA VAL B 10 -10.48 -4.18 6.64
C VAL B 10 -9.38 -3.33 7.28
N LEU B 11 -9.79 -2.19 7.84
CA LEU B 11 -8.84 -1.27 8.49
C LEU B 11 -8.19 -1.92 9.70
N LEU B 12 -8.94 -2.80 10.38
CA LEU B 12 -8.44 -3.47 11.58
C LEU B 12 -7.04 -4.04 11.38
N PHE B 13 -6.89 -4.96 10.42
CA PHE B 13 -5.58 -5.57 10.15
C PHE B 13 -4.65 -4.56 9.46
N LEU B 14 -5.22 -3.69 8.62
CA LEU B 14 -4.44 -2.68 7.92
C LEU B 14 -3.54 -1.93 8.90
N ALA B 15 -4.15 -1.47 9.99
CA ALA B 15 -3.42 -0.74 11.04
C ALA B 15 -2.19 -1.53 11.48
N PHE B 16 -2.35 -2.84 11.66
CA PHE B 16 -1.24 -3.70 12.08
C PHE B 16 -0.17 -3.75 10.99
N VAL B 17 -0.61 -3.81 9.73
CA VAL B 17 0.33 -3.85 8.60
C VAL B 17 1.24 -2.62 8.61
N VAL B 18 0.63 -1.45 8.78
CA VAL B 18 1.39 -0.19 8.80
C VAL B 18 2.31 -0.15 10.01
N PHE B 19 1.74 -0.40 11.20
CA PHE B 19 2.51 -0.39 12.45
C PHE B 19 3.75 -1.28 12.32
N LEU B 20 3.53 -2.50 11.81
CA LEU B 20 4.62 -3.46 11.62
C LEU B 20 5.61 -2.91 10.58
N LEU B 21 5.08 -2.37 9.49
CA LEU B 21 5.89 -1.80 8.42
C LEU B 21 6.97 -0.89 8.98
N VAL B 22 6.56 0.02 9.87
CA VAL B 22 7.50 0.95 10.50
C VAL B 22 8.59 0.17 11.22
N THR B 23 8.18 -0.84 11.99
CA THR B 23 9.13 -1.68 12.72
C THR B 23 10.10 -2.38 11.77
N LEU B 24 9.60 -2.76 10.58
CA LEU B 24 10.42 -3.43 9.59
C LEU B 24 11.53 -2.50 9.07
N ALA B 25 11.13 -1.32 8.57
CA ALA B 25 12.10 -0.34 8.04
C ALA B 25 13.16 -0.03 9.09
N ILE B 26 12.71 0.19 10.32
CA ILE B 26 13.63 0.49 11.43
C ILE B 26 14.65 -0.65 11.56
N LEU B 27 14.18 -1.89 11.40
CA LEU B 27 15.06 -3.06 11.48
C LEU B 27 16.25 -2.89 10.53
N THR B 28 15.98 -2.34 9.35
CA THR B 28 17.03 -2.11 8.35
C THR B 28 18.15 -1.24 8.95
N ALA B 29 17.77 -0.37 9.90
CA ALA B 29 18.74 0.52 10.54
C ALA B 29 19.90 -0.28 11.13
N LEU B 30 19.60 -1.53 11.56
CA LEU B 30 20.60 -2.48 12.12
C LEU B 30 22.02 -2.16 11.70
N ARG B 31 22.64 -1.26 12.50
CA ARG B 31 24.02 -0.85 12.23
C ARG B 31 24.76 -0.57 13.53
N GLU C 1 -24.03 -11.44 0.47
CA GLU C 1 -23.02 -12.53 0.38
C GLU C 1 -22.03 -12.20 -0.74
N THR C 2 -22.56 -11.85 -1.90
CA THR C 2 -21.73 -11.52 -3.06
C THR C 2 -20.92 -10.25 -2.80
N GLY C 3 -21.54 -9.28 -2.12
CA GLY C 3 -20.88 -8.02 -1.83
C GLY C 3 -19.62 -8.24 -0.99
N THR C 4 -19.72 -9.14 -0.01
CA THR C 4 -18.58 -9.45 0.87
C THR C 4 -17.60 -10.37 0.15
N LEU C 5 -18.12 -11.26 -0.70
CA LEU C 5 -17.28 -12.21 -1.44
C LEU C 5 -16.28 -11.47 -2.33
N ILE C 6 -16.76 -10.44 -3.03
CA ILE C 6 -15.89 -9.66 -3.93
C ILE C 6 -14.80 -8.93 -3.15
N VAL C 7 -15.11 -8.54 -1.90
CA VAL C 7 -14.14 -7.84 -1.05
C VAL C 7 -13.08 -8.83 -0.59
N ASN C 8 -13.53 -10.01 -0.15
CA ASN C 8 -12.64 -11.06 0.33
C ASN C 8 -11.66 -11.50 -0.76
N SER C 9 -12.14 -11.54 -1.99
CA SER C 9 -11.32 -11.94 -3.14
C SER C 9 -10.10 -11.04 -3.26
N VAL C 10 -10.31 -9.73 -3.07
CA VAL C 10 -9.23 -8.75 -3.15
C VAL C 10 -8.26 -8.96 -1.99
N LEU C 11 -8.81 -9.18 -0.80
CA LEU C 11 -7.99 -9.40 0.40
C LEU C 11 -7.15 -10.67 0.27
N LEU C 12 -7.72 -11.68 -0.41
CA LEU C 12 -7.04 -12.97 -0.59
C LEU C 12 -5.59 -12.79 -1.00
N PHE C 13 -5.35 -12.16 -2.17
CA PHE C 13 -3.99 -11.95 -2.65
C PHE C 13 -3.27 -10.89 -1.81
N LEU C 14 -4.02 -9.88 -1.35
CA LEU C 14 -3.45 -8.81 -0.53
C LEU C 14 -2.63 -9.41 0.61
N ALA C 15 -3.24 -10.36 1.31
CA ALA C 15 -2.59 -11.04 2.44
C ALA C 15 -1.21 -11.57 2.02
N PHE C 16 -1.15 -12.17 0.82
CA PHE C 16 0.12 -12.70 0.31
C PHE C 16 1.11 -11.57 0.06
N VAL C 17 0.62 -10.45 -0.47
CA VAL C 17 1.47 -9.29 -0.76
C VAL C 17 2.17 -8.82 0.52
N VAL C 18 1.39 -8.67 1.60
CA VAL C 18 1.94 -8.22 2.89
C VAL C 18 2.93 -9.25 3.43
N PHE C 19 2.48 -10.50 3.55
CA PHE C 19 3.33 -11.59 4.06
C PHE C 19 4.68 -11.60 3.33
N LEU C 20 4.62 -11.54 2.00
CA LEU C 20 5.83 -11.54 1.19
C LEU C 20 6.64 -10.29 1.49
N LEU C 21 5.96 -9.14 1.57
CA LEU C 21 6.61 -7.86 1.86
C LEU C 21 7.56 -7.99 3.05
N VAL C 22 7.07 -8.60 4.13
CA VAL C 22 7.88 -8.79 5.34
C VAL C 22 9.13 -9.59 4.97
N THR C 23 8.94 -10.67 4.23
CA THR C 23 10.05 -11.52 3.81
C THR C 23 11.06 -10.73 2.96
N LEU C 24 10.55 -9.77 2.18
CA LEU C 24 11.41 -8.95 1.33
C LEU C 24 12.32 -8.05 2.17
N ALA C 25 11.70 -7.27 3.07
CA ALA C 25 12.46 -6.36 3.93
C ALA C 25 13.53 -7.13 4.70
N ILE C 26 13.13 -8.27 5.27
CA ILE C 26 14.06 -9.12 6.02
C ILE C 26 15.26 -9.48 5.13
N LEU C 27 14.98 -9.77 3.86
CA LEU C 27 16.04 -10.12 2.91
C LEU C 27 17.12 -9.04 2.90
N THR C 28 16.69 -7.78 2.99
CA THR C 28 17.63 -6.65 3.00
C THR C 28 18.64 -6.78 4.14
N ALA C 29 18.20 -7.41 5.25
CA ALA C 29 19.06 -7.60 6.41
C ALA C 29 20.36 -8.31 6.03
N LEU C 30 20.26 -9.20 5.00
CA LEU C 30 21.40 -10.00 4.48
C LEU C 30 22.76 -9.34 4.77
N ARG C 31 23.28 -9.62 5.98
CA ARG C 31 24.56 -9.05 6.39
C ARG C 31 25.38 -10.10 7.16
N GLU D 1 -21.84 -6.71 -13.57
CA GLU D 1 -20.66 -6.87 -14.48
C GLU D 1 -19.82 -5.60 -14.44
N THR D 2 -20.47 -4.45 -14.59
CA THR D 2 -19.78 -3.16 -14.57
C THR D 2 -19.17 -2.90 -13.18
N GLY D 3 -19.89 -3.29 -12.13
CA GLY D 3 -19.42 -3.10 -10.76
C GLY D 3 -18.09 -3.82 -10.54
N THR D 4 -17.99 -5.04 -11.08
CA THR D 4 -16.77 -5.84 -10.94
C THR D 4 -15.69 -5.34 -11.90
N LEU D 5 -16.11 -4.89 -13.08
CA LEU D 5 -15.18 -4.39 -14.09
C LEU D 5 -14.37 -3.21 -13.57
N ILE D 6 -15.05 -2.28 -12.89
CA ILE D 6 -14.38 -1.10 -12.36
C ILE D 6 -13.37 -1.48 -11.27
N VAL D 7 -13.66 -2.57 -10.53
CA VAL D 7 -12.75 -3.03 -9.48
C VAL D 7 -11.52 -3.68 -10.12
N ASN D 8 -11.75 -4.50 -11.14
CA ASN D 8 -10.68 -5.18 -11.85
C ASN D 8 -9.72 -4.17 -12.48
N SER D 9 -10.27 -3.07 -12.99
CA SER D 9 -9.47 -2.03 -13.63
C SER D 9 -8.41 -1.49 -12.66
N VAL D 10 -8.83 -1.29 -11.41
CA VAL D 10 -7.91 -0.78 -10.38
C VAL D 10 -6.85 -1.84 -10.07
N LEU D 11 -7.28 -3.09 -9.95
CA LEU D 11 -6.37 -4.20 -9.66
C LEU D 11 -5.35 -4.38 -10.79
N LEU D 12 -5.79 -4.12 -12.03
CA LEU D 12 -4.93 -4.27 -13.21
C LEU D 12 -3.55 -3.65 -12.99
N PHE D 13 -3.51 -2.34 -12.76
CA PHE D 13 -2.22 -1.65 -12.55
C PHE D 13 -1.62 -2.03 -11.19
N LEU D 14 -2.49 -2.25 -10.19
CA LEU D 14 -2.03 -2.63 -8.85
C LEU D 14 -1.05 -3.79 -8.94
N ALA D 15 -1.46 -4.83 -9.67
CA ALA D 15 -0.64 -6.02 -9.87
C ALA D 15 0.77 -5.65 -10.32
N PHE D 16 0.86 -4.69 -11.24
CA PHE D 16 2.15 -4.23 -11.75
C PHE D 16 2.95 -3.52 -10.65
N VAL D 17 2.24 -2.74 -9.82
CA VAL D 17 2.88 -2.01 -8.73
C VAL D 17 3.57 -2.99 -7.78
N VAL D 18 2.86 -4.05 -7.40
CA VAL D 18 3.41 -5.05 -6.48
C VAL D 18 4.59 -5.78 -7.15
N PHE D 19 4.35 -6.35 -8.34
CA PHE D 19 5.38 -7.08 -9.08
C PHE D 19 6.66 -6.24 -9.16
N LEU D 20 6.50 -4.97 -9.51
CA LEU D 20 7.64 -4.05 -9.62
C LEU D 20 8.27 -3.86 -8.25
N LEU D 21 7.41 -3.66 -7.23
CA LEU D 21 7.88 -3.45 -5.86
C LEU D 21 8.92 -4.50 -5.46
N VAL D 22 8.60 -5.77 -5.73
CA VAL D 22 9.51 -6.87 -5.42
C VAL D 22 10.85 -6.65 -6.13
N THR D 23 10.77 -6.30 -7.42
CA THR D 23 11.97 -6.04 -8.22
C THR D 23 12.79 -4.89 -7.62
N LEU D 24 12.09 -3.92 -7.03
CA LEU D 24 12.74 -2.75 -6.43
C LEU D 24 13.55 -3.16 -5.19
N ALA D 25 12.87 -3.83 -4.25
CA ALA D 25 13.54 -4.28 -3.01
C ALA D 25 14.76 -5.11 -3.35
N ILE D 26 14.59 -6.07 -4.27
CA ILE D 26 15.69 -6.94 -4.69
C ILE D 26 16.87 -6.09 -5.17
N LEU D 27 16.56 -5.01 -5.90
CA LEU D 27 17.59 -4.10 -6.41
C LEU D 27 18.49 -3.62 -5.26
N THR D 28 17.88 -3.37 -4.10
CA THR D 28 18.62 -2.91 -2.92
C THR D 28 19.72 -3.91 -2.54
N ALA D 29 19.45 -5.20 -2.77
CA ALA D 29 20.41 -6.26 -2.43
C ALA D 29 21.76 -6.00 -3.10
N LEU D 30 21.72 -5.41 -4.30
CA LEU D 30 22.92 -5.06 -5.13
C LEU D 30 24.18 -4.86 -4.27
N ARG D 31 24.84 -5.99 -3.94
CA ARG D 31 26.07 -5.95 -3.13
C ARG D 31 27.13 -6.85 -3.74
N GLU E 1 -21.32 8.41 -13.39
CA GLU E 1 -20.19 9.35 -13.67
C GLU E 1 -19.55 9.77 -12.36
N THR E 2 -20.39 10.19 -11.41
CA THR E 2 -19.90 10.64 -10.11
C THR E 2 -19.24 9.48 -9.35
N GLY E 3 -19.85 8.28 -9.46
CA GLY E 3 -19.33 7.09 -8.79
C GLY E 3 -17.90 6.81 -9.23
N THR E 4 -17.65 6.95 -10.53
CA THR E 4 -16.31 6.70 -11.08
C THR E 4 -15.37 7.87 -10.80
N LEU E 5 -15.93 9.09 -10.81
CA LEU E 5 -15.14 10.30 -10.56
C LEU E 5 -14.50 10.26 -9.18
N ILE E 6 -15.27 9.84 -8.17
CA ILE E 6 -14.77 9.78 -6.80
C ILE E 6 -13.64 8.73 -6.68
N VAL E 7 -13.72 7.67 -7.50
CA VAL E 7 -12.70 6.63 -7.48
C VAL E 7 -11.41 7.16 -8.14
N ASN E 8 -11.58 7.86 -9.27
CA ASN E 8 -10.45 8.43 -9.99
C ASN E 8 -9.70 9.45 -9.14
N SER E 9 -10.45 10.20 -8.33
CA SER E 9 -9.85 11.22 -7.45
C SER E 9 -8.85 10.58 -6.50
N VAL E 10 -9.21 9.41 -5.98
CA VAL E 10 -8.33 8.68 -5.04
C VAL E 10 -7.10 8.18 -5.79
N LEU E 11 -7.32 7.63 -6.99
CA LEU E 11 -6.23 7.12 -7.81
C LEU E 11 -5.27 8.24 -8.22
N LEU E 12 -5.82 9.44 -8.42
CA LEU E 12 -5.03 10.60 -8.83
C LEU E 12 -3.76 10.74 -7.97
N PHE E 13 -3.94 10.92 -6.66
CA PHE E 13 -2.80 11.08 -5.75
C PHE E 13 -2.03 9.75 -5.61
N LEU E 14 -2.76 8.63 -5.66
CA LEU E 14 -2.15 7.30 -5.54
C LEU E 14 -1.01 7.16 -6.54
N ALA E 15 -1.30 7.47 -7.80
CA ALA E 15 -0.30 7.38 -8.88
C ALA E 15 0.99 8.07 -8.48
N PHE E 16 0.86 9.25 -7.86
CA PHE E 16 2.04 10.01 -7.43
C PHE E 16 2.79 9.27 -6.33
N VAL E 17 2.04 8.66 -5.41
CA VAL E 17 2.64 7.92 -4.30
C VAL E 17 3.52 6.79 -4.83
N VAL E 18 3.00 6.02 -5.79
CA VAL E 18 3.76 4.91 -6.38
C VAL E 18 4.99 5.45 -7.12
N PHE E 19 4.75 6.38 -8.05
CA PHE E 19 5.83 6.98 -8.84
C PHE E 19 6.96 7.45 -7.93
N LEU E 20 6.58 8.14 -6.85
CA LEU E 20 7.55 8.66 -5.89
C LEU E 20 8.24 7.49 -5.17
N LEU E 21 7.43 6.50 -4.78
CA LEU E 21 7.94 5.31 -4.08
C LEU E 21 9.15 4.74 -4.81
N VAL E 22 9.02 4.59 -6.12
CA VAL E 22 10.11 4.05 -6.93
C VAL E 22 11.34 4.94 -6.79
N THR E 23 11.13 6.25 -6.88
CA THR E 23 12.21 7.22 -6.73
C THR E 23 12.88 7.10 -5.36
N LEU E 24 12.09 6.76 -4.35
CA LEU E 24 12.59 6.62 -2.98
C LEU E 24 13.52 5.41 -2.88
N ALA E 25 13.03 4.23 -3.27
CA ALA E 25 13.82 3.00 -3.21
C ALA E 25 15.15 3.20 -3.94
N ILE E 26 15.06 3.74 -5.16
CA ILE E 26 16.25 4.00 -5.98
C ILE E 26 17.26 4.85 -5.18
N LEU E 27 16.74 5.84 -4.43
CA LEU E 27 17.58 6.71 -3.62
C LEU E 27 18.47 5.88 -2.69
N THR E 28 17.90 4.80 -2.15
CA THR E 28 18.62 3.91 -1.25
C THR E 28 19.89 3.37 -1.92
N ALA E 29 19.81 3.14 -3.23
CA ALA E 29 20.94 2.61 -4.00
C ALA E 29 22.19 3.48 -3.83
N LEU E 30 21.97 4.79 -3.60
CA LEU E 30 23.06 5.78 -3.42
C LEU E 30 24.30 5.15 -2.75
N ARG E 31 25.20 4.60 -3.58
CA ARG E 31 26.43 3.97 -3.09
C ARG E 31 27.62 4.40 -3.95
N GLU A 1 -23.74 1.39 10.03
CA GLU A 1 -24.30 0.71 8.83
C GLU A 1 -23.51 -0.56 8.55
N THR A 2 -24.14 -1.50 7.83
CA THR A 2 -23.49 -2.77 7.49
C THR A 2 -22.27 -2.52 6.61
N GLY A 3 -22.42 -1.62 5.64
CA GLY A 3 -21.33 -1.29 4.73
C GLY A 3 -20.15 -0.67 5.48
N THR A 4 -20.46 0.23 6.41
CA THR A 4 -19.43 0.90 7.20
C THR A 4 -18.63 -0.12 8.01
N LEU A 5 -19.33 -1.12 8.56
CA LEU A 5 -18.69 -2.15 9.36
C LEU A 5 -17.66 -2.92 8.52
N ILE A 6 -18.03 -3.23 7.28
CA ILE A 6 -17.14 -3.96 6.37
C ILE A 6 -15.88 -3.14 6.10
N VAL A 7 -16.07 -1.84 5.85
CA VAL A 7 -14.95 -0.94 5.58
C VAL A 7 -14.01 -0.88 6.79
N ASN A 8 -14.60 -0.74 7.98
CA ASN A 8 -13.81 -0.67 9.21
C ASN A 8 -13.01 -1.96 9.42
N SER A 9 -13.61 -3.09 9.08
CA SER A 9 -12.95 -4.40 9.24
C SER A 9 -11.62 -4.40 8.49
N VAL A 10 -11.61 -3.83 7.29
CA VAL A 10 -10.40 -3.77 6.47
C VAL A 10 -9.35 -2.90 7.17
N LEU A 11 -9.79 -1.75 7.68
CA LEU A 11 -8.89 -0.82 8.38
C LEU A 11 -8.30 -1.47 9.62
N LEU A 12 -9.12 -2.28 10.32
CA LEU A 12 -8.67 -2.95 11.53
C LEU A 12 -7.33 -3.65 11.33
N PHE A 13 -7.27 -4.53 10.32
CA PHE A 13 -6.03 -5.24 10.03
C PHE A 13 -5.00 -4.31 9.40
N LEU A 14 -5.47 -3.33 8.61
CA LEU A 14 -4.58 -2.37 7.96
C LEU A 14 -3.66 -1.73 9.00
N ALA A 15 -4.25 -1.35 10.13
CA ALA A 15 -3.50 -0.73 11.23
C ALA A 15 -2.25 -1.53 11.56
N PHE A 16 -2.40 -2.86 11.60
CA PHE A 16 -1.29 -3.75 11.89
C PHE A 16 -0.28 -3.74 10.75
N VAL A 17 -0.79 -3.70 9.51
CA VAL A 17 0.07 -3.69 8.32
C VAL A 17 0.98 -2.45 8.34
N VAL A 18 0.38 -1.29 8.56
CA VAL A 18 1.15 -0.03 8.59
C VAL A 18 2.14 -0.06 9.75
N PHE A 19 1.62 -0.29 10.96
CA PHE A 19 2.46 -0.36 12.17
C PHE A 19 3.68 -1.23 11.92
N LEU A 20 3.46 -2.38 11.29
CA LEU A 20 4.54 -3.31 10.97
C LEU A 20 5.49 -2.70 9.94
N LEU A 21 4.92 -1.95 8.98
CA LEU A 21 5.69 -1.31 7.92
C LEU A 21 6.87 -0.54 8.51
N VAL A 22 6.62 0.15 9.63
CA VAL A 22 7.66 0.92 10.31
C VAL A 22 8.74 -0.03 10.83
N THR A 23 8.31 -1.18 11.35
CA THR A 23 9.24 -2.16 11.91
C THR A 23 10.32 -2.55 10.90
N LEU A 24 9.94 -2.61 9.62
CA LEU A 24 10.88 -2.97 8.56
C LEU A 24 12.08 -2.02 8.57
N ALA A 25 11.78 -0.73 8.58
CA ALA A 25 12.81 0.31 8.59
C ALA A 25 13.82 0.08 9.71
N ILE A 26 13.31 -0.33 10.87
CA ILE A 26 14.16 -0.59 12.03
C ILE A 26 15.03 -1.82 11.77
N LEU A 27 14.42 -2.86 11.20
CA LEU A 27 15.15 -4.09 10.89
C LEU A 27 16.30 -3.77 9.96
N THR A 28 16.01 -3.03 8.89
CA THR A 28 17.02 -2.64 7.93
C THR A 28 18.09 -1.79 8.61
N ALA A 29 17.69 -1.03 9.63
CA ALA A 29 18.61 -0.17 10.38
C ALA A 29 19.77 -1.00 10.93
N LEU A 30 19.45 -2.23 11.38
CA LEU A 30 20.42 -3.22 11.92
C LEU A 30 21.86 -2.90 11.50
N ARG A 31 22.48 -2.03 12.33
CA ARG A 31 23.86 -1.62 12.08
C ARG A 31 24.55 -1.23 13.38
N GLU B 1 -22.96 -11.65 1.20
CA GLU B 1 -23.49 -10.83 0.08
C GLU B 1 -22.52 -10.88 -1.10
N THR B 2 -23.03 -10.57 -2.29
CA THR B 2 -22.21 -10.58 -3.50
C THR B 2 -21.10 -9.54 -3.41
N GLY B 3 -21.44 -8.35 -2.91
CA GLY B 3 -20.47 -7.27 -2.76
C GLY B 3 -19.38 -7.65 -1.77
N THR B 4 -19.78 -8.25 -0.65
CA THR B 4 -18.84 -8.67 0.38
C THR B 4 -17.84 -9.67 -0.19
N LEU B 5 -18.33 -10.58 -1.02
CA LEU B 5 -17.47 -11.59 -1.65
C LEU B 5 -16.38 -10.94 -2.49
N ILE B 6 -16.76 -9.90 -3.23
CA ILE B 6 -15.82 -9.18 -4.10
C ILE B 6 -14.73 -8.51 -3.23
N VAL B 7 -15.15 -7.89 -2.13
CA VAL B 7 -14.22 -7.22 -1.22
C VAL B 7 -13.24 -8.23 -0.62
N ASN B 8 -13.76 -9.38 -0.22
CA ASN B 8 -12.94 -10.44 0.37
C ASN B 8 -11.91 -10.95 -0.64
N SER B 9 -12.34 -11.07 -1.90
CA SER B 9 -11.45 -11.55 -2.97
C SER B 9 -10.18 -10.70 -3.04
N VAL B 10 -10.34 -9.38 -2.88
CA VAL B 10 -9.21 -8.46 -2.92
C VAL B 10 -8.28 -8.72 -1.73
N LEU B 11 -8.88 -8.90 -0.55
CA LEU B 11 -8.11 -9.16 0.67
C LEU B 11 -7.35 -10.48 0.55
N LEU B 12 -7.97 -11.48 -0.08
CA LEU B 12 -7.35 -12.79 -0.27
C LEU B 12 -5.93 -12.67 -0.79
N PHE B 13 -5.78 -11.96 -1.93
CA PHE B 13 -4.45 -11.77 -2.52
C PHE B 13 -3.63 -10.77 -1.71
N LEU B 14 -4.31 -9.78 -1.10
CA LEU B 14 -3.63 -8.77 -0.29
C LEU B 14 -2.77 -9.45 0.77
N ALA B 15 -3.35 -10.46 1.42
CA ALA B 15 -2.65 -11.23 2.45
C ALA B 15 -1.26 -11.64 1.98
N PHE B 16 -1.18 -12.12 0.74
CA PHE B 16 0.09 -12.54 0.16
C PHE B 16 1.01 -11.34 -0.06
N VAL B 17 0.42 -10.22 -0.50
CA VAL B 17 1.19 -9.00 -0.75
C VAL B 17 1.88 -8.53 0.54
N VAL B 18 1.10 -8.44 1.63
CA VAL B 18 1.63 -8.00 2.92
C VAL B 18 2.70 -8.98 3.40
N PHE B 19 2.31 -10.25 3.55
CA PHE B 19 3.24 -11.30 4.01
C PHE B 19 4.56 -11.22 3.25
N LEU B 20 4.48 -11.01 1.94
CA LEU B 20 5.68 -10.88 1.10
C LEU B 20 6.44 -9.61 1.46
N LEU B 21 5.71 -8.54 1.76
CA LEU B 21 6.30 -7.25 2.12
C LEU B 21 7.38 -7.45 3.20
N VAL B 22 7.08 -8.30 4.18
CA VAL B 22 8.01 -8.57 5.28
C VAL B 22 9.27 -9.25 4.73
N THR B 23 9.07 -10.15 3.74
CA THR B 23 10.17 -10.88 3.13
C THR B 23 11.24 -9.93 2.57
N LEU B 24 10.80 -8.78 2.06
CA LEU B 24 11.73 -7.80 1.50
C LEU B 24 12.74 -7.36 2.55
N ALA B 25 12.24 -7.01 3.73
CA ALA B 25 13.09 -6.56 4.84
C ALA B 25 14.19 -7.58 5.13
N ILE B 26 13.81 -8.87 5.10
CA ILE B 26 14.76 -9.95 5.35
C ILE B 26 15.80 -10.00 4.24
N LEU B 27 15.34 -9.85 3.00
CA LEU B 27 16.24 -9.87 1.84
C LEU B 27 17.27 -8.76 1.97
N THR B 28 16.80 -7.55 2.26
CA THR B 28 17.68 -6.40 2.42
C THR B 28 18.65 -6.62 3.58
N ALA B 29 18.19 -7.32 4.61
CA ALA B 29 19.02 -7.62 5.78
C ALA B 29 20.30 -8.32 5.37
N LEU B 30 20.20 -9.19 4.34
CA LEU B 30 21.34 -9.98 3.80
C LEU B 30 22.69 -9.34 4.09
N ARG B 31 23.22 -9.64 5.29
CA ARG B 31 24.51 -9.09 5.71
C ARG B 31 25.25 -10.09 6.60
N GLU C 1 -20.59 -7.38 -13.58
CA GLU C 1 -21.32 -6.12 -13.26
C GLU C 1 -20.44 -4.92 -13.57
N THR C 2 -21.07 -3.76 -13.74
CA THR C 2 -20.33 -2.54 -14.05
C THR C 2 -19.40 -2.17 -12.91
N GLY C 3 -19.91 -2.29 -11.67
CA GLY C 3 -19.13 -1.97 -10.49
C GLY C 3 -17.92 -2.90 -10.37
N THR C 4 -18.15 -4.18 -10.64
CA THR C 4 -17.09 -5.18 -10.57
C THR C 4 -15.97 -4.84 -11.55
N LEU C 5 -16.35 -4.39 -12.75
CA LEU C 5 -15.38 -4.04 -13.78
C LEU C 5 -14.47 -2.91 -13.29
N ILE C 6 -15.06 -1.94 -12.60
CA ILE C 6 -14.31 -0.80 -12.08
C ILE C 6 -13.30 -1.27 -11.03
N VAL C 7 -13.74 -2.17 -10.16
CA VAL C 7 -12.88 -2.71 -9.10
C VAL C 7 -11.72 -3.47 -9.72
N ASN C 8 -12.02 -4.28 -10.74
CA ASN C 8 -10.99 -5.07 -11.42
C ASN C 8 -9.96 -4.16 -12.10
N SER C 9 -10.43 -3.04 -12.65
CA SER C 9 -9.56 -2.09 -13.33
C SER C 9 -8.45 -1.61 -12.39
N VAL C 10 -8.81 -1.38 -11.13
CA VAL C 10 -7.85 -0.92 -10.12
C VAL C 10 -6.82 -2.01 -9.86
N LEU C 11 -7.31 -3.25 -9.73
CA LEU C 11 -6.44 -4.40 -9.47
C LEU C 11 -5.47 -4.62 -10.63
N LEU C 12 -5.96 -4.40 -11.86
CA LEU C 12 -5.14 -4.57 -13.06
C LEU C 12 -3.80 -3.86 -12.92
N PHE C 13 -3.84 -2.56 -12.60
CA PHE C 13 -2.60 -1.79 -12.44
C PHE C 13 -1.91 -2.15 -11.14
N LEU C 14 -2.70 -2.48 -10.10
CA LEU C 14 -2.14 -2.86 -8.80
C LEU C 14 -1.12 -3.98 -8.98
N ALA C 15 -1.48 -4.97 -9.79
CA ALA C 15 -0.61 -6.11 -10.08
C ALA C 15 0.81 -5.63 -10.42
N PHE C 16 0.88 -4.61 -11.27
CA PHE C 16 2.16 -4.04 -11.69
C PHE C 16 2.85 -3.36 -10.51
N VAL C 17 2.07 -2.66 -9.68
CA VAL C 17 2.61 -1.96 -8.51
C VAL C 17 3.29 -2.95 -7.57
N VAL C 18 2.57 -4.04 -7.23
CA VAL C 18 3.12 -5.06 -6.33
C VAL C 18 4.35 -5.70 -6.95
N PHE C 19 4.18 -6.27 -8.15
CA PHE C 19 5.27 -6.94 -8.87
C PHE C 19 6.52 -6.05 -8.86
N LEU C 20 6.33 -4.75 -9.08
CA LEU C 20 7.44 -3.80 -9.07
C LEU C 20 8.01 -3.65 -7.67
N LEU C 21 7.13 -3.68 -6.66
CA LEU C 21 7.53 -3.55 -5.25
C LEU C 21 8.68 -4.51 -4.94
N VAL C 22 8.59 -5.73 -5.46
CA VAL C 22 9.64 -6.74 -5.24
C VAL C 22 10.95 -6.28 -5.89
N THR C 23 10.84 -5.68 -7.08
CA THR C 23 12.00 -5.19 -7.82
C THR C 23 12.86 -4.26 -6.97
N LEU C 24 12.21 -3.47 -6.12
CA LEU C 24 12.93 -2.53 -5.25
C LEU C 24 13.92 -3.28 -4.36
N ALA C 25 13.43 -4.32 -3.70
CA ALA C 25 14.27 -5.13 -2.81
C ALA C 25 15.53 -5.60 -3.52
N ILE C 26 15.36 -6.03 -4.77
CA ILE C 26 16.49 -6.51 -5.58
C ILE C 26 17.47 -5.36 -5.86
N LEU C 27 16.91 -4.19 -6.19
CA LEU C 27 17.73 -3.01 -6.46
C LEU C 27 18.57 -2.66 -5.25
N THR C 28 17.92 -2.60 -4.09
CA THR C 28 18.61 -2.28 -2.83
C THR C 28 19.68 -3.32 -2.53
N ALA C 29 19.41 -4.58 -2.87
CA ALA C 29 20.35 -5.67 -2.63
C ALA C 29 21.70 -5.38 -3.27
N LEU C 30 21.66 -4.74 -4.45
CA LEU C 30 22.86 -4.35 -5.26
C LEU C 30 24.11 -4.16 -4.39
N ARG C 31 24.80 -5.28 -4.11
CA ARG C 31 26.01 -5.26 -3.28
C ARG C 31 27.04 -6.24 -3.83
N GLU D 1 -19.92 8.36 -14.01
CA GLU D 1 -20.81 8.34 -12.81
C GLU D 1 -20.14 9.09 -11.67
N THR D 2 -20.97 9.57 -10.73
CA THR D 2 -20.45 10.31 -9.58
C THR D 2 -19.53 9.43 -8.75
N GLY D 3 -19.94 8.17 -8.54
CA GLY D 3 -19.15 7.23 -7.77
C GLY D 3 -17.81 6.96 -8.44
N THR D 4 -17.84 6.79 -9.76
CA THR D 4 -16.64 6.52 -10.54
C THR D 4 -15.64 7.67 -10.39
N LEU D 5 -16.15 8.90 -10.40
CA LEU D 5 -15.32 10.09 -10.27
C LEU D 5 -14.57 10.09 -8.94
N ILE D 6 -15.28 9.68 -7.88
CA ILE D 6 -14.67 9.63 -6.54
C ILE D 6 -13.54 8.60 -6.52
N VAL D 7 -13.79 7.44 -7.14
CA VAL D 7 -12.80 6.36 -7.18
C VAL D 7 -11.55 6.84 -7.95
N ASN D 8 -11.78 7.52 -9.08
CA ASN D 8 -10.68 8.03 -9.90
C ASN D 8 -9.86 9.06 -9.13
N SER D 9 -10.54 9.88 -8.33
CA SER D 9 -9.87 10.91 -7.53
C SER D 9 -8.80 10.30 -6.63
N VAL D 10 -9.11 9.14 -6.06
CA VAL D 10 -8.18 8.43 -5.17
C VAL D 10 -6.97 7.94 -5.99
N LEU D 11 -7.26 7.38 -7.16
CA LEU D 11 -6.20 6.87 -8.03
C LEU D 11 -5.28 8.01 -8.49
N LEU D 12 -5.87 9.19 -8.73
CA LEU D 12 -5.11 10.35 -9.17
C LEU D 12 -3.88 10.57 -8.29
N PHE D 13 -4.10 10.70 -6.98
CA PHE D 13 -3.00 10.92 -6.04
C PHE D 13 -2.18 9.64 -5.87
N LEU D 14 -2.84 8.47 -5.95
CA LEU D 14 -2.16 7.19 -5.82
C LEU D 14 -0.98 7.12 -6.78
N ALA D 15 -1.24 7.54 -8.02
CA ALA D 15 -0.21 7.55 -9.06
C ALA D 15 1.08 8.19 -8.56
N PHE D 16 0.93 9.30 -7.84
CA PHE D 16 2.08 10.01 -7.28
C PHE D 16 2.73 9.18 -6.16
N VAL D 17 1.89 8.53 -5.35
CA VAL D 17 2.38 7.71 -4.24
C VAL D 17 3.27 6.58 -4.77
N VAL D 18 2.77 5.85 -5.77
CA VAL D 18 3.52 4.74 -6.36
C VAL D 18 4.80 5.27 -7.01
N PHE D 19 4.62 6.22 -7.93
CA PHE D 19 5.76 6.83 -8.65
C PHE D 19 6.86 7.21 -7.67
N LEU D 20 6.46 7.78 -6.53
CA LEU D 20 7.41 8.19 -5.49
C LEU D 20 8.04 6.96 -4.83
N LEU D 21 7.23 5.91 -4.65
CA LEU D 21 7.70 4.66 -4.04
C LEU D 21 9.01 4.19 -4.67
N VAL D 22 9.08 4.30 -6.00
CA VAL D 22 10.28 3.89 -6.74
C VAL D 22 11.46 4.79 -6.34
N THR D 23 11.18 6.09 -6.18
CA THR D 23 12.20 7.06 -5.81
C THR D 23 12.94 6.65 -4.54
N LEU D 24 12.23 6.01 -3.61
CA LEU D 24 12.83 5.57 -2.35
C LEU D 24 14.00 4.61 -2.64
N ALA D 25 13.72 3.60 -3.47
CA ALA D 25 14.73 2.59 -3.83
C ALA D 25 16.00 3.27 -4.33
N ILE D 26 15.84 4.30 -5.15
CA ILE D 26 16.98 5.04 -5.71
C ILE D 26 17.73 5.76 -4.59
N LEU D 27 16.97 6.37 -3.67
CA LEU D 27 17.57 7.10 -2.55
C LEU D 27 18.42 6.14 -1.71
N THR D 28 17.84 5.00 -1.35
CA THR D 28 18.54 4.00 -0.56
C THR D 28 19.79 3.51 -1.30
N ALA D 29 19.69 3.42 -2.62
CA ALA D 29 20.81 2.97 -3.46
C ALA D 29 22.05 3.83 -3.24
N LEU D 30 21.83 5.13 -2.96
CA LEU D 30 22.92 6.11 -2.73
C LEU D 30 24.15 5.46 -2.08
N ARG D 31 25.07 4.96 -2.91
CA ARG D 31 26.29 4.31 -2.43
C ARG D 31 27.47 4.65 -3.33
N GLU E 1 -21.84 13.83 0.61
CA GLU E 1 -22.62 12.58 0.83
C GLU E 1 -22.00 11.79 1.99
N THR E 2 -22.82 10.94 2.61
CA THR E 2 -22.36 10.12 3.73
C THR E 2 -21.26 9.17 3.27
N GLY E 3 -21.47 8.55 2.11
CA GLY E 3 -20.50 7.62 1.55
C GLY E 3 -19.16 8.31 1.27
N THR E 4 -19.24 9.52 0.72
CA THR E 4 -18.05 10.29 0.40
C THR E 4 -17.25 10.60 1.67
N LEU E 5 -17.96 10.93 2.74
CA LEU E 5 -17.32 11.25 4.02
C LEU E 5 -16.51 10.06 4.53
N ILE E 6 -17.08 8.86 4.39
CA ILE E 6 -16.40 7.63 4.85
C ILE E 6 -15.12 7.43 4.04
N VAL E 7 -15.21 7.62 2.73
CA VAL E 7 -14.05 7.45 1.85
C VAL E 7 -12.94 8.44 2.24
N ASN E 8 -13.34 9.70 2.46
CA ASN E 8 -12.39 10.75 2.84
C ASN E 8 -11.70 10.42 4.16
N SER E 9 -12.46 9.84 5.09
CA SER E 9 -11.93 9.48 6.41
C SER E 9 -10.73 8.55 6.25
N VAL E 10 -10.83 7.60 5.32
CA VAL E 10 -9.74 6.66 5.07
C VAL E 10 -8.52 7.39 4.53
N LEU E 11 -8.75 8.31 3.58
CA LEU E 11 -7.67 9.08 2.99
C LEU E 11 -6.99 9.95 4.03
N LEU E 12 -7.77 10.48 4.98
CA LEU E 12 -7.24 11.34 6.04
C LEU E 12 -6.02 10.71 6.70
N PHE E 13 -6.19 9.48 7.20
CA PHE E 13 -5.09 8.77 7.85
C PHE E 13 -4.06 8.30 6.83
N LEU E 14 -4.53 7.95 5.62
CA LEU E 14 -3.64 7.48 4.55
C LEU E 14 -2.52 8.50 4.34
N ALA E 15 -2.91 9.78 4.30
CA ALA E 15 -1.96 10.88 4.11
C ALA E 15 -0.77 10.73 5.04
N PHE E 16 -1.05 10.38 6.31
CA PHE E 16 0.00 10.18 7.31
C PHE E 16 0.83 8.94 6.98
N VAL E 17 0.16 7.89 6.52
CA VAL E 17 0.84 6.64 6.17
C VAL E 17 1.87 6.88 5.06
N VAL E 18 1.43 7.55 3.98
CA VAL E 18 2.33 7.84 2.86
C VAL E 18 3.47 8.75 3.32
N PHE E 19 3.09 9.89 3.91
CA PHE E 19 4.07 10.87 4.40
C PHE E 19 5.16 10.17 5.23
N LEU E 20 4.73 9.23 6.07
CA LEU E 20 5.65 8.47 6.91
C LEU E 20 6.51 7.54 6.05
N LEU E 21 5.89 6.97 5.00
CA LEU E 21 6.59 6.06 4.09
C LEU E 21 7.92 6.65 3.63
N VAL E 22 7.89 7.94 3.31
CA VAL E 22 9.11 8.64 2.86
C VAL E 22 10.14 8.66 3.99
N THR E 23 9.66 8.88 5.22
CA THR E 23 10.54 8.93 6.38
C THR E 23 11.42 7.69 6.49
N LEU E 24 10.87 6.53 6.11
CA LEU E 24 11.61 5.27 6.18
C LEU E 24 12.88 5.37 5.34
N ALA E 25 12.73 5.80 4.10
CA ALA E 25 13.86 5.95 3.18
C ALA E 25 14.99 6.76 3.82
N ILE E 26 14.61 7.83 4.52
CA ILE E 26 15.58 8.70 5.18
C ILE E 26 16.26 7.93 6.31
N LEU E 27 15.47 7.19 7.09
CA LEU E 27 16.00 6.41 8.21
C LEU E 27 17.05 5.42 7.70
N THR E 28 16.68 4.68 6.66
CA THR E 28 17.59 3.70 6.06
C THR E 28 18.85 4.38 5.54
N ALA E 29 18.69 5.59 5.00
CA ALA E 29 19.82 6.37 4.47
C ALA E 29 20.91 6.62 5.54
N LEU E 30 20.51 6.40 6.85
CA LEU E 30 21.42 6.70 7.93
C LEU E 30 22.80 6.06 7.58
N ARG E 31 23.74 6.91 7.16
CA ARG E 31 25.07 6.44 6.79
C ARG E 31 26.10 7.56 6.99
N GLU A 1 -24.81 -0.01 8.79
CA GLU A 1 -24.48 -0.22 7.36
C GLU A 1 -23.50 -1.38 7.23
N THR A 2 -23.92 -2.43 6.50
CA THR A 2 -23.07 -3.60 6.29
C THR A 2 -21.81 -3.23 5.53
N GLY A 3 -21.95 -2.33 4.56
CA GLY A 3 -20.81 -1.89 3.75
C GLY A 3 -19.75 -1.23 4.62
N THR A 4 -20.20 -0.38 5.54
CA THR A 4 -19.28 0.32 6.45
C THR A 4 -18.48 -0.68 7.28
N LEU A 5 -19.15 -1.74 7.74
CA LEU A 5 -18.51 -2.78 8.54
C LEU A 5 -17.37 -3.43 7.76
N ILE A 6 -17.63 -3.74 6.48
CA ILE A 6 -16.63 -4.38 5.63
C ILE A 6 -15.43 -3.44 5.44
N VAL A 7 -15.71 -2.16 5.18
CA VAL A 7 -14.66 -1.17 4.96
C VAL A 7 -13.82 -1.01 6.24
N ASN A 8 -14.48 -1.06 7.39
CA ASN A 8 -13.77 -0.93 8.68
C ASN A 8 -12.89 -2.14 8.93
N SER A 9 -13.44 -3.34 8.65
CA SER A 9 -12.71 -4.58 8.85
C SER A 9 -11.33 -4.53 8.20
N VAL A 10 -11.27 -3.92 7.01
CA VAL A 10 -10.00 -3.80 6.29
C VAL A 10 -9.05 -2.88 7.07
N LEU A 11 -9.59 -1.79 7.60
CA LEU A 11 -8.80 -0.83 8.37
C LEU A 11 -8.17 -1.51 9.59
N LEU A 12 -8.97 -2.36 10.27
CA LEU A 12 -8.50 -3.07 11.45
C LEU A 12 -7.15 -3.74 11.19
N PHE A 13 -7.10 -4.61 10.17
CA PHE A 13 -5.87 -5.32 9.83
C PHE A 13 -4.82 -4.35 9.29
N LEU A 14 -5.28 -3.35 8.53
CA LEU A 14 -4.38 -2.34 7.95
C LEU A 14 -3.49 -1.76 9.05
N ALA A 15 -4.09 -1.48 10.20
CA ALA A 15 -3.37 -0.91 11.34
C ALA A 15 -2.13 -1.76 11.65
N PHE A 16 -2.30 -3.07 11.63
CA PHE A 16 -1.19 -4.00 11.91
C PHE A 16 -0.19 -4.00 10.75
N VAL A 17 -0.71 -3.97 9.52
CA VAL A 17 0.14 -3.99 8.33
C VAL A 17 1.09 -2.79 8.34
N VAL A 18 0.53 -1.59 8.45
CA VAL A 18 1.32 -0.36 8.47
C VAL A 18 2.28 -0.37 9.66
N PHE A 19 1.72 -0.62 10.85
CA PHE A 19 2.53 -0.67 12.08
C PHE A 19 3.75 -1.57 11.89
N LEU A 20 3.53 -2.73 11.30
CA LEU A 20 4.61 -3.68 11.03
C LEU A 20 5.59 -3.10 10.02
N LEU A 21 5.04 -2.45 8.98
CA LEU A 21 5.87 -1.84 7.94
C LEU A 21 6.87 -0.87 8.54
N VAL A 22 6.36 0.06 9.36
CA VAL A 22 7.21 1.07 9.99
C VAL A 22 8.28 0.37 10.83
N THR A 23 7.85 -0.60 11.63
CA THR A 23 8.77 -1.36 12.48
C THR A 23 9.85 -2.05 11.65
N LEU A 24 9.49 -2.51 10.46
CA LEU A 24 10.42 -3.20 9.58
C LEU A 24 11.44 -2.22 8.99
N ALA A 25 10.95 -1.09 8.48
CA ALA A 25 11.83 -0.07 7.89
C ALA A 25 12.87 0.37 8.92
N ILE A 26 12.37 0.68 10.13
CA ILE A 26 13.26 1.11 11.22
C ILE A 26 14.34 0.05 11.46
N LEU A 27 13.95 -1.23 11.32
CA LEU A 27 14.89 -2.34 11.51
C LEU A 27 16.13 -2.12 10.63
N THR A 28 15.94 -1.47 9.48
CA THR A 28 17.04 -1.18 8.55
C THR A 28 18.16 -0.43 9.26
N ALA A 29 17.80 0.32 10.31
CA ALA A 29 18.79 1.09 11.08
C ALA A 29 19.93 0.18 11.58
N LEU A 30 19.66 -1.14 11.62
CA LEU A 30 20.63 -2.15 12.06
C LEU A 30 22.02 -1.86 11.50
N ARG A 31 22.77 -1.02 12.26
CA ARG A 31 24.12 -0.62 11.86
C ARG A 31 24.64 0.48 12.79
N GLU B 1 -23.93 -10.90 -0.66
CA GLU B 1 -23.62 -9.59 -1.28
C GLU B 1 -22.46 -9.76 -2.27
N THR B 2 -22.75 -9.50 -3.55
CA THR B 2 -21.74 -9.62 -4.60
C THR B 2 -20.59 -8.64 -4.35
N GLY B 3 -20.93 -7.44 -3.88
CA GLY B 3 -19.92 -6.41 -3.59
C GLY B 3 -18.94 -6.90 -2.53
N THR B 4 -19.47 -7.54 -1.49
CA THR B 4 -18.66 -8.07 -0.41
C THR B 4 -17.64 -9.09 -0.95
N LEU B 5 -18.11 -9.93 -1.88
CA LEU B 5 -17.25 -10.95 -2.48
C LEU B 5 -16.07 -10.30 -3.19
N ILE B 6 -16.34 -9.22 -3.92
CA ILE B 6 -15.29 -8.50 -4.66
C ILE B 6 -14.28 -7.91 -3.68
N VAL B 7 -14.79 -7.27 -2.61
CA VAL B 7 -13.93 -6.64 -1.61
C VAL B 7 -13.06 -7.71 -0.92
N ASN B 8 -13.63 -8.88 -0.68
CA ASN B 8 -12.91 -9.97 -0.03
C ASN B 8 -11.81 -10.50 -0.96
N SER B 9 -12.16 -10.68 -2.23
CA SER B 9 -11.22 -11.19 -3.23
C SER B 9 -9.91 -10.41 -3.19
N VAL B 10 -10.01 -9.08 -3.01
CA VAL B 10 -8.83 -8.22 -2.96
C VAL B 10 -8.00 -8.57 -1.70
N LEU B 11 -8.69 -8.80 -0.59
CA LEU B 11 -8.03 -9.13 0.67
C LEU B 11 -7.23 -10.42 0.51
N LEU B 12 -7.84 -11.41 -0.16
CA LEU B 12 -7.19 -12.72 -0.38
C LEU B 12 -5.77 -12.54 -0.91
N PHE B 13 -5.64 -11.82 -2.04
CA PHE B 13 -4.31 -11.59 -2.63
C PHE B 13 -3.48 -10.65 -1.75
N LEU B 14 -4.14 -9.67 -1.12
CA LEU B 14 -3.44 -8.72 -0.25
C LEU B 14 -2.60 -9.48 0.78
N ALA B 15 -3.18 -10.55 1.33
CA ALA B 15 -2.51 -11.37 2.32
C ALA B 15 -1.12 -11.78 1.81
N PHE B 16 -1.06 -12.20 0.56
CA PHE B 16 0.19 -12.63 -0.06
C PHE B 16 1.11 -11.43 -0.30
N VAL B 17 0.53 -10.31 -0.75
CA VAL B 17 1.30 -9.09 -1.03
C VAL B 17 2.03 -8.62 0.23
N VAL B 18 1.27 -8.43 1.31
CA VAL B 18 1.85 -7.97 2.58
C VAL B 18 2.87 -8.99 3.09
N PHE B 19 2.44 -10.25 3.19
CA PHE B 19 3.30 -11.34 3.65
C PHE B 19 4.64 -11.30 2.93
N LEU B 20 4.58 -11.15 1.61
CA LEU B 20 5.79 -11.09 0.78
C LEU B 20 6.60 -9.83 1.12
N LEU B 21 5.89 -8.72 1.33
CA LEU B 21 6.53 -7.45 1.67
C LEU B 21 7.40 -7.60 2.93
N VAL B 22 6.79 -8.13 3.98
CA VAL B 22 7.49 -8.33 5.26
C VAL B 22 8.72 -9.23 5.03
N THR B 23 8.50 -10.32 4.31
CA THR B 23 9.58 -11.27 4.01
C THR B 23 10.72 -10.58 3.24
N LEU B 24 10.35 -9.63 2.37
CA LEU B 24 11.35 -8.90 1.58
C LEU B 24 12.15 -7.93 2.45
N ALA B 25 11.45 -7.16 3.28
CA ALA B 25 12.11 -6.20 4.16
C ALA B 25 13.11 -6.92 5.06
N ILE B 26 12.66 -8.00 5.68
CA ILE B 26 13.51 -8.81 6.56
C ILE B 26 14.76 -9.25 5.80
N LEU B 27 14.58 -9.58 4.51
CA LEU B 27 15.70 -10.00 3.66
C LEU B 27 16.84 -8.98 3.73
N THR B 28 16.48 -7.70 3.92
CA THR B 28 17.46 -6.62 4.02
C THR B 28 18.49 -6.91 5.11
N ALA B 29 18.07 -7.67 6.13
CA ALA B 29 18.96 -8.03 7.24
C ALA B 29 20.24 -8.70 6.72
N LEU B 30 20.18 -9.24 5.49
CA LEU B 30 21.33 -9.93 4.86
C LEU B 30 22.64 -9.17 5.11
N ARG B 31 23.26 -9.43 6.28
CA ARG B 31 24.53 -8.77 6.64
C ARG B 31 24.94 -9.17 8.06
N GLU C 1 -21.78 -5.50 -13.66
CA GLU C 1 -21.73 -4.46 -12.60
C GLU C 1 -20.63 -3.45 -12.94
N THR C 2 -21.04 -2.19 -13.16
CA THR C 2 -20.10 -1.13 -13.51
C THR C 2 -19.10 -0.92 -12.37
N GLY C 3 -19.59 -1.00 -11.13
CA GLY C 3 -18.74 -0.81 -9.96
C GLY C 3 -17.63 -1.87 -9.93
N THR C 4 -18.01 -3.11 -10.25
CA THR C 4 -17.05 -4.21 -10.27
C THR C 4 -15.92 -3.91 -11.27
N LEU C 5 -16.29 -3.35 -12.41
CA LEU C 5 -15.30 -3.01 -13.45
C LEU C 5 -14.29 -2.01 -12.91
N ILE C 6 -14.77 -1.01 -12.19
CA ILE C 6 -13.89 0.03 -11.62
C ILE C 6 -12.95 -0.60 -10.58
N VAL C 7 -13.49 -1.45 -9.72
CA VAL C 7 -12.70 -2.11 -8.69
C VAL C 7 -11.62 -2.99 -9.34
N ASN C 8 -11.98 -3.66 -10.43
CA ASN C 8 -11.04 -4.52 -11.15
C ASN C 8 -9.93 -3.70 -11.79
N SER C 9 -10.32 -2.58 -12.41
CA SER C 9 -9.37 -1.69 -13.07
C SER C 9 -8.21 -1.33 -12.15
N VAL C 10 -8.52 -1.11 -10.87
CA VAL C 10 -7.49 -0.76 -9.88
C VAL C 10 -6.55 -1.96 -9.69
N LEU C 11 -7.12 -3.16 -9.64
CA LEU C 11 -6.34 -4.37 -9.45
C LEU C 11 -5.35 -4.55 -10.61
N LEU C 12 -5.82 -4.30 -11.82
CA LEU C 12 -4.98 -4.42 -13.02
C LEU C 12 -3.65 -3.70 -12.83
N PHE C 13 -3.71 -2.40 -12.50
CA PHE C 13 -2.49 -1.62 -12.30
C PHE C 13 -1.76 -2.05 -11.03
N LEU C 14 -2.53 -2.41 -10.00
CA LEU C 14 -1.95 -2.86 -8.74
C LEU C 14 -0.93 -3.97 -8.99
N ALA C 15 -1.30 -4.89 -9.89
CA ALA C 15 -0.43 -6.01 -10.25
C ALA C 15 0.96 -5.51 -10.60
N PHE C 16 1.02 -4.44 -11.40
CA PHE C 16 2.29 -3.86 -11.81
C PHE C 16 2.98 -3.14 -10.65
N VAL C 17 2.18 -2.44 -9.83
CA VAL C 17 2.72 -1.70 -8.68
C VAL C 17 3.44 -2.67 -7.72
N VAL C 18 2.74 -3.71 -7.30
CA VAL C 18 3.31 -4.70 -6.38
C VAL C 18 4.51 -5.38 -7.03
N PHE C 19 4.30 -5.93 -8.23
CA PHE C 19 5.36 -6.62 -8.97
C PHE C 19 6.63 -5.77 -8.99
N LEU C 20 6.46 -4.48 -9.28
CA LEU C 20 7.59 -3.55 -9.32
C LEU C 20 8.20 -3.38 -7.93
N LEU C 21 7.33 -3.31 -6.92
CA LEU C 21 7.78 -3.15 -5.53
C LEU C 21 8.73 -4.29 -5.15
N VAL C 22 8.29 -5.53 -5.37
CA VAL C 22 9.09 -6.70 -5.05
C VAL C 22 10.43 -6.63 -5.78
N THR C 23 10.35 -6.33 -7.08
CA THR C 23 11.56 -6.22 -7.91
C THR C 23 12.51 -5.15 -7.37
N LEU C 24 11.94 -4.08 -6.81
CA LEU C 24 12.75 -2.99 -6.25
C LEU C 24 13.42 -3.41 -4.96
N ALA C 25 12.66 -4.04 -4.05
CA ALA C 25 13.20 -4.48 -2.77
C ALA C 25 14.37 -5.43 -3.01
N ILE C 26 14.13 -6.43 -3.87
CA ILE C 26 15.17 -7.41 -4.22
C ILE C 26 16.43 -6.68 -4.70
N LEU C 27 16.23 -5.60 -5.46
CA LEU C 27 17.34 -4.80 -5.99
C LEU C 27 18.30 -4.42 -4.85
N THR C 28 17.74 -4.24 -3.65
CA THR C 28 18.54 -3.86 -2.48
C THR C 28 19.68 -4.86 -2.25
N ALA C 29 19.45 -6.12 -2.64
CA ALA C 29 20.46 -7.17 -2.48
C ALA C 29 21.78 -6.78 -3.14
N LEU C 30 21.73 -5.83 -4.08
CA LEU C 30 22.93 -5.37 -4.83
C LEU C 30 24.12 -5.12 -3.88
N ARG C 31 24.82 -6.21 -3.51
CA ARG C 31 26.00 -6.11 -2.63
C ARG C 31 26.64 -7.48 -2.44
N GLU D 1 -21.39 8.84 -12.46
CA GLU D 1 -21.44 8.19 -11.12
C GLU D 1 -20.52 8.92 -10.15
N THR D 2 -21.12 9.51 -9.12
CA THR D 2 -20.36 10.24 -8.11
C THR D 2 -19.36 9.33 -7.41
N GLY D 3 -19.79 8.08 -7.15
CA GLY D 3 -18.93 7.10 -6.50
C GLY D 3 -17.68 6.85 -7.32
N THR D 4 -17.85 6.74 -8.64
CA THR D 4 -16.73 6.51 -9.55
C THR D 4 -15.72 7.65 -9.45
N LEU D 5 -16.24 8.88 -9.34
CA LEU D 5 -15.39 10.06 -9.23
C LEU D 5 -14.52 9.99 -7.98
N ILE D 6 -15.12 9.55 -6.87
CA ILE D 6 -14.40 9.44 -5.60
C ILE D 6 -13.30 8.39 -5.71
N VAL D 7 -13.65 7.25 -6.32
CA VAL D 7 -12.69 6.14 -6.49
C VAL D 7 -11.52 6.60 -7.37
N ASN D 8 -11.83 7.39 -8.41
CA ASN D 8 -10.81 7.88 -9.32
C ASN D 8 -9.88 8.87 -8.62
N SER D 9 -10.49 9.78 -7.82
CA SER D 9 -9.73 10.78 -7.08
C SER D 9 -8.59 10.15 -6.29
N VAL D 10 -8.86 8.98 -5.71
CA VAL D 10 -7.85 8.27 -4.92
C VAL D 10 -6.71 7.81 -5.85
N LEU D 11 -7.09 7.32 -7.04
CA LEU D 11 -6.11 6.85 -8.01
C LEU D 11 -5.18 7.98 -8.41
N LEU D 12 -5.75 9.18 -8.63
CA LEU D 12 -4.96 10.35 -9.02
C LEU D 12 -3.79 10.56 -8.06
N PHE D 13 -4.11 10.59 -6.76
CA PHE D 13 -3.09 10.79 -5.74
C PHE D 13 -2.17 9.57 -5.66
N LEU D 14 -2.76 8.38 -5.83
CA LEU D 14 -2.00 7.13 -5.77
C LEU D 14 -0.84 7.16 -6.75
N ALA D 15 -1.11 7.67 -7.96
CA ALA D 15 -0.10 7.76 -9.01
C ALA D 15 1.18 8.41 -8.47
N PHE D 16 1.01 9.48 -7.71
CA PHE D 16 2.15 10.20 -7.13
C PHE D 16 2.79 9.40 -5.99
N VAL D 17 1.95 8.75 -5.18
CA VAL D 17 2.44 7.96 -4.06
C VAL D 17 3.36 6.84 -4.54
N VAL D 18 2.86 6.04 -5.48
CA VAL D 18 3.63 4.93 -6.03
C VAL D 18 4.89 5.45 -6.72
N PHE D 19 4.70 6.39 -7.65
CA PHE D 19 5.81 7.00 -8.39
C PHE D 19 6.92 7.43 -7.44
N LEU D 20 6.52 8.07 -6.34
CA LEU D 20 7.48 8.53 -5.33
C LEU D 20 8.14 7.33 -4.64
N LEU D 21 7.34 6.30 -4.36
CA LEU D 21 7.85 5.10 -3.69
C LEU D 21 8.99 4.49 -4.50
N VAL D 22 8.75 4.27 -5.79
CA VAL D 22 9.76 3.68 -6.68
C VAL D 22 11.02 4.56 -6.67
N THR D 23 10.81 5.87 -6.81
CA THR D 23 11.93 6.82 -6.82
C THR D 23 12.72 6.74 -5.51
N LEU D 24 12.02 6.47 -4.41
CA LEU D 24 12.67 6.38 -3.10
C LEU D 24 13.49 5.09 -2.98
N ALA D 25 12.89 3.95 -3.36
CA ALA D 25 13.59 2.66 -3.29
C ALA D 25 14.88 2.72 -4.09
N ILE D 26 14.76 3.19 -5.34
CA ILE D 26 15.92 3.31 -6.24
C ILE D 26 17.01 4.13 -5.53
N LEU D 27 16.59 5.17 -4.81
CA LEU D 27 17.53 6.03 -4.08
C LEU D 27 18.47 5.19 -3.21
N THR D 28 17.97 4.05 -2.74
CA THR D 28 18.76 3.15 -1.89
C THR D 28 20.07 2.72 -2.58
N ALA D 29 20.03 2.60 -3.90
CA ALA D 29 21.22 2.21 -4.67
C ALA D 29 22.40 3.16 -4.46
N LEU D 30 22.12 4.34 -3.89
CA LEU D 30 23.12 5.46 -3.67
C LEU D 30 24.39 5.01 -2.92
N ARG D 31 25.18 4.12 -3.56
CA ARG D 31 26.43 3.60 -2.97
C ARG D 31 27.42 3.23 -4.07
N GLU E 1 -23.26 12.33 1.53
CA GLU E 1 -23.14 10.86 1.29
C GLU E 1 -22.29 10.23 2.38
N THR E 2 -22.89 9.31 3.13
CA THR E 2 -22.19 8.62 4.21
C THR E 2 -21.02 7.80 3.67
N GLY E 3 -21.22 7.20 2.49
CA GLY E 3 -20.18 6.40 1.86
C GLY E 3 -18.95 7.23 1.58
N THR E 4 -19.16 8.44 1.07
CA THR E 4 -18.06 9.36 0.75
C THR E 4 -17.26 9.69 2.01
N LEU E 5 -17.97 9.90 3.11
CA LEU E 5 -17.32 10.22 4.39
C LEU E 5 -16.39 9.09 4.81
N ILE E 6 -16.85 7.85 4.66
CA ILE E 6 -16.06 6.68 5.04
C ILE E 6 -14.80 6.59 4.16
N VAL E 7 -14.99 6.80 2.85
CA VAL E 7 -13.87 6.73 1.90
C VAL E 7 -12.85 7.83 2.21
N ASN E 8 -13.34 9.01 2.59
CA ASN E 8 -12.46 10.13 2.91
C ASN E 8 -11.68 9.85 4.20
N SER E 9 -12.38 9.31 5.20
CA SER E 9 -11.77 8.98 6.49
C SER E 9 -10.50 8.16 6.31
N VAL E 10 -10.53 7.23 5.35
CA VAL E 10 -9.38 6.38 5.07
C VAL E 10 -8.23 7.23 4.51
N LEU E 11 -8.58 8.17 3.62
CA LEU E 11 -7.60 9.05 3.01
C LEU E 11 -6.88 9.87 4.08
N LEU E 12 -7.65 10.37 5.05
CA LEU E 12 -7.10 11.18 6.13
C LEU E 12 -5.87 10.50 6.76
N PHE E 13 -6.07 9.28 7.27
CA PHE E 13 -4.96 8.55 7.89
C PHE E 13 -3.91 8.16 6.85
N LEU E 14 -4.37 7.84 5.64
CA LEU E 14 -3.45 7.45 4.55
C LEU E 14 -2.37 8.51 4.40
N ALA E 15 -2.78 9.78 4.46
CA ALA E 15 -1.85 10.90 4.34
C ALA E 15 -0.67 10.73 5.30
N PHE E 16 -0.98 10.32 6.53
CA PHE E 16 0.05 10.11 7.54
C PHE E 16 0.88 8.86 7.23
N VAL E 17 0.20 7.80 6.79
CA VAL E 17 0.88 6.54 6.46
C VAL E 17 1.93 6.77 5.38
N VAL E 18 1.51 7.35 4.26
CA VAL E 18 2.42 7.61 3.14
C VAL E 18 3.54 8.56 3.60
N PHE E 19 3.14 9.70 4.16
CA PHE E 19 4.09 10.71 4.65
C PHE E 19 5.18 10.05 5.50
N LEU E 20 4.74 9.16 6.40
CA LEU E 20 5.67 8.44 7.28
C LEU E 20 6.56 7.51 6.46
N LEU E 21 5.96 6.83 5.48
CA LEU E 21 6.69 5.90 4.62
C LEU E 21 7.86 6.60 3.95
N VAL E 22 7.57 7.73 3.30
CA VAL E 22 8.61 8.50 2.61
C VAL E 22 9.70 8.90 3.60
N THR E 23 9.29 9.40 4.77
CA THR E 23 10.24 9.81 5.80
C THR E 23 11.11 8.63 6.25
N LEU E 24 10.53 7.43 6.27
CA LEU E 24 11.26 6.24 6.68
C LEU E 24 12.28 5.83 5.62
N ALA E 25 11.85 5.79 4.36
CA ALA E 25 12.74 5.42 3.26
C ALA E 25 13.95 6.34 3.23
N ILE E 26 13.67 7.65 3.28
CA ILE E 26 14.74 8.66 3.28
C ILE E 26 15.73 8.37 4.42
N LEU E 27 15.20 7.90 5.55
CA LEU E 27 16.03 7.57 6.71
C LEU E 27 17.15 6.60 6.29
N THR E 28 16.88 5.77 5.28
CA THR E 28 17.86 4.81 4.78
C THR E 28 19.16 5.52 4.38
N ALA E 29 19.05 6.79 3.98
CA ALA E 29 20.21 7.60 3.58
C ALA E 29 21.29 7.64 4.71
N LEU E 30 20.84 7.17 5.96
CA LEU E 30 21.71 7.21 7.07
C LEU E 30 23.06 6.54 6.63
N ARG E 31 24.03 7.35 6.25
CA ARG E 31 25.34 6.86 5.83
C ARG E 31 26.16 7.99 5.21
N GLU A 1 -24.98 0.03 7.36
CA GLU A 1 -24.30 -0.39 8.60
C GLU A 1 -23.39 -1.58 8.32
N THR A 2 -23.92 -2.56 7.59
CA THR A 2 -23.15 -3.76 7.24
C THR A 2 -21.93 -3.39 6.41
N GLY A 3 -22.12 -2.48 5.45
CA GLY A 3 -21.04 -2.03 4.57
C GLY A 3 -19.93 -1.38 5.39
N THR A 4 -20.32 -0.49 6.31
CA THR A 4 -19.36 0.21 7.16
C THR A 4 -18.53 -0.80 7.98
N LEU A 5 -19.21 -1.83 8.48
CA LEU A 5 -18.54 -2.86 9.28
C LEU A 5 -17.43 -3.53 8.48
N ILE A 6 -17.71 -3.82 7.20
CA ILE A 6 -16.73 -4.47 6.33
C ILE A 6 -15.53 -3.55 6.13
N VAL A 7 -15.81 -2.26 5.92
CA VAL A 7 -14.74 -1.27 5.71
C VAL A 7 -13.84 -1.19 6.95
N ASN A 8 -14.47 -1.23 8.13
CA ASN A 8 -13.72 -1.17 9.38
C ASN A 8 -12.89 -2.43 9.59
N SER A 9 -13.48 -3.58 9.23
CA SER A 9 -12.80 -4.87 9.37
C SER A 9 -11.45 -4.87 8.63
N VAL A 10 -11.45 -4.28 7.43
CA VAL A 10 -10.22 -4.21 6.63
C VAL A 10 -9.25 -3.20 7.24
N LEU A 11 -9.79 -2.06 7.68
CA LEU A 11 -8.96 -1.01 8.28
C LEU A 11 -8.23 -1.53 9.52
N LEU A 12 -8.94 -2.32 10.33
CA LEU A 12 -8.36 -2.88 11.56
C LEU A 12 -7.07 -3.63 11.24
N PHE A 13 -7.13 -4.49 10.21
CA PHE A 13 -5.97 -5.26 9.80
C PHE A 13 -4.90 -4.35 9.21
N LEU A 14 -5.35 -3.35 8.44
CA LEU A 14 -4.44 -2.39 7.81
C LEU A 14 -3.55 -1.73 8.85
N ALA A 15 -4.17 -1.34 9.96
CA ALA A 15 -3.45 -0.67 11.06
C ALA A 15 -2.24 -1.49 11.48
N PHE A 16 -2.43 -2.80 11.62
CA PHE A 16 -1.35 -3.70 12.02
C PHE A 16 -0.29 -3.79 10.93
N VAL A 17 -0.74 -3.85 9.68
CA VAL A 17 0.18 -3.95 8.54
C VAL A 17 1.10 -2.72 8.49
N VAL A 18 0.50 -1.53 8.58
CA VAL A 18 1.28 -0.29 8.54
C VAL A 18 2.29 -0.28 9.68
N PHE A 19 1.78 -0.47 10.91
CA PHE A 19 2.63 -0.50 12.11
C PHE A 19 3.86 -1.39 11.87
N LEU A 20 3.63 -2.54 11.24
CA LEU A 20 4.70 -3.47 10.93
C LEU A 20 5.67 -2.83 9.94
N LEU A 21 5.11 -2.16 8.93
CA LEU A 21 5.92 -1.50 7.91
C LEU A 21 6.91 -0.53 8.54
N VAL A 22 6.41 0.35 9.39
CA VAL A 22 7.25 1.34 10.07
C VAL A 22 8.33 0.63 10.88
N THR A 23 7.92 -0.35 11.68
CA THR A 23 8.85 -1.11 12.52
C THR A 23 9.88 -1.84 11.67
N LEU A 24 9.48 -2.26 10.47
CA LEU A 24 10.36 -2.99 9.57
C LEU A 24 11.41 -2.06 8.96
N ALA A 25 10.95 -0.92 8.42
CA ALA A 25 11.87 0.05 7.80
C ALA A 25 12.93 0.46 8.81
N ILE A 26 12.49 0.82 10.01
CA ILE A 26 13.40 1.22 11.09
C ILE A 26 14.45 0.13 11.31
N LEU A 27 14.03 -1.14 11.17
CA LEU A 27 14.94 -2.28 11.32
C LEU A 27 16.15 -2.10 10.40
N THR A 28 15.92 -1.50 9.23
CA THR A 28 17.00 -1.26 8.26
C THR A 28 18.14 -0.48 8.92
N ALA A 29 17.81 0.32 9.93
CA ALA A 29 18.82 1.12 10.65
C ALA A 29 19.94 0.22 11.17
N LEU A 30 19.63 -1.09 11.34
CA LEU A 30 20.58 -2.11 11.82
C LEU A 30 22.00 -1.81 11.37
N ARG A 31 22.70 -1.04 12.24
CA ARG A 31 24.08 -0.64 11.96
C ARG A 31 24.94 -0.80 13.21
N GLU B 1 -24.15 -9.54 -1.14
CA GLU B 1 -23.35 -10.78 -1.01
C GLU B 1 -22.28 -10.81 -2.10
N THR B 2 -22.69 -10.51 -3.33
CA THR B 2 -21.76 -10.51 -4.46
C THR B 2 -20.65 -9.48 -4.24
N GLY B 3 -21.03 -8.28 -3.77
CA GLY B 3 -20.07 -7.21 -3.52
C GLY B 3 -19.05 -7.63 -2.47
N THR B 4 -19.55 -8.26 -1.40
CA THR B 4 -18.68 -8.72 -0.31
C THR B 4 -17.65 -9.72 -0.85
N LEU B 5 -18.12 -10.61 -1.74
CA LEU B 5 -17.24 -11.63 -2.32
C LEU B 5 -16.08 -10.97 -3.05
N ILE B 6 -16.38 -9.89 -3.79
CA ILE B 6 -15.35 -9.17 -4.55
C ILE B 6 -14.33 -8.56 -3.58
N VAL B 7 -14.83 -7.98 -2.49
CA VAL B 7 -13.96 -7.34 -1.48
C VAL B 7 -13.03 -8.39 -0.87
N ASN B 8 -13.56 -9.58 -0.61
CA ASN B 8 -12.78 -10.67 -0.03
C ASN B 8 -11.74 -11.18 -1.03
N SER B 9 -12.13 -11.26 -2.30
CA SER B 9 -11.24 -11.73 -3.34
C SER B 9 -9.96 -10.90 -3.40
N VAL B 10 -10.12 -9.58 -3.24
CA VAL B 10 -8.97 -8.67 -3.27
C VAL B 10 -8.15 -8.82 -1.99
N LEU B 11 -8.84 -8.94 -0.86
CA LEU B 11 -8.17 -9.09 0.44
C LEU B 11 -7.29 -10.34 0.46
N LEU B 12 -7.83 -11.43 -0.10
CA LEU B 12 -7.10 -12.70 -0.14
C LEU B 12 -5.69 -12.53 -0.71
N PHE B 13 -5.59 -11.89 -1.88
CA PHE B 13 -4.29 -11.67 -2.50
C PHE B 13 -3.47 -10.67 -1.69
N LEU B 14 -4.15 -9.64 -1.15
CA LEU B 14 -3.48 -8.62 -0.34
C LEU B 14 -2.67 -9.29 0.77
N ALA B 15 -3.27 -10.28 1.41
CA ALA B 15 -2.62 -11.03 2.49
C ALA B 15 -1.26 -11.56 2.02
N PHE B 16 -1.23 -12.12 0.81
CA PHE B 16 0.00 -12.66 0.24
C PHE B 16 1.00 -11.54 -0.05
N VAL B 17 0.49 -10.42 -0.57
CA VAL B 17 1.34 -9.27 -0.91
C VAL B 17 2.04 -8.74 0.35
N VAL B 18 1.26 -8.52 1.42
CA VAL B 18 1.81 -8.01 2.68
C VAL B 18 2.87 -8.98 3.20
N PHE B 19 2.49 -10.25 3.36
CA PHE B 19 3.40 -11.29 3.85
C PHE B 19 4.73 -11.22 3.10
N LEU B 20 4.65 -11.01 1.78
CA LEU B 20 5.86 -10.89 0.95
C LEU B 20 6.64 -9.65 1.35
N LEU B 21 5.92 -8.55 1.59
CA LEU B 21 6.54 -7.28 1.98
C LEU B 21 7.40 -7.48 3.23
N VAL B 22 6.80 -8.07 4.26
CA VAL B 22 7.50 -8.31 5.53
C VAL B 22 8.73 -9.19 5.28
N THR B 23 8.53 -10.28 4.56
CA THR B 23 9.62 -11.21 4.25
C THR B 23 10.72 -10.52 3.42
N LEU B 24 10.32 -9.56 2.59
CA LEU B 24 11.27 -8.83 1.74
C LEU B 24 12.11 -7.85 2.55
N ALA B 25 11.43 -7.04 3.39
CA ALA B 25 12.13 -6.06 4.22
C ALA B 25 13.17 -6.76 5.08
N ILE B 26 12.74 -7.83 5.76
CA ILE B 26 13.64 -8.61 6.61
C ILE B 26 14.87 -9.04 5.81
N LEU B 27 14.65 -9.37 4.54
CA LEU B 27 15.74 -9.77 3.63
C LEU B 27 16.85 -8.72 3.64
N THR B 28 16.46 -7.45 3.79
CA THR B 28 17.43 -6.34 3.83
C THR B 28 18.47 -6.58 4.92
N ALA B 29 18.07 -7.26 6.00
CA ALA B 29 18.97 -7.55 7.11
C ALA B 29 20.23 -8.26 6.62
N LEU B 30 20.14 -8.92 5.43
CA LEU B 30 21.26 -9.66 4.82
C LEU B 30 22.62 -9.03 5.14
N ARG B 31 23.18 -9.42 6.30
CA ARG B 31 24.47 -8.87 6.73
C ARG B 31 25.42 -10.02 7.12
N GLU C 1 -22.22 -4.60 -12.62
CA GLU C 1 -21.22 -5.03 -13.64
C GLU C 1 -20.23 -3.89 -13.89
N THR C 2 -20.77 -2.69 -14.09
CA THR C 2 -19.94 -1.51 -14.33
C THR C 2 -18.98 -1.25 -13.16
N GLY C 3 -19.52 -1.33 -11.95
CA GLY C 3 -18.73 -1.11 -10.74
C GLY C 3 -17.60 -2.13 -10.65
N THR C 4 -17.92 -3.39 -10.94
CA THR C 4 -16.94 -4.47 -10.90
C THR C 4 -15.80 -4.18 -11.87
N LEU C 5 -16.15 -3.68 -13.05
CA LEU C 5 -15.15 -3.35 -14.06
C LEU C 5 -14.16 -2.31 -13.53
N ILE C 6 -14.68 -1.33 -12.79
CA ILE C 6 -13.83 -0.28 -12.22
C ILE C 6 -12.88 -0.89 -11.20
N VAL C 7 -13.40 -1.79 -10.36
CA VAL C 7 -12.60 -2.45 -9.33
C VAL C 7 -11.46 -3.24 -9.98
N ASN C 8 -11.78 -3.93 -11.08
CA ASN C 8 -10.78 -4.72 -11.81
C ASN C 8 -9.73 -3.82 -12.46
N SER C 9 -10.19 -2.68 -12.99
CA SER C 9 -9.31 -1.73 -13.65
C SER C 9 -8.20 -1.28 -12.70
N VAL C 10 -8.55 -1.05 -11.44
CA VAL C 10 -7.58 -0.62 -10.43
C VAL C 10 -6.66 -1.77 -10.05
N LEU C 11 -7.25 -2.96 -9.89
CA LEU C 11 -6.50 -4.16 -9.51
C LEU C 11 -5.42 -4.47 -10.56
N LEU C 12 -5.79 -4.33 -11.83
CA LEU C 12 -4.87 -4.61 -12.93
C LEU C 12 -3.55 -3.87 -12.75
N PHE C 13 -3.63 -2.55 -12.52
CA PHE C 13 -2.41 -1.75 -12.33
C PHE C 13 -1.74 -2.11 -11.01
N LEU C 14 -2.54 -2.37 -9.97
CA LEU C 14 -2.00 -2.74 -8.66
C LEU C 14 -1.01 -3.90 -8.82
N ALA C 15 -1.41 -4.89 -9.62
CA ALA C 15 -0.58 -6.06 -9.88
C ALA C 15 0.81 -5.64 -10.33
N PHE C 16 0.87 -4.67 -11.25
CA PHE C 16 2.14 -4.16 -11.76
C PHE C 16 2.91 -3.42 -10.67
N VAL C 17 2.19 -2.64 -9.86
CA VAL C 17 2.81 -1.87 -8.78
C VAL C 17 3.49 -2.81 -7.78
N VAL C 18 2.76 -3.84 -7.34
CA VAL C 18 3.29 -4.80 -6.38
C VAL C 18 4.53 -5.48 -6.98
N PHE C 19 4.36 -6.08 -8.17
CA PHE C 19 5.45 -6.76 -8.87
C PHE C 19 6.71 -5.88 -8.86
N LEU C 20 6.52 -4.58 -9.09
CA LEU C 20 7.63 -3.63 -9.08
C LEU C 20 8.22 -3.54 -7.67
N LEU C 21 7.34 -3.48 -6.66
CA LEU C 21 7.77 -3.40 -5.28
C LEU C 21 8.72 -4.54 -4.93
N VAL C 22 8.29 -5.77 -5.22
CA VAL C 22 9.10 -6.96 -4.94
C VAL C 22 10.44 -6.86 -5.67
N THR C 23 10.38 -6.56 -6.96
CA THR C 23 11.59 -6.43 -7.78
C THR C 23 12.50 -5.31 -7.27
N LEU C 24 11.90 -4.28 -6.68
CA LEU C 24 12.66 -3.14 -6.16
C LEU C 24 13.37 -3.51 -4.85
N ALA C 25 12.63 -4.10 -3.91
CA ALA C 25 13.21 -4.51 -2.62
C ALA C 25 14.40 -5.43 -2.85
N ILE C 26 14.20 -6.45 -3.67
CA ILE C 26 15.27 -7.40 -3.99
C ILE C 26 16.50 -6.64 -4.49
N LEU C 27 16.25 -5.58 -5.27
CA LEU C 27 17.34 -4.73 -5.80
C LEU C 27 18.25 -4.28 -4.66
N THR C 28 17.67 -4.04 -3.49
CA THR C 28 18.44 -3.60 -2.32
C THR C 28 19.58 -4.59 -2.02
N ALA C 29 19.35 -5.86 -2.32
CA ALA C 29 20.36 -6.91 -2.08
C ALA C 29 21.69 -6.57 -2.77
N LEU C 30 21.62 -5.72 -3.82
CA LEU C 30 22.81 -5.29 -4.59
C LEU C 30 24.06 -5.14 -3.71
N ARG C 31 24.74 -6.28 -3.46
CA ARG C 31 25.96 -6.28 -2.64
C ARG C 31 27.14 -6.82 -3.44
N GLU D 1 -21.88 8.09 -11.36
CA GLU D 1 -20.89 9.02 -11.96
C GLU D 1 -20.10 9.70 -10.85
N THR D 2 -20.82 10.22 -9.86
CA THR D 2 -20.19 10.91 -8.73
C THR D 2 -19.25 9.96 -7.99
N GLY D 3 -19.73 8.74 -7.76
CA GLY D 3 -18.93 7.73 -7.06
C GLY D 3 -17.65 7.43 -7.83
N THR D 4 -17.78 7.29 -9.15
CA THR D 4 -16.63 7.01 -10.00
C THR D 4 -15.61 8.14 -9.90
N LEU D 5 -16.10 9.38 -9.85
CA LEU D 5 -15.22 10.54 -9.75
C LEU D 5 -14.39 10.48 -8.47
N ILE D 6 -15.02 10.04 -7.37
CA ILE D 6 -14.33 9.92 -6.09
C ILE D 6 -13.22 8.87 -6.20
N VAL D 7 -13.53 7.75 -6.84
CA VAL D 7 -12.57 6.66 -7.01
C VAL D 7 -11.37 7.15 -7.81
N ASN D 8 -11.64 7.94 -8.86
CA ASN D 8 -10.57 8.48 -9.70
C ASN D 8 -9.71 9.48 -8.93
N SER D 9 -10.39 10.30 -8.11
CA SER D 9 -9.70 11.32 -7.31
C SER D 9 -8.62 10.69 -6.43
N VAL D 10 -8.94 9.53 -5.85
CA VAL D 10 -7.99 8.82 -4.98
C VAL D 10 -6.88 8.19 -5.82
N LEU D 11 -7.26 7.62 -6.96
CA LEU D 11 -6.30 6.97 -7.85
C LEU D 11 -5.26 7.96 -8.33
N LEU D 12 -5.72 9.17 -8.66
CA LEU D 12 -4.83 10.23 -9.16
C LEU D 12 -3.64 10.44 -8.23
N PHE D 13 -3.92 10.62 -6.94
CA PHE D 13 -2.84 10.83 -5.96
C PHE D 13 -2.04 9.55 -5.77
N LEU D 14 -2.72 8.39 -5.79
CA LEU D 14 -2.04 7.10 -5.64
C LEU D 14 -0.89 7.00 -6.64
N ALA D 15 -1.17 7.41 -7.88
CA ALA D 15 -0.18 7.38 -8.95
C ALA D 15 1.10 8.09 -8.52
N PHE D 16 0.93 9.25 -7.88
CA PHE D 16 2.06 10.04 -7.42
C PHE D 16 2.78 9.33 -6.26
N VAL D 17 1.99 8.74 -5.36
CA VAL D 17 2.54 8.02 -4.20
C VAL D 17 3.43 6.86 -4.68
N VAL D 18 2.90 6.04 -5.58
CA VAL D 18 3.66 4.90 -6.12
C VAL D 18 4.93 5.41 -6.78
N PHE D 19 4.76 6.33 -7.73
CA PHE D 19 5.90 6.92 -8.45
C PHE D 19 7.00 7.31 -7.47
N LEU D 20 6.60 7.89 -6.34
CA LEU D 20 7.54 8.30 -5.31
C LEU D 20 8.21 7.07 -4.68
N LEU D 21 7.40 6.04 -4.44
CA LEU D 21 7.89 4.81 -3.84
C LEU D 21 9.04 4.22 -4.67
N VAL D 22 8.80 4.07 -5.98
CA VAL D 22 9.82 3.52 -6.87
C VAL D 22 11.07 4.40 -6.84
N THR D 23 10.88 5.71 -6.98
CA THR D 23 12.00 6.65 -6.98
C THR D 23 12.75 6.62 -5.64
N LEU D 24 12.01 6.31 -4.56
CA LEU D 24 12.62 6.25 -3.22
C LEU D 24 13.46 4.99 -3.05
N ALA D 25 12.87 3.82 -3.39
CA ALA D 25 13.60 2.54 -3.26
C ALA D 25 14.91 2.60 -4.03
N ILE D 26 14.83 3.04 -5.29
CA ILE D 26 16.02 3.16 -6.14
C ILE D 26 17.08 4.00 -5.40
N LEU D 27 16.61 5.03 -4.69
CA LEU D 27 17.51 5.91 -3.94
C LEU D 27 18.41 5.09 -3.00
N THR D 28 17.87 3.98 -2.49
CA THR D 28 18.64 3.11 -1.57
C THR D 28 19.95 2.66 -2.20
N ALA D 29 19.92 2.41 -3.52
CA ALA D 29 21.11 1.96 -4.25
C ALA D 29 22.29 2.93 -4.09
N LEU D 30 22.00 4.16 -3.63
CA LEU D 30 23.01 5.29 -3.47
C LEU D 30 24.33 4.84 -2.81
N ARG D 31 25.13 4.06 -3.56
CA ARG D 31 26.42 3.55 -3.07
C ARG D 31 27.57 4.36 -3.67
N GLU E 1 -23.58 10.98 1.01
CA GLU E 1 -22.79 11.92 1.84
C GLU E 1 -22.04 11.14 2.92
N THR E 2 -22.76 10.25 3.61
CA THR E 2 -22.17 9.43 4.66
C THR E 2 -21.05 8.56 4.10
N GLY E 3 -21.31 7.97 2.93
CA GLY E 3 -20.33 7.11 2.27
C GLY E 3 -19.06 7.88 1.96
N THR E 4 -19.22 9.09 1.43
CA THR E 4 -18.09 9.94 1.08
C THR E 4 -17.26 10.26 2.32
N LEU E 5 -17.95 10.53 3.43
CA LEU E 5 -17.28 10.86 4.68
C LEU E 5 -16.38 9.71 5.13
N ILE E 6 -16.87 8.48 4.97
CA ILE E 6 -16.09 7.29 5.35
C ILE E 6 -14.83 7.20 4.48
N VAL E 7 -14.99 7.44 3.18
CA VAL E 7 -13.87 7.38 2.24
C VAL E 7 -12.81 8.42 2.62
N ASN E 8 -13.26 9.62 2.99
CA ASN E 8 -12.35 10.69 3.38
C ASN E 8 -11.64 10.35 4.69
N SER E 9 -12.38 9.73 5.62
CA SER E 9 -11.84 9.36 6.92
C SER E 9 -10.63 8.46 6.76
N VAL E 10 -10.71 7.52 5.81
CA VAL E 10 -9.62 6.58 5.56
C VAL E 10 -8.46 7.30 4.86
N LEU E 11 -8.81 8.16 3.89
CA LEU E 11 -7.80 8.91 3.13
C LEU E 11 -6.97 9.79 4.06
N LEU E 12 -7.64 10.43 5.04
CA LEU E 12 -6.96 11.31 5.98
C LEU E 12 -5.77 10.61 6.63
N PHE E 13 -6.01 9.41 7.18
CA PHE E 13 -4.92 8.66 7.84
C PHE E 13 -3.91 8.18 6.80
N LEU E 14 -4.40 7.79 5.61
CA LEU E 14 -3.52 7.32 4.54
C LEU E 14 -2.43 8.34 4.28
N ALA E 15 -2.84 9.61 4.23
CA ALA E 15 -1.92 10.72 4.00
C ALA E 15 -0.75 10.66 4.98
N PHE E 16 -1.06 10.41 6.25
CA PHE E 16 -0.05 10.33 7.29
C PHE E 16 0.83 9.09 7.09
N VAL E 17 0.20 7.98 6.72
CA VAL E 17 0.93 6.73 6.49
C VAL E 17 1.97 6.91 5.38
N VAL E 18 1.53 7.47 4.25
CA VAL E 18 2.42 7.70 3.11
C VAL E 18 3.56 8.62 3.54
N PHE E 19 3.18 9.78 4.09
CA PHE E 19 4.17 10.76 4.57
C PHE E 19 5.27 10.07 5.39
N LEU E 20 4.85 9.14 6.24
CA LEU E 20 5.78 8.39 7.07
C LEU E 20 6.66 7.50 6.20
N LEU E 21 6.04 6.85 5.21
CA LEU E 21 6.76 5.97 4.29
C LEU E 21 7.94 6.70 3.65
N VAL E 22 7.65 7.86 3.06
CA VAL E 22 8.68 8.66 2.39
C VAL E 22 9.78 9.03 3.38
N THR E 23 9.37 9.55 4.54
CA THR E 23 10.32 9.95 5.59
C THR E 23 11.14 8.75 6.07
N LEU E 24 10.54 7.55 6.04
CA LEU E 24 11.23 6.33 6.49
C LEU E 24 12.26 5.89 5.47
N ALA E 25 11.86 5.80 4.19
CA ALA E 25 12.77 5.38 3.13
C ALA E 25 14.02 6.27 3.12
N ILE E 26 13.78 7.59 3.15
CA ILE E 26 14.87 8.58 3.16
C ILE E 26 15.83 8.25 4.32
N LEU E 27 15.25 7.80 5.45
CA LEU E 27 16.05 7.43 6.62
C LEU E 27 17.13 6.42 6.22
N THR E 28 16.82 5.56 5.24
CA THR E 28 17.77 4.55 4.76
C THR E 28 19.08 5.21 4.33
N ALA E 29 18.99 6.47 3.85
CA ALA E 29 20.17 7.23 3.43
C ALA E 29 21.25 7.37 4.57
N LEU E 30 20.79 6.92 5.82
CA LEU E 30 21.63 7.04 6.96
C LEU E 30 23.01 6.45 6.56
N ARG E 31 23.97 7.34 6.29
CA ARG E 31 25.31 6.92 5.90
C ARG E 31 26.35 7.81 6.55
N GLU A 1 -24.87 -1.05 8.51
CA GLU A 1 -24.56 -1.19 7.06
C GLU A 1 -23.37 -2.13 6.88
N THR A 2 -23.61 -3.27 6.25
CA THR A 2 -22.56 -4.26 6.01
C THR A 2 -21.50 -3.69 5.07
N GLY A 3 -21.94 -2.92 4.08
CA GLY A 3 -21.03 -2.31 3.11
C GLY A 3 -20.03 -1.37 3.79
N THR A 4 -20.47 -0.73 4.88
CA THR A 4 -19.62 0.19 5.62
C THR A 4 -18.75 -0.54 6.64
N LEU A 5 -19.34 -1.56 7.28
CA LEU A 5 -18.62 -2.35 8.29
C LEU A 5 -17.42 -3.06 7.68
N ILE A 6 -17.61 -3.63 6.49
CA ILE A 6 -16.53 -4.35 5.80
C ILE A 6 -15.35 -3.40 5.50
N VAL A 7 -15.68 -2.17 5.10
CA VAL A 7 -14.66 -1.17 4.79
C VAL A 7 -13.82 -0.88 6.05
N ASN A 8 -14.49 -0.81 7.19
CA ASN A 8 -13.80 -0.55 8.46
C ASN A 8 -12.87 -1.72 8.80
N SER A 9 -13.38 -2.93 8.60
CA SER A 9 -12.60 -4.14 8.88
C SER A 9 -11.23 -4.09 8.19
N VAL A 10 -11.19 -3.48 7.00
CA VAL A 10 -9.94 -3.37 6.25
C VAL A 10 -8.96 -2.50 7.03
N LEU A 11 -9.46 -1.38 7.56
CA LEU A 11 -8.63 -0.47 8.35
C LEU A 11 -8.06 -1.19 9.56
N LEU A 12 -8.89 -2.03 10.20
CA LEU A 12 -8.48 -2.79 11.38
C LEU A 12 -7.15 -3.50 11.15
N PHE A 13 -7.07 -4.29 10.07
CA PHE A 13 -5.84 -5.02 9.77
C PHE A 13 -4.75 -4.07 9.28
N LEU A 14 -5.13 -3.05 8.50
CA LEU A 14 -4.17 -2.08 7.99
C LEU A 14 -3.32 -1.53 9.13
N ALA A 15 -3.96 -1.30 10.28
CA ALA A 15 -3.27 -0.79 11.46
C ALA A 15 -2.09 -1.69 11.81
N PHE A 16 -2.30 -3.00 11.71
CA PHE A 16 -1.25 -3.97 12.01
C PHE A 16 -0.21 -4.00 10.89
N VAL A 17 -0.68 -3.89 9.65
CA VAL A 17 0.21 -3.91 8.48
C VAL A 17 1.24 -2.77 8.59
N VAL A 18 0.76 -1.55 8.83
CA VAL A 18 1.64 -0.38 8.94
C VAL A 18 2.53 -0.52 10.18
N PHE A 19 1.93 -0.94 11.29
CA PHE A 19 2.66 -1.13 12.54
C PHE A 19 3.90 -1.99 12.30
N LEU A 20 3.72 -3.06 11.53
CA LEU A 20 4.81 -3.97 11.20
C LEU A 20 5.74 -3.34 10.15
N LEU A 21 5.15 -2.59 9.21
CA LEU A 21 5.92 -1.93 8.16
C LEU A 21 6.96 -1.00 8.75
N VAL A 22 6.52 -0.03 9.54
CA VAL A 22 7.42 0.94 10.16
C VAL A 22 8.50 0.22 10.97
N THR A 23 8.08 -0.79 11.74
CA THR A 23 9.03 -1.55 12.57
C THR A 23 10.04 -2.29 11.69
N LEU A 24 9.62 -2.67 10.47
CA LEU A 24 10.50 -3.38 9.55
C LEU A 24 11.53 -2.41 8.95
N ALA A 25 11.04 -1.27 8.46
CA ALA A 25 11.92 -0.26 7.87
C ALA A 25 13.01 0.14 8.85
N ILE A 26 12.60 0.63 10.01
CA ILE A 26 13.56 1.03 11.05
C ILE A 26 14.55 -0.10 11.34
N LEU A 27 14.07 -1.34 11.23
CA LEU A 27 14.91 -2.52 11.47
C LEU A 27 16.16 -2.46 10.60
N THR A 28 15.98 -2.17 9.31
CA THR A 28 17.12 -2.10 8.39
C THR A 28 18.14 -1.05 8.86
N ALA A 29 17.68 -0.06 9.64
CA ALA A 29 18.57 0.98 10.16
C ALA A 29 19.70 0.32 10.95
N LEU A 30 19.33 -0.70 11.75
CA LEU A 30 20.28 -1.49 12.56
C LEU A 30 21.73 -1.30 12.16
N ARG A 31 22.34 -0.26 12.79
CA ARG A 31 23.74 0.05 12.52
C ARG A 31 24.43 0.64 13.75
N GLU B 1 -23.77 -11.10 -1.66
CA GLU B 1 -23.53 -9.74 -2.24
C GLU B 1 -22.23 -9.74 -3.02
N THR B 2 -22.33 -9.51 -4.34
CA THR B 2 -21.15 -9.48 -5.20
C THR B 2 -20.25 -8.30 -4.83
N GLY B 3 -20.87 -7.17 -4.49
CA GLY B 3 -20.11 -5.97 -4.12
C GLY B 3 -19.25 -6.21 -2.87
N THR B 4 -19.72 -7.09 -1.99
CA THR B 4 -18.99 -7.40 -0.76
C THR B 4 -17.95 -8.50 -1.02
N LEU B 5 -18.34 -9.49 -1.82
CA LEU B 5 -17.44 -10.60 -2.14
C LEU B 5 -16.17 -10.12 -2.83
N ILE B 6 -16.34 -9.18 -3.78
CA ILE B 6 -15.19 -8.64 -4.51
C ILE B 6 -14.22 -7.94 -3.56
N VAL B 7 -14.77 -7.21 -2.59
CA VAL B 7 -13.95 -6.49 -1.61
C VAL B 7 -13.09 -7.49 -0.82
N ASN B 8 -13.70 -8.63 -0.46
CA ASN B 8 -12.99 -9.67 0.29
C ASN B 8 -11.86 -10.24 -0.56
N SER B 9 -12.17 -10.50 -1.84
CA SER B 9 -11.19 -11.04 -2.77
C SER B 9 -9.89 -10.23 -2.76
N VAL B 10 -10.02 -8.92 -2.57
CA VAL B 10 -8.85 -8.04 -2.52
C VAL B 10 -7.98 -8.40 -1.32
N LEU B 11 -8.63 -8.61 -0.18
CA LEU B 11 -7.91 -8.98 1.05
C LEU B 11 -7.17 -10.30 0.84
N LEU B 12 -7.81 -11.24 0.16
CA LEU B 12 -7.21 -12.55 -0.12
C LEU B 12 -5.82 -12.38 -0.74
N PHE B 13 -5.75 -11.52 -1.76
CA PHE B 13 -4.49 -11.26 -2.45
C PHE B 13 -3.55 -10.46 -1.57
N LEU B 14 -4.10 -9.48 -0.83
CA LEU B 14 -3.30 -8.63 0.05
C LEU B 14 -2.51 -9.47 1.04
N ALA B 15 -3.12 -10.54 1.54
CA ALA B 15 -2.45 -11.44 2.49
C ALA B 15 -1.11 -11.91 1.93
N PHE B 16 -1.11 -12.26 0.65
CA PHE B 16 0.11 -12.73 -0.01
C PHE B 16 1.08 -11.56 -0.25
N VAL B 17 0.53 -10.40 -0.61
CA VAL B 17 1.36 -9.22 -0.87
C VAL B 17 2.18 -8.86 0.37
N VAL B 18 1.51 -8.73 1.52
CA VAL B 18 2.20 -8.39 2.76
C VAL B 18 3.18 -9.50 3.16
N PHE B 19 2.72 -10.75 3.05
CA PHE B 19 3.56 -11.90 3.38
C PHE B 19 4.90 -11.80 2.66
N LEU B 20 4.85 -11.43 1.38
CA LEU B 20 6.06 -11.28 0.57
C LEU B 20 6.80 -9.99 0.95
N LEU B 21 6.04 -8.94 1.28
CA LEU B 21 6.63 -7.65 1.65
C LEU B 21 7.54 -7.80 2.86
N VAL B 22 6.98 -8.28 3.97
CA VAL B 22 7.74 -8.47 5.20
C VAL B 22 8.98 -9.34 4.94
N THR B 23 8.79 -10.43 4.19
CA THR B 23 9.89 -11.34 3.87
C THR B 23 10.96 -10.63 3.03
N LEU B 24 10.54 -9.64 2.24
CA LEU B 24 11.47 -8.89 1.39
C LEU B 24 12.28 -7.92 2.24
N ALA B 25 11.59 -7.15 3.08
CA ALA B 25 12.25 -6.17 3.95
C ALA B 25 13.31 -6.85 4.79
N ILE B 26 12.90 -7.84 5.58
CA ILE B 26 13.84 -8.59 6.43
C ILE B 26 15.02 -9.11 5.60
N LEU B 27 14.75 -9.45 4.34
CA LEU B 27 15.78 -9.95 3.43
C LEU B 27 16.96 -8.98 3.36
N THR B 28 16.66 -7.69 3.17
CA THR B 28 17.71 -6.67 3.07
C THR B 28 18.57 -6.65 4.33
N ALA B 29 18.01 -7.09 5.47
CA ALA B 29 18.75 -7.14 6.73
C ALA B 29 20.01 -7.99 6.57
N LEU B 30 19.83 -9.14 5.88
CA LEU B 30 20.92 -10.12 5.58
C LEU B 30 22.32 -9.53 5.75
N ARG B 31 22.80 -9.56 7.01
CA ARG B 31 24.13 -9.05 7.34
C ARG B 31 24.83 -9.96 8.34
N GLU C 1 -21.66 -4.47 -14.14
CA GLU C 1 -21.69 -3.48 -13.03
C GLU C 1 -20.45 -2.60 -13.10
N THR C 2 -20.67 -1.30 -13.36
CA THR C 2 -19.56 -0.34 -13.45
C THR C 2 -18.85 -0.22 -12.11
N GLY C 3 -19.62 -0.24 -11.02
CA GLY C 3 -19.06 -0.14 -9.67
C GLY C 3 -18.11 -1.28 -9.37
N THR C 4 -18.37 -2.45 -9.97
CA THR C 4 -17.54 -3.63 -9.76
C THR C 4 -16.35 -3.63 -10.73
N LEU C 5 -16.60 -3.22 -11.97
CA LEU C 5 -15.56 -3.18 -13.00
C LEU C 5 -14.43 -2.23 -12.60
N ILE C 6 -14.80 -1.07 -12.06
CA ILE C 6 -13.80 -0.08 -11.64
C ILE C 6 -12.90 -0.65 -10.54
N VAL C 7 -13.50 -1.41 -9.61
CA VAL C 7 -12.75 -2.01 -8.52
C VAL C 7 -11.70 -2.98 -9.08
N ASN C 8 -12.09 -3.75 -10.10
CA ASN C 8 -11.18 -4.69 -10.74
C ASN C 8 -10.02 -3.95 -11.40
N SER C 9 -10.36 -2.85 -12.09
CA SER C 9 -9.36 -2.03 -12.77
C SER C 9 -8.22 -1.64 -11.84
N VAL C 10 -8.55 -1.44 -10.55
CA VAL C 10 -7.53 -1.07 -9.56
C VAL C 10 -6.55 -2.23 -9.39
N LEU C 11 -7.09 -3.45 -9.31
CA LEU C 11 -6.24 -4.64 -9.16
C LEU C 11 -5.30 -4.78 -10.34
N LEU C 12 -5.82 -4.48 -11.54
CA LEU C 12 -5.04 -4.58 -12.78
C LEU C 12 -3.70 -3.85 -12.64
N PHE C 13 -3.73 -2.58 -12.23
CA PHE C 13 -2.51 -1.80 -12.07
C PHE C 13 -1.73 -2.28 -10.85
N LEU C 14 -2.44 -2.62 -9.78
CA LEU C 14 -1.79 -3.10 -8.54
C LEU C 14 -0.80 -4.21 -8.88
N ALA C 15 -1.18 -5.09 -9.81
CA ALA C 15 -0.33 -6.20 -10.23
C ALA C 15 1.03 -5.67 -10.69
N PHE C 16 1.01 -4.56 -11.41
CA PHE C 16 2.24 -3.94 -11.91
C PHE C 16 2.98 -3.24 -10.76
N VAL C 17 2.22 -2.61 -9.87
CA VAL C 17 2.81 -1.90 -8.73
C VAL C 17 3.64 -2.86 -7.87
N VAL C 18 3.02 -3.98 -7.48
CA VAL C 18 3.72 -4.98 -6.66
C VAL C 18 4.89 -5.58 -7.44
N PHE C 19 4.64 -5.91 -8.70
CA PHE C 19 5.67 -6.49 -9.57
C PHE C 19 6.94 -5.63 -9.52
N LEU C 20 6.75 -4.32 -9.59
CA LEU C 20 7.88 -3.38 -9.55
C LEU C 20 8.41 -3.25 -8.11
N LEU C 21 7.51 -3.31 -7.14
CA LEU C 21 7.89 -3.19 -5.73
C LEU C 21 8.88 -4.28 -5.33
N VAL C 22 8.49 -5.54 -5.52
CA VAL C 22 9.34 -6.68 -5.19
C VAL C 22 10.69 -6.58 -5.92
N THR C 23 10.64 -6.22 -7.20
CA THR C 23 11.85 -6.09 -8.01
C THR C 23 12.73 -4.95 -7.48
N LEU C 24 12.11 -3.95 -6.86
CA LEU C 24 12.85 -2.81 -6.32
C LEU C 24 13.54 -3.21 -5.01
N ALA C 25 12.78 -3.84 -4.11
CA ALA C 25 13.32 -4.28 -2.82
C ALA C 25 14.54 -5.16 -3.04
N ILE C 26 14.34 -6.26 -3.76
CA ILE C 26 15.43 -7.20 -4.07
C ILE C 26 16.63 -6.45 -4.66
N LEU C 27 16.34 -5.40 -5.42
CA LEU C 27 17.38 -4.59 -6.06
C LEU C 27 18.39 -4.09 -5.01
N THR C 28 17.87 -3.51 -3.92
CA THR C 28 18.73 -2.98 -2.86
C THR C 28 19.66 -4.05 -2.30
N ALA C 29 19.24 -5.32 -2.39
CA ALA C 29 20.05 -6.43 -1.90
C ALA C 29 21.41 -6.47 -2.60
N LEU C 30 21.38 -6.18 -3.92
CA LEU C 30 22.58 -6.17 -4.79
C LEU C 30 23.89 -5.93 -4.00
N ARG C 31 24.47 -7.04 -3.52
CA ARG C 31 25.72 -6.96 -2.74
C ARG C 31 26.68 -8.05 -3.18
N GLU D 1 -21.38 9.71 -11.72
CA GLU D 1 -21.52 8.97 -10.44
C GLU D 1 -20.45 9.43 -9.46
N THR D 2 -20.90 10.04 -8.36
CA THR D 2 -19.97 10.54 -7.34
C THR D 2 -19.21 9.38 -6.69
N GLY D 3 -19.91 8.26 -6.48
CA GLY D 3 -19.31 7.07 -5.88
C GLY D 3 -18.16 6.54 -6.73
N THR D 4 -18.27 6.72 -8.05
CA THR D 4 -17.24 6.24 -8.97
C THR D 4 -16.12 7.28 -9.12
N LEU D 5 -16.50 8.55 -9.17
CA LEU D 5 -15.55 9.65 -9.32
C LEU D 5 -14.56 9.69 -8.15
N ILE D 6 -15.09 9.48 -6.94
CA ILE D 6 -14.25 9.51 -5.74
C ILE D 6 -13.20 8.38 -5.79
N VAL D 7 -13.62 7.21 -6.27
CA VAL D 7 -12.72 6.07 -6.38
C VAL D 7 -11.55 6.41 -7.33
N ASN D 8 -11.87 7.10 -8.42
CA ASN D 8 -10.85 7.50 -9.39
C ASN D 8 -9.88 8.49 -8.76
N SER D 9 -10.43 9.43 -8.00
CA SER D 9 -9.61 10.45 -7.32
C SER D 9 -8.50 9.80 -6.50
N VAL D 10 -8.79 8.62 -5.92
CA VAL D 10 -7.79 7.90 -5.12
C VAL D 10 -6.62 7.49 -6.01
N LEU D 11 -6.95 6.97 -7.20
CA LEU D 11 -5.92 6.54 -8.16
C LEU D 11 -5.04 7.72 -8.55
N LEU D 12 -5.66 8.90 -8.72
CA LEU D 12 -4.94 10.11 -9.11
C LEU D 12 -3.73 10.34 -8.21
N PHE D 13 -3.96 10.35 -6.89
CA PHE D 13 -2.86 10.58 -5.93
C PHE D 13 -1.95 9.35 -5.88
N LEU D 14 -2.54 8.16 -5.95
CA LEU D 14 -1.74 6.91 -5.91
C LEU D 14 -0.60 6.98 -6.92
N ALA D 15 -0.90 7.54 -8.09
CA ALA D 15 0.10 7.69 -9.15
C ALA D 15 1.34 8.42 -8.61
N PHE D 16 1.09 9.47 -7.83
CA PHE D 16 2.17 10.25 -7.23
C PHE D 16 2.85 9.47 -6.11
N VAL D 17 2.05 8.74 -5.33
CA VAL D 17 2.57 7.94 -4.21
C VAL D 17 3.59 6.92 -4.73
N VAL D 18 3.21 6.15 -5.74
CA VAL D 18 4.11 5.14 -6.32
C VAL D 18 5.31 5.81 -6.97
N PHE D 19 5.04 6.90 -7.72
CA PHE D 19 6.10 7.64 -8.40
C PHE D 19 7.21 8.00 -7.42
N LEU D 20 6.81 8.45 -6.22
CA LEU D 20 7.75 8.81 -5.18
C LEU D 20 8.35 7.56 -4.53
N LEU D 21 7.52 6.52 -4.38
CA LEU D 21 7.96 5.27 -3.76
C LEU D 21 9.14 4.67 -4.53
N VAL D 22 8.94 4.42 -5.83
CA VAL D 22 10.00 3.84 -6.67
C VAL D 22 11.26 4.71 -6.62
N THR D 23 11.07 6.02 -6.72
CA THR D 23 12.20 6.96 -6.69
C THR D 23 12.91 6.90 -5.33
N LEU D 24 12.17 6.58 -4.27
CA LEU D 24 12.73 6.49 -2.93
C LEU D 24 13.57 5.21 -2.79
N ALA D 25 12.97 4.07 -3.18
CA ALA D 25 13.66 2.77 -3.10
C ALA D 25 15.00 2.83 -3.84
N ILE D 26 14.94 3.17 -5.13
CA ILE D 26 16.15 3.27 -5.95
C ILE D 26 17.17 4.20 -5.29
N LEU D 27 16.67 5.22 -4.59
CA LEU D 27 17.52 6.19 -3.90
C LEU D 27 18.48 5.47 -2.94
N THR D 28 17.94 4.57 -2.12
CA THR D 28 18.77 3.82 -1.15
C THR D 28 19.90 3.08 -1.85
N ALA D 29 19.69 2.70 -3.11
CA ALA D 29 20.70 1.98 -3.88
C ALA D 29 21.99 2.79 -3.98
N LEU D 30 21.84 4.11 -4.14
CA LEU D 30 22.98 5.05 -4.27
C LEU D 30 24.24 4.56 -3.56
N ARG D 31 25.07 3.83 -4.30
CA ARG D 31 26.31 3.28 -3.76
C ARG D 31 27.47 3.48 -4.74
N GLU E 1 -23.43 11.78 2.30
CA GLU E 1 -23.33 10.33 1.99
C GLU E 1 -22.28 9.68 2.88
N THR E 2 -22.72 8.80 3.77
CA THR E 2 -21.81 8.10 4.69
C THR E 2 -20.84 7.22 3.91
N GLY E 3 -21.35 6.58 2.84
CA GLY E 3 -20.53 5.71 2.01
C GLY E 3 -19.36 6.47 1.39
N THR E 4 -19.57 7.76 1.11
CA THR E 4 -18.52 8.59 0.51
C THR E 4 -17.60 9.17 1.59
N LEU E 5 -18.20 9.56 2.72
CA LEU E 5 -17.45 10.15 3.83
C LEU E 5 -16.42 9.16 4.38
N ILE E 6 -16.82 7.90 4.51
CA ILE E 6 -15.94 6.86 5.04
C ILE E 6 -14.72 6.67 4.12
N VAL E 7 -14.97 6.72 2.81
CA VAL E 7 -13.88 6.57 1.83
C VAL E 7 -12.86 7.69 2.00
N ASN E 8 -13.35 8.91 2.26
CA ASN E 8 -12.47 10.05 2.47
C ASN E 8 -11.63 9.87 3.73
N SER E 9 -12.28 9.38 4.79
CA SER E 9 -11.62 9.14 6.06
C SER E 9 -10.36 8.28 5.88
N VAL E 10 -10.42 7.34 4.92
CA VAL E 10 -9.28 6.47 4.65
C VAL E 10 -8.11 7.31 4.14
N LEU E 11 -8.41 8.24 3.22
CA LEU E 11 -7.38 9.11 2.66
C LEU E 11 -6.72 9.94 3.76
N LEU E 12 -7.55 10.40 4.71
CA LEU E 12 -7.07 11.21 5.82
C LEU E 12 -5.86 10.57 6.50
N PHE E 13 -6.01 9.30 6.90
CA PHE E 13 -4.91 8.59 7.56
C PHE E 13 -3.81 8.24 6.57
N LEU E 14 -4.19 7.87 5.34
CA LEU E 14 -3.21 7.53 4.31
C LEU E 14 -2.15 8.62 4.21
N ALA E 15 -2.60 9.88 4.32
CA ALA E 15 -1.69 11.03 4.26
C ALA E 15 -0.57 10.87 5.28
N PHE E 16 -0.93 10.44 6.48
CA PHE E 16 0.05 10.23 7.55
C PHE E 16 0.91 9.00 7.28
N VAL E 17 0.27 7.95 6.74
CA VAL E 17 0.98 6.70 6.42
C VAL E 17 2.12 6.97 5.45
N VAL E 18 1.82 7.68 4.34
CA VAL E 18 2.84 7.99 3.34
C VAL E 18 3.87 8.95 3.91
N PHE E 19 3.38 9.95 4.65
CA PHE E 19 4.27 10.95 5.28
C PHE E 19 5.36 10.24 6.08
N LEU E 20 4.95 9.21 6.83
CA LEU E 20 5.89 8.44 7.64
C LEU E 20 6.71 7.50 6.77
N LEU E 21 6.08 6.96 5.72
CA LEU E 21 6.76 6.04 4.80
C LEU E 21 7.98 6.69 4.17
N VAL E 22 7.75 7.82 3.47
CA VAL E 22 8.83 8.54 2.81
C VAL E 22 9.93 8.91 3.81
N THR E 23 9.53 9.38 4.99
CA THR E 23 10.49 9.76 6.03
C THR E 23 11.28 8.54 6.51
N LEU E 24 10.65 7.35 6.45
CA LEU E 24 11.31 6.13 6.88
C LEU E 24 12.34 5.68 5.84
N ALA E 25 11.92 5.65 4.57
CA ALA E 25 12.81 5.25 3.48
C ALA E 25 14.07 6.11 3.48
N ILE E 26 13.89 7.42 3.35
CA ILE E 26 15.03 8.36 3.35
C ILE E 26 15.91 8.12 4.58
N LEU E 27 15.29 7.71 5.69
CA LEU E 27 16.01 7.46 6.93
C LEU E 27 17.14 6.44 6.70
N THR E 28 16.82 5.33 6.02
CA THR E 28 17.81 4.28 5.74
C THR E 28 19.01 4.84 4.96
N ALA E 29 18.78 5.89 4.18
CA ALA E 29 19.85 6.51 3.39
C ALA E 29 20.98 7.07 4.29
N LEU E 30 20.61 7.33 5.59
CA LEU E 30 21.55 7.95 6.49
C LEU E 30 22.91 7.20 6.36
N ARG E 31 23.85 7.85 5.68
CA ARG E 31 25.19 7.30 5.47
C ARG E 31 26.25 8.39 5.52
N GLU A 1 -24.49 1.07 8.06
CA GLU A 1 -23.91 0.42 9.27
C GLU A 1 -23.16 -0.84 8.84
N THR A 2 -23.84 -1.69 8.05
CA THR A 2 -23.24 -2.93 7.58
C THR A 2 -22.02 -2.64 6.70
N GLY A 3 -22.17 -1.67 5.80
CA GLY A 3 -21.08 -1.29 4.89
C GLY A 3 -19.88 -0.77 5.66
N THR A 4 -20.14 0.11 6.63
CA THR A 4 -19.06 0.70 7.43
C THR A 4 -18.31 -0.39 8.20
N LEU A 5 -19.04 -1.39 8.69
CA LEU A 5 -18.44 -2.49 9.45
C LEU A 5 -17.45 -3.24 8.57
N ILE A 6 -17.85 -3.52 7.32
CA ILE A 6 -16.98 -4.25 6.39
C ILE A 6 -15.69 -3.45 6.15
N VAL A 7 -15.84 -2.14 5.96
CA VAL A 7 -14.69 -1.27 5.71
C VAL A 7 -13.74 -1.30 6.93
N ASN A 8 -14.32 -1.15 8.12
CA ASN A 8 -13.54 -1.15 9.36
C ASN A 8 -12.79 -2.47 9.52
N SER A 9 -13.46 -3.58 9.17
CA SER A 9 -12.86 -4.91 9.28
C SER A 9 -11.54 -4.97 8.51
N VAL A 10 -11.55 -4.43 7.29
CA VAL A 10 -10.35 -4.43 6.45
C VAL A 10 -9.30 -3.49 7.05
N LEU A 11 -9.74 -2.32 7.50
CA LEU A 11 -8.83 -1.35 8.11
C LEU A 11 -8.14 -1.92 9.34
N LEU A 12 -8.89 -2.71 10.11
CA LEU A 12 -8.35 -3.34 11.33
C LEU A 12 -7.05 -4.06 11.03
N PHE A 13 -7.08 -4.92 10.00
CA PHE A 13 -5.89 -5.67 9.60
C PHE A 13 -4.81 -4.72 9.06
N LEU A 14 -5.26 -3.71 8.32
CA LEU A 14 -4.35 -2.73 7.74
C LEU A 14 -3.48 -2.09 8.83
N ALA A 15 -4.12 -1.75 9.95
CA ALA A 15 -3.43 -1.13 11.07
C ALA A 15 -2.19 -1.92 11.45
N PHE A 16 -2.35 -3.24 11.52
CA PHE A 16 -1.25 -4.13 11.89
C PHE A 16 -0.19 -4.14 10.78
N VAL A 17 -0.64 -4.18 9.52
CA VAL A 17 0.27 -4.21 8.38
C VAL A 17 1.18 -2.96 8.40
N VAL A 18 0.58 -1.80 8.61
CA VAL A 18 1.33 -0.54 8.65
C VAL A 18 2.30 -0.55 9.82
N PHE A 19 1.76 -0.71 11.04
CA PHE A 19 2.58 -0.73 12.25
C PHE A 19 3.80 -1.65 12.07
N LEU A 20 3.57 -2.79 11.42
CA LEU A 20 4.65 -3.74 11.16
C LEU A 20 5.59 -3.20 10.08
N LEU A 21 5.02 -2.53 9.08
CA LEU A 21 5.80 -1.96 7.98
C LEU A 21 6.84 -0.96 8.50
N VAL A 22 6.36 0.07 9.21
CA VAL A 22 7.24 1.09 9.75
C VAL A 22 8.33 0.45 10.63
N THR A 23 7.92 -0.48 11.48
CA THR A 23 8.85 -1.16 12.38
C THR A 23 9.89 -1.96 11.57
N LEU A 24 9.50 -2.43 10.39
CA LEU A 24 10.41 -3.20 9.54
C LEU A 24 11.45 -2.27 8.91
N ALA A 25 10.99 -1.13 8.39
CA ALA A 25 11.89 -0.16 7.76
C ALA A 25 13.00 0.23 8.73
N ILE A 26 12.61 0.74 9.89
CA ILE A 26 13.59 1.14 10.92
C ILE A 26 14.59 0.02 11.19
N LEU A 27 14.13 -1.23 11.06
CA LEU A 27 14.99 -2.40 11.29
C LEU A 27 16.22 -2.32 10.40
N THR A 28 16.03 -1.89 9.14
CA THR A 28 17.17 -1.77 8.21
C THR A 28 18.14 -0.69 8.70
N ALA A 29 17.63 0.28 9.49
CA ALA A 29 18.47 1.35 10.03
C ALA A 29 19.59 0.74 10.87
N LEU A 30 19.22 -0.28 11.68
CA LEU A 30 20.16 -1.03 12.54
C LEU A 30 21.61 -0.89 12.12
N ARG A 31 22.24 0.16 12.70
CA ARG A 31 23.65 0.43 12.41
C ARG A 31 24.37 0.92 13.65
N GLU B 1 -23.77 -10.03 0.18
CA GLU B 1 -23.01 -11.30 0.04
C GLU B 1 -22.11 -11.20 -1.20
N THR B 2 -22.68 -10.80 -2.32
CA THR B 2 -21.94 -10.68 -3.57
C THR B 2 -20.83 -9.63 -3.41
N GLY B 3 -21.18 -8.48 -2.83
CA GLY B 3 -20.23 -7.39 -2.64
C GLY B 3 -19.08 -7.82 -1.73
N THR B 4 -19.42 -8.47 -0.61
CA THR B 4 -18.41 -8.93 0.34
C THR B 4 -17.45 -9.91 -0.32
N LEU B 5 -17.98 -10.77 -1.19
CA LEU B 5 -17.16 -11.76 -1.90
C LEU B 5 -16.10 -11.07 -2.75
N ILE B 6 -16.52 -10.01 -3.45
CA ILE B 6 -15.62 -9.25 -4.31
C ILE B 6 -14.49 -8.64 -3.47
N VAL B 7 -14.86 -8.05 -2.33
CA VAL B 7 -13.90 -7.42 -1.43
C VAL B 7 -12.90 -8.47 -0.94
N ASN B 8 -13.41 -9.61 -0.47
CA ASN B 8 -12.57 -10.69 0.03
C ASN B 8 -11.60 -11.19 -1.04
N SER B 9 -12.10 -11.26 -2.29
CA SER B 9 -11.28 -11.72 -3.41
C SER B 9 -10.02 -10.87 -3.54
N VAL B 10 -10.19 -9.55 -3.41
CA VAL B 10 -9.07 -8.62 -3.52
C VAL B 10 -8.14 -8.77 -2.30
N LEU B 11 -8.75 -8.89 -1.13
CA LEU B 11 -7.98 -9.05 0.11
C LEU B 11 -7.12 -10.32 0.06
N LEU B 12 -7.68 -11.37 -0.54
CA LEU B 12 -6.99 -12.66 -0.65
C LEU B 12 -5.57 -12.47 -1.19
N PHE B 13 -5.44 -11.84 -2.35
CA PHE B 13 -4.13 -11.62 -2.96
C PHE B 13 -3.32 -10.65 -2.10
N LEU B 14 -3.99 -9.64 -1.51
CA LEU B 14 -3.32 -8.66 -0.67
C LEU B 14 -2.51 -9.38 0.42
N ALA B 15 -3.14 -10.40 1.01
CA ALA B 15 -2.49 -11.19 2.07
C ALA B 15 -1.11 -11.67 1.62
N PHE B 16 -1.05 -12.15 0.37
CA PHE B 16 0.21 -12.64 -0.19
C PHE B 16 1.18 -11.49 -0.42
N VAL B 17 0.66 -10.37 -0.92
CA VAL B 17 1.49 -9.18 -1.18
C VAL B 17 2.17 -8.71 0.11
N VAL B 18 1.40 -8.62 1.18
CA VAL B 18 1.93 -8.18 2.48
C VAL B 18 2.96 -9.18 2.99
N PHE B 19 2.53 -10.43 3.15
CA PHE B 19 3.42 -11.50 3.65
C PHE B 19 4.76 -11.47 2.89
N LEU B 20 4.69 -11.22 1.59
CA LEU B 20 5.90 -11.16 0.76
C LEU B 20 6.66 -9.85 1.03
N LEU B 21 5.92 -8.77 1.28
CA LEU B 21 6.53 -7.47 1.54
C LEU B 21 7.41 -7.53 2.79
N VAL B 22 6.82 -7.94 3.92
CA VAL B 22 7.55 -8.04 5.18
C VAL B 22 8.77 -8.94 5.02
N THR B 23 8.58 -10.08 4.36
CA THR B 23 9.68 -11.03 4.14
C THR B 23 10.78 -10.40 3.28
N LEU B 24 10.40 -9.48 2.39
CA LEU B 24 11.37 -8.81 1.53
C LEU B 24 12.20 -7.82 2.33
N ALA B 25 11.52 -7.03 3.17
CA ALA B 25 12.21 -6.03 4.00
C ALA B 25 13.29 -6.69 4.83
N ILE B 26 12.90 -7.67 5.65
CA ILE B 26 13.85 -8.39 6.49
C ILE B 26 15.05 -8.89 5.67
N LEU B 27 14.79 -9.21 4.39
CA LEU B 27 15.84 -9.69 3.50
C LEU B 27 16.99 -8.70 3.44
N THR B 28 16.66 -7.41 3.38
CA THR B 28 17.69 -6.36 3.33
C THR B 28 18.52 -6.35 4.62
N ALA B 29 17.92 -6.80 5.73
CA ALA B 29 18.60 -6.84 7.02
C ALA B 29 19.85 -7.73 6.91
N LEU B 30 19.68 -8.88 6.24
CA LEU B 30 20.74 -9.89 6.00
C LEU B 30 22.16 -9.31 6.12
N ARG B 31 22.66 -9.28 7.37
CA ARG B 31 23.99 -8.76 7.65
C ARG B 31 24.75 -9.70 8.59
N GLU C 1 -21.73 -5.95 -12.50
CA GLU C 1 -20.78 -6.13 -13.64
C GLU C 1 -19.99 -4.84 -13.84
N THR C 2 -20.70 -3.72 -13.90
CA THR C 2 -20.06 -2.43 -14.10
C THR C 2 -19.13 -2.11 -12.92
N GLY C 3 -19.64 -2.34 -11.70
CA GLY C 3 -18.86 -2.08 -10.50
C GLY C 3 -17.60 -2.95 -10.45
N THR C 4 -17.76 -4.24 -10.76
CA THR C 4 -16.65 -5.17 -10.75
C THR C 4 -15.57 -4.74 -11.75
N LEU C 5 -16.01 -4.25 -12.91
CA LEU C 5 -15.08 -3.80 -13.95
C LEU C 5 -14.21 -2.65 -13.43
N ILE C 6 -14.84 -1.71 -12.73
CA ILE C 6 -14.11 -0.56 -12.18
C ILE C 6 -13.07 -1.03 -11.17
N VAL C 7 -13.46 -1.98 -10.31
CA VAL C 7 -12.55 -2.52 -9.30
C VAL C 7 -11.36 -3.20 -9.97
N ASN C 8 -11.65 -4.04 -10.98
CA ASN C 8 -10.62 -4.76 -11.70
C ASN C 8 -9.66 -3.79 -12.39
N SER C 9 -10.20 -2.69 -12.92
CA SER C 9 -9.39 -1.68 -13.61
C SER C 9 -8.31 -1.15 -12.68
N VAL C 10 -8.67 -0.88 -11.43
CA VAL C 10 -7.72 -0.36 -10.44
C VAL C 10 -6.72 -1.45 -10.07
N LEU C 11 -7.21 -2.67 -9.88
CA LEU C 11 -6.36 -3.81 -9.52
C LEU C 11 -5.32 -4.06 -10.61
N LEU C 12 -5.72 -3.88 -11.87
CA LEU C 12 -4.83 -4.10 -13.02
C LEU C 12 -3.51 -3.38 -12.82
N PHE C 13 -3.56 -2.06 -12.59
CA PHE C 13 -2.34 -1.28 -12.39
C PHE C 13 -1.64 -1.70 -11.09
N LEU C 14 -2.43 -2.01 -10.06
CA LEU C 14 -1.87 -2.44 -8.77
C LEU C 14 -0.90 -3.59 -8.99
N ALA C 15 -1.31 -4.54 -9.83
CA ALA C 15 -0.48 -5.70 -10.15
C ALA C 15 0.92 -5.27 -10.55
N PHE C 16 1.00 -4.25 -11.40
CA PHE C 16 2.28 -3.73 -11.87
C PHE C 16 3.03 -3.04 -10.74
N VAL C 17 2.30 -2.29 -9.91
CA VAL C 17 2.90 -1.57 -8.79
C VAL C 17 3.58 -2.55 -7.84
N VAL C 18 2.88 -3.63 -7.50
CA VAL C 18 3.42 -4.66 -6.59
C VAL C 18 4.63 -5.33 -7.23
N PHE C 19 4.41 -5.92 -8.41
CA PHE C 19 5.48 -6.62 -9.14
C PHE C 19 6.75 -5.75 -9.19
N LEU C 20 6.57 -4.45 -9.38
CA LEU C 20 7.69 -3.51 -9.42
C LEU C 20 8.24 -3.29 -8.01
N LEU C 21 7.35 -3.26 -7.02
CA LEU C 21 7.76 -3.03 -5.63
C LEU C 21 8.71 -4.13 -5.16
N VAL C 22 8.26 -5.39 -5.26
CA VAL C 22 9.07 -6.53 -4.83
C VAL C 22 10.43 -6.52 -5.56
N THR C 23 10.38 -6.29 -6.87
CA THR C 23 11.59 -6.25 -7.69
C THR C 23 12.53 -5.13 -7.25
N LEU C 24 11.95 -4.05 -6.71
CA LEU C 24 12.74 -2.91 -6.24
C LEU C 24 13.45 -3.27 -4.92
N ALA C 25 12.70 -3.88 -4.00
CA ALA C 25 13.26 -4.27 -2.71
C ALA C 25 14.49 -5.13 -2.91
N ILE C 26 14.31 -6.26 -3.61
CA ILE C 26 15.42 -7.19 -3.89
C ILE C 26 16.63 -6.43 -4.47
N LEU C 27 16.36 -5.36 -5.22
CA LEU C 27 17.41 -4.55 -5.83
C LEU C 27 18.39 -4.05 -4.77
N THR C 28 17.84 -3.60 -3.63
CA THR C 28 18.68 -3.09 -2.54
C THR C 28 19.58 -4.20 -1.97
N ALA C 29 19.13 -5.45 -2.07
CA ALA C 29 19.89 -6.59 -1.59
C ALA C 29 21.24 -6.68 -2.30
N LEU C 30 21.21 -6.42 -3.62
CA LEU C 30 22.41 -6.46 -4.50
C LEU C 30 23.71 -6.17 -3.72
N ARG C 31 24.32 -7.24 -3.20
CA ARG C 31 25.56 -7.11 -2.44
C ARG C 31 26.58 -8.16 -2.91
N GLU D 1 -21.15 7.70 -12.54
CA GLU D 1 -20.26 8.83 -12.93
C GLU D 1 -19.70 9.48 -11.68
N THR D 2 -20.59 9.82 -10.74
CA THR D 2 -20.17 10.46 -9.49
C THR D 2 -19.25 9.53 -8.70
N GLY D 3 -19.65 8.26 -8.60
CA GLY D 3 -18.86 7.28 -7.86
C GLY D 3 -17.48 7.10 -8.49
N THR D 4 -17.45 6.98 -9.82
CA THR D 4 -16.20 6.80 -10.55
C THR D 4 -15.27 7.98 -10.33
N LEU D 5 -15.84 9.19 -10.31
CA LEU D 5 -15.06 10.41 -10.09
C LEU D 5 -14.35 10.37 -8.74
N ILE D 6 -15.07 9.94 -7.71
CA ILE D 6 -14.52 9.85 -6.36
C ILE D 6 -13.35 8.86 -6.33
N VAL D 7 -13.54 7.71 -6.99
CA VAL D 7 -12.49 6.69 -7.05
C VAL D 7 -11.25 7.24 -7.75
N ASN D 8 -11.46 7.89 -8.90
CA ASN D 8 -10.36 8.46 -9.67
C ASN D 8 -9.61 9.51 -8.86
N SER D 9 -10.36 10.30 -8.07
CA SER D 9 -9.76 11.35 -7.25
C SER D 9 -8.73 10.75 -6.29
N VAL D 10 -9.07 9.62 -5.69
CA VAL D 10 -8.15 8.94 -4.75
C VAL D 10 -6.96 8.36 -5.51
N LEU D 11 -7.25 7.75 -6.67
CA LEU D 11 -6.21 7.14 -7.50
C LEU D 11 -5.20 8.20 -7.95
N LEU D 12 -5.70 9.41 -8.24
CA LEU D 12 -4.85 10.52 -8.70
C LEU D 12 -3.65 10.70 -7.78
N PHE D 13 -3.91 10.87 -6.48
CA PHE D 13 -2.82 11.06 -5.52
C PHE D 13 -1.98 9.78 -5.40
N LEU D 14 -2.65 8.62 -5.46
CA LEU D 14 -1.96 7.34 -5.37
C LEU D 14 -0.83 7.28 -6.39
N ALA D 15 -1.12 7.74 -7.60
CA ALA D 15 -0.15 7.76 -8.69
C ALA D 15 1.15 8.43 -8.22
N PHE D 16 1.00 9.56 -7.52
CA PHE D 16 2.16 10.30 -7.02
C PHE D 16 2.85 9.52 -5.91
N VAL D 17 2.06 8.90 -5.03
CA VAL D 17 2.60 8.12 -3.91
C VAL D 17 3.48 6.99 -4.44
N VAL D 18 2.99 6.27 -5.44
CA VAL D 18 3.73 5.15 -6.04
C VAL D 18 4.99 5.68 -6.72
N PHE D 19 4.79 6.61 -7.67
CA PHE D 19 5.91 7.21 -8.42
C PHE D 19 7.03 7.63 -7.46
N LEU D 20 6.63 8.20 -6.32
CA LEU D 20 7.59 8.64 -5.32
C LEU D 20 8.19 7.44 -4.57
N LEU D 21 7.36 6.41 -4.35
CA LEU D 21 7.80 5.21 -3.64
C LEU D 21 8.95 4.53 -4.39
N VAL D 22 8.70 4.21 -5.66
CA VAL D 22 9.72 3.54 -6.48
C VAL D 22 10.99 4.37 -6.54
N THR D 23 10.83 5.68 -6.75
CA THR D 23 11.97 6.60 -6.81
C THR D 23 12.74 6.62 -5.50
N LEU D 24 12.02 6.40 -4.38
CA LEU D 24 12.64 6.38 -3.06
C LEU D 24 13.48 5.10 -2.88
N ALA D 25 12.90 3.95 -3.25
CA ALA D 25 13.60 2.67 -3.13
C ALA D 25 14.95 2.73 -3.85
N ILE D 26 14.90 3.04 -5.14
CA ILE D 26 16.13 3.14 -5.95
C ILE D 26 17.17 4.04 -5.27
N LEU D 27 16.68 5.05 -4.54
CA LEU D 27 17.54 6.00 -3.84
C LEU D 27 18.49 5.25 -2.90
N THR D 28 17.95 4.27 -2.16
CA THR D 28 18.76 3.49 -1.22
C THR D 28 19.86 2.71 -1.96
N ALA D 29 19.61 2.37 -3.22
CA ALA D 29 20.59 1.64 -4.03
C ALA D 29 21.87 2.43 -4.18
N LEU D 30 21.72 3.76 -4.35
CA LEU D 30 22.86 4.69 -4.53
C LEU D 30 24.12 4.23 -3.77
N ARG D 31 24.97 3.49 -4.49
CA ARG D 31 26.21 2.97 -3.91
C ARG D 31 27.38 3.22 -4.86
N GLU E 1 -22.90 11.97 0.20
CA GLU E 1 -22.22 12.81 1.22
C GLU E 1 -21.66 11.91 2.32
N THR E 2 -22.52 11.03 2.84
CA THR E 2 -22.12 10.11 3.90
C THR E 2 -21.02 9.17 3.40
N GLY E 3 -21.21 8.64 2.19
CA GLY E 3 -20.24 7.72 1.59
C GLY E 3 -18.88 8.40 1.40
N THR E 4 -18.91 9.64 0.90
CA THR E 4 -17.67 10.39 0.66
C THR E 4 -16.94 10.64 1.98
N LEU E 5 -17.71 10.93 3.04
CA LEU E 5 -17.11 11.19 4.35
C LEU E 5 -16.34 9.98 4.84
N ILE E 6 -16.93 8.79 4.67
CA ILE E 6 -16.29 7.55 5.11
C ILE E 6 -14.97 7.34 4.36
N VAL E 7 -15.00 7.58 3.05
CA VAL E 7 -13.80 7.43 2.22
C VAL E 7 -12.72 8.40 2.68
N ASN E 8 -13.10 9.66 2.89
CA ASN E 8 -12.16 10.68 3.34
C ASN E 8 -11.54 10.31 4.69
N SER E 9 -12.37 9.74 5.57
CA SER E 9 -11.90 9.34 6.90
C SER E 9 -10.72 8.38 6.80
N VAL E 10 -10.84 7.40 5.88
CA VAL E 10 -9.78 6.41 5.68
C VAL E 10 -8.56 7.08 5.06
N LEU E 11 -8.80 7.95 4.08
CA LEU E 11 -7.72 8.65 3.39
C LEU E 11 -6.93 9.52 4.37
N LEU E 12 -7.64 10.11 5.33
CA LEU E 12 -7.02 10.98 6.34
C LEU E 12 -5.81 10.29 6.98
N PHE E 13 -6.02 9.09 7.52
CA PHE E 13 -4.94 8.35 8.16
C PHE E 13 -3.91 7.92 7.12
N LEU E 14 -4.37 7.56 5.92
CA LEU E 14 -3.46 7.15 4.84
C LEU E 14 -2.39 8.21 4.62
N ALA E 15 -2.83 9.47 4.63
CA ALA E 15 -1.92 10.60 4.44
C ALA E 15 -0.74 10.50 5.39
N PHE E 16 -1.02 10.18 6.65
CA PHE E 16 0.03 10.05 7.67
C PHE E 16 0.89 8.83 7.40
N VAL E 17 0.26 7.72 6.99
CA VAL E 17 0.99 6.49 6.70
C VAL E 17 2.01 6.73 5.59
N VAL E 18 1.59 7.39 4.51
CA VAL E 18 2.48 7.68 3.39
C VAL E 18 3.59 8.64 3.83
N PHE E 19 3.19 9.80 4.36
CA PHE E 19 4.16 10.80 4.83
C PHE E 19 5.24 10.15 5.69
N LEU E 20 4.83 9.21 6.53
CA LEU E 20 5.76 8.50 7.40
C LEU E 20 6.58 7.49 6.60
N LEU E 21 5.95 6.87 5.60
CA LEU E 21 6.62 5.88 4.76
C LEU E 21 7.82 6.49 4.04
N VAL E 22 7.57 7.56 3.27
CA VAL E 22 8.63 8.24 2.52
C VAL E 22 9.74 8.68 3.47
N THR E 23 9.35 9.26 4.60
CA THR E 23 10.33 9.73 5.60
C THR E 23 11.16 8.57 6.15
N LEU E 24 10.55 7.37 6.19
CA LEU E 24 11.24 6.18 6.70
C LEU E 24 12.28 5.71 5.68
N ALA E 25 11.88 5.65 4.41
CA ALA E 25 12.78 5.21 3.34
C ALA E 25 14.06 6.04 3.34
N ILE E 26 13.89 7.36 3.20
CA ILE E 26 15.03 8.29 3.19
C ILE E 26 15.95 8.03 4.40
N LEU E 27 15.34 7.59 5.52
CA LEU E 27 16.08 7.32 6.75
C LEU E 27 17.20 6.30 6.47
N THR E 28 16.87 5.24 5.72
CA THR E 28 17.85 4.21 5.40
C THR E 28 19.02 4.78 4.59
N ALA E 29 18.75 5.84 3.82
CA ALA E 29 19.79 6.49 3.00
C ALA E 29 20.92 7.07 3.89
N LEU E 30 20.55 7.37 5.18
CA LEU E 30 21.47 8.03 6.05
C LEU E 30 22.85 7.27 5.94
N ARG E 31 23.80 7.92 5.27
CA ARG E 31 25.12 7.36 5.08
C ARG E 31 26.18 8.47 5.14
N GLU A 1 -23.29 0.57 11.03
CA GLU A 1 -24.00 -0.03 9.87
C GLU A 1 -23.18 -1.20 9.32
N THR A 2 -23.82 -2.02 8.48
CA THR A 2 -23.15 -3.17 7.89
C THR A 2 -21.96 -2.72 7.03
N GLY A 3 -22.19 -1.67 6.24
CA GLY A 3 -21.15 -1.15 5.36
C GLY A 3 -19.95 -0.67 6.17
N THR A 4 -20.20 0.11 7.21
CA THR A 4 -19.14 0.63 8.06
C THR A 4 -18.35 -0.51 8.72
N LEU A 5 -19.07 -1.56 9.11
CA LEU A 5 -18.46 -2.72 9.74
C LEU A 5 -17.41 -3.34 8.81
N ILE A 6 -17.78 -3.49 7.54
CA ILE A 6 -16.88 -4.07 6.55
C ILE A 6 -15.62 -3.21 6.42
N VAL A 7 -15.81 -1.88 6.39
CA VAL A 7 -14.69 -0.94 6.27
C VAL A 7 -13.74 -1.11 7.45
N ASN A 8 -14.31 -1.24 8.65
CA ASN A 8 -13.50 -1.41 9.87
C ASN A 8 -12.77 -2.76 9.85
N SER A 9 -13.46 -3.79 9.35
CA SER A 9 -12.90 -5.13 9.29
C SER A 9 -11.55 -5.13 8.56
N VAL A 10 -11.52 -4.55 7.36
CA VAL A 10 -10.30 -4.49 6.56
C VAL A 10 -9.28 -3.54 7.21
N LEU A 11 -9.77 -2.46 7.83
CA LEU A 11 -8.90 -1.48 8.47
C LEU A 11 -8.16 -2.11 9.65
N LEU A 12 -8.84 -2.99 10.39
CA LEU A 12 -8.26 -3.65 11.56
C LEU A 12 -6.88 -4.23 11.25
N PHE A 13 -6.80 -5.18 10.31
CA PHE A 13 -5.53 -5.79 9.96
C PHE A 13 -4.59 -4.76 9.34
N LEU A 14 -5.14 -3.83 8.54
CA LEU A 14 -4.35 -2.79 7.90
C LEU A 14 -3.48 -2.09 8.96
N ALA A 15 -4.12 -1.71 10.07
CA ALA A 15 -3.43 -1.04 11.16
C ALA A 15 -2.18 -1.83 11.57
N PHE A 16 -2.34 -3.15 11.67
CA PHE A 16 -1.22 -4.02 12.06
C PHE A 16 -0.14 -4.00 10.98
N VAL A 17 -0.57 -4.06 9.71
CA VAL A 17 0.37 -4.06 8.59
C VAL A 17 1.21 -2.78 8.61
N VAL A 18 0.55 -1.65 8.86
CA VAL A 18 1.23 -0.36 8.91
C VAL A 18 2.21 -0.33 10.09
N PHE A 19 1.67 -0.48 11.31
CA PHE A 19 2.49 -0.46 12.53
C PHE A 19 3.73 -1.35 12.35
N LEU A 20 3.53 -2.51 11.73
CA LEU A 20 4.63 -3.44 11.48
C LEU A 20 5.53 -2.92 10.37
N LEU A 21 4.91 -2.29 9.36
CA LEU A 21 5.66 -1.74 8.23
C LEU A 21 6.73 -0.76 8.72
N VAL A 22 6.30 0.21 9.53
CA VAL A 22 7.24 1.20 10.07
C VAL A 22 8.29 0.52 10.94
N THR A 23 7.86 -0.51 11.69
CA THR A 23 8.77 -1.26 12.56
C THR A 23 9.83 -1.99 11.73
N LEU A 24 9.45 -2.41 10.52
CA LEU A 24 10.38 -3.13 9.64
C LEU A 24 11.42 -2.16 9.07
N ALA A 25 10.96 -1.01 8.59
CA ALA A 25 11.85 -0.01 8.02
C ALA A 25 12.91 0.40 9.03
N ILE A 26 12.47 0.77 10.23
CA ILE A 26 13.40 1.17 11.29
C ILE A 26 14.32 0.01 11.65
N LEU A 27 13.78 -1.22 11.59
CA LEU A 27 14.55 -2.42 11.91
C LEU A 27 15.78 -2.52 10.99
N THR A 28 15.55 -2.35 9.68
CA THR A 28 16.66 -2.44 8.72
C THR A 28 17.76 -1.43 9.07
N ALA A 29 17.39 -0.35 9.77
CA ALA A 29 18.36 0.66 10.18
C ALA A 29 19.49 0.01 10.96
N LEU A 30 19.12 -0.98 11.81
CA LEU A 30 20.07 -1.78 12.62
C LEU A 30 21.52 -1.55 12.23
N ARG A 31 22.11 -0.53 12.89
CA ARG A 31 23.51 -0.19 12.63
C ARG A 31 24.16 0.43 13.87
N GLU B 1 -22.34 -12.82 0.92
CA GLU B 1 -23.01 -12.01 -0.13
C GLU B 1 -22.06 -11.78 -1.29
N THR B 2 -22.60 -11.33 -2.42
CA THR B 2 -21.81 -11.08 -3.61
C THR B 2 -20.76 -9.99 -3.34
N GLY B 3 -21.20 -8.92 -2.65
CA GLY B 3 -20.30 -7.81 -2.33
C GLY B 3 -19.14 -8.28 -1.45
N THR B 4 -19.46 -9.04 -0.41
CA THR B 4 -18.44 -9.55 0.51
C THR B 4 -17.45 -10.45 -0.23
N LEU B 5 -17.96 -11.23 -1.18
CA LEU B 5 -17.13 -12.13 -1.97
C LEU B 5 -16.05 -11.34 -2.71
N ILE B 6 -16.46 -10.21 -3.29
CA ILE B 6 -15.53 -9.35 -4.04
C ILE B 6 -14.46 -8.81 -3.10
N VAL B 7 -14.87 -8.40 -1.90
CA VAL B 7 -13.93 -7.86 -0.90
C VAL B 7 -12.90 -8.93 -0.53
N ASN B 8 -13.36 -10.17 -0.37
CA ASN B 8 -12.46 -11.27 -0.02
C ASN B 8 -11.53 -11.60 -1.18
N SER B 9 -12.06 -11.52 -2.41
CA SER B 9 -11.28 -11.82 -3.61
C SER B 9 -10.00 -10.98 -3.66
N VAL B 10 -10.15 -9.66 -3.46
CA VAL B 10 -9.01 -8.75 -3.50
C VAL B 10 -8.11 -8.95 -2.27
N LEU B 11 -8.74 -9.26 -1.12
CA LEU B 11 -8.00 -9.48 0.12
C LEU B 11 -7.09 -10.70 0.00
N LEU B 12 -7.59 -11.74 -0.67
CA LEU B 12 -6.84 -12.99 -0.83
C LEU B 12 -5.40 -12.73 -1.29
N PHE B 13 -5.23 -12.11 -2.47
CA PHE B 13 -3.89 -11.83 -2.99
C PHE B 13 -3.15 -10.82 -2.10
N LEU B 14 -3.91 -9.86 -1.54
CA LEU B 14 -3.32 -8.86 -0.66
C LEU B 14 -2.52 -9.54 0.45
N ALA B 15 -3.14 -10.52 1.08
CA ALA B 15 -2.51 -11.28 2.16
C ALA B 15 -1.13 -11.79 1.74
N PHE B 16 -1.04 -12.28 0.50
CA PHE B 16 0.21 -12.78 -0.03
C PHE B 16 1.22 -11.65 -0.23
N VAL B 17 0.73 -10.52 -0.73
CA VAL B 17 1.59 -9.35 -0.97
C VAL B 17 2.20 -8.88 0.35
N VAL B 18 1.37 -8.83 1.40
CA VAL B 18 1.84 -8.39 2.72
C VAL B 18 2.86 -9.39 3.27
N PHE B 19 2.43 -10.65 3.44
CA PHE B 19 3.30 -11.70 3.96
C PHE B 19 4.66 -11.68 3.25
N LEU B 20 4.62 -11.48 1.94
CA LEU B 20 5.84 -11.42 1.13
C LEU B 20 6.56 -10.08 1.38
N LEU B 21 5.79 -9.01 1.56
CA LEU B 21 6.37 -7.68 1.80
C LEU B 21 7.28 -7.72 3.02
N VAL B 22 6.77 -8.22 4.14
CA VAL B 22 7.55 -8.31 5.37
C VAL B 22 8.75 -9.23 5.16
N THR B 23 8.54 -10.30 4.39
CA THR B 23 9.61 -11.26 4.09
C THR B 23 10.72 -10.58 3.28
N LEU B 24 10.35 -9.62 2.44
CA LEU B 24 11.32 -8.91 1.61
C LEU B 24 12.15 -7.95 2.46
N ALA B 25 11.47 -7.21 3.33
CA ALA B 25 12.15 -6.24 4.20
C ALA B 25 13.21 -6.95 5.05
N ILE B 26 12.78 -8.00 5.75
CA ILE B 26 13.70 -8.77 6.59
C ILE B 26 14.82 -9.37 5.74
N LEU B 27 14.48 -9.76 4.51
CA LEU B 27 15.46 -10.35 3.60
C LEU B 27 16.62 -9.38 3.34
N THR B 28 16.30 -8.13 3.05
CA THR B 28 17.33 -7.12 2.79
C THR B 28 18.30 -6.99 3.97
N ALA B 29 17.80 -7.31 5.18
CA ALA B 29 18.63 -7.23 6.39
C ALA B 29 19.89 -8.09 6.22
N LEU B 30 19.71 -9.26 5.59
CA LEU B 30 20.80 -10.24 5.29
C LEU B 30 22.20 -9.66 5.48
N ARG B 31 22.66 -9.68 6.74
CA ARG B 31 24.00 -9.16 7.09
C ARG B 31 24.66 -10.04 8.14
N GLU C 1 -19.76 -7.34 -14.65
CA GLU C 1 -20.67 -6.18 -14.34
C GLU C 1 -19.86 -4.89 -14.39
N THR C 2 -20.58 -3.76 -14.37
CA THR C 2 -19.93 -2.45 -14.40
C THR C 2 -19.05 -2.25 -13.17
N GLY C 3 -19.59 -2.61 -12.01
CA GLY C 3 -18.86 -2.46 -10.75
C GLY C 3 -17.58 -3.30 -10.76
N THR C 4 -17.72 -4.56 -11.19
CA THR C 4 -16.59 -5.49 -11.25
C THR C 4 -15.51 -4.96 -12.20
N LEU C 5 -15.94 -4.36 -13.30
CA LEU C 5 -15.01 -3.81 -14.29
C LEU C 5 -14.13 -2.74 -13.66
N ILE C 6 -14.74 -1.88 -12.84
CA ILE C 6 -14.01 -0.80 -12.17
C ILE C 6 -12.98 -1.40 -11.21
N VAL C 7 -13.38 -2.44 -10.48
CA VAL C 7 -12.49 -3.11 -9.54
C VAL C 7 -11.27 -3.65 -10.28
N ASN C 8 -11.52 -4.30 -11.43
CA ASN C 8 -10.43 -4.87 -12.23
C ASN C 8 -9.54 -3.77 -12.80
N SER C 9 -10.15 -2.65 -13.18
CA SER C 9 -9.40 -1.52 -13.75
C SER C 9 -8.29 -1.07 -12.81
N VAL C 10 -8.62 -0.86 -11.53
CA VAL C 10 -7.63 -0.42 -10.55
C VAL C 10 -6.66 -1.55 -10.21
N LEU C 11 -7.15 -2.79 -10.24
CA LEU C 11 -6.32 -3.96 -9.93
C LEU C 11 -5.23 -4.14 -10.97
N LEU C 12 -5.59 -3.90 -12.24
CA LEU C 12 -4.66 -4.04 -13.36
C LEU C 12 -3.31 -3.37 -13.07
N PHE C 13 -3.33 -2.06 -12.85
CA PHE C 13 -2.09 -1.32 -12.56
C PHE C 13 -1.49 -1.77 -11.23
N LEU C 14 -2.35 -2.10 -10.25
CA LEU C 14 -1.87 -2.53 -8.94
C LEU C 14 -0.89 -3.70 -9.12
N ALA C 15 -1.30 -4.67 -9.93
CA ALA C 15 -0.48 -5.86 -10.20
C ALA C 15 0.92 -5.45 -10.63
N PHE C 16 1.00 -4.42 -11.48
CA PHE C 16 2.28 -3.94 -11.97
C PHE C 16 3.08 -3.28 -10.83
N VAL C 17 2.37 -2.51 -9.99
CA VAL C 17 3.02 -1.82 -8.87
C VAL C 17 3.63 -2.85 -7.92
N VAL C 18 2.88 -3.92 -7.64
CA VAL C 18 3.36 -4.98 -6.74
C VAL C 18 4.55 -5.70 -7.38
N PHE C 19 4.31 -6.30 -8.56
CA PHE C 19 5.37 -7.03 -9.28
C PHE C 19 6.67 -6.21 -9.31
N LEU C 20 6.53 -4.90 -9.52
CA LEU C 20 7.67 -4.00 -9.56
C LEU C 20 8.19 -3.74 -8.15
N LEU C 21 7.28 -3.64 -7.18
CA LEU C 21 7.65 -3.39 -5.78
C LEU C 21 8.63 -4.45 -5.29
N VAL C 22 8.26 -5.72 -5.46
CA VAL C 22 9.13 -6.82 -5.04
C VAL C 22 10.46 -6.77 -5.80
N THR C 23 10.37 -6.42 -7.10
CA THR C 23 11.56 -6.32 -7.95
C THR C 23 12.49 -5.22 -7.43
N LEU C 24 11.92 -4.17 -6.84
CA LEU C 24 12.71 -3.06 -6.32
C LEU C 24 13.42 -3.47 -5.03
N ALA C 25 12.68 -4.12 -4.12
CA ALA C 25 13.25 -4.57 -2.85
C ALA C 25 14.45 -5.47 -3.11
N ILE C 26 14.25 -6.51 -3.91
CA ILE C 26 15.32 -7.44 -4.24
C ILE C 26 16.47 -6.71 -4.94
N LEU C 27 16.14 -5.70 -5.76
CA LEU C 27 17.15 -4.93 -6.48
C LEU C 27 18.12 -4.25 -5.51
N THR C 28 17.57 -3.63 -4.46
CA THR C 28 18.42 -2.93 -3.48
C THR C 28 19.42 -3.89 -2.84
N ALA C 29 19.05 -5.17 -2.75
CA ALA C 29 19.93 -6.18 -2.15
C ALA C 29 21.28 -6.21 -2.86
N LEU C 30 21.24 -6.01 -4.19
CA LEU C 30 22.45 -6.01 -5.06
C LEU C 30 23.76 -5.78 -4.28
N ARG C 31 24.33 -6.88 -3.80
CA ARG C 31 25.58 -6.82 -3.02
C ARG C 31 26.53 -7.94 -3.45
N GLU D 1 -19.14 9.57 -14.24
CA GLU D 1 -20.18 9.53 -13.17
C GLU D 1 -19.57 10.04 -11.87
N THR D 2 -20.45 10.32 -10.89
CA THR D 2 -19.99 10.82 -9.58
C THR D 2 -19.11 9.78 -8.90
N GLY D 3 -19.54 8.52 -8.95
CA GLY D 3 -18.79 7.43 -8.33
C GLY D 3 -17.40 7.30 -8.96
N THR D 4 -17.36 7.30 -10.29
CA THR D 4 -16.10 7.19 -11.02
C THR D 4 -15.17 8.36 -10.69
N LEU D 5 -15.75 9.55 -10.53
CA LEU D 5 -14.98 10.74 -10.22
C LEU D 5 -14.25 10.57 -8.89
N ILE D 6 -14.95 10.00 -7.91
CA ILE D 6 -14.36 9.77 -6.58
C ILE D 6 -13.19 8.80 -6.70
N VAL D 7 -13.38 7.75 -7.51
CA VAL D 7 -12.33 6.73 -7.70
C VAL D 7 -11.08 7.39 -8.29
N ASN D 8 -11.29 8.26 -9.28
CA ASN D 8 -10.18 8.96 -9.93
C ASN D 8 -9.50 9.93 -8.96
N SER D 9 -10.30 10.57 -8.11
CA SER D 9 -9.79 11.53 -7.15
C SER D 9 -8.70 10.91 -6.27
N VAL D 10 -9.01 9.73 -5.71
CA VAL D 10 -8.05 9.03 -4.85
C VAL D 10 -6.89 8.45 -5.68
N LEU D 11 -7.18 8.03 -6.91
CA LEU D 11 -6.15 7.46 -7.78
C LEU D 11 -5.11 8.52 -8.15
N LEU D 12 -5.58 9.76 -8.37
CA LEU D 12 -4.68 10.87 -8.73
C LEU D 12 -3.49 10.94 -7.78
N PHE D 13 -3.79 11.08 -6.48
CA PHE D 13 -2.74 11.18 -5.47
C PHE D 13 -1.94 9.88 -5.40
N LEU D 14 -2.62 8.74 -5.55
CA LEU D 14 -1.97 7.44 -5.50
C LEU D 14 -0.84 7.37 -6.52
N ALA D 15 -1.14 7.77 -7.75
CA ALA D 15 -0.16 7.75 -8.84
C ALA D 15 1.14 8.43 -8.40
N PHE D 16 1.01 9.56 -7.72
CA PHE D 16 2.19 10.31 -7.24
C PHE D 16 2.92 9.51 -6.17
N VAL D 17 2.16 8.90 -5.26
CA VAL D 17 2.74 8.10 -4.18
C VAL D 17 3.57 6.95 -4.76
N VAL D 18 3.01 6.28 -5.77
CA VAL D 18 3.71 5.16 -6.41
C VAL D 18 4.96 5.68 -7.13
N PHE D 19 4.75 6.58 -8.09
CA PHE D 19 5.85 7.16 -8.86
C PHE D 19 7.01 7.59 -7.95
N LEU D 20 6.64 8.14 -6.79
CA LEU D 20 7.64 8.58 -5.82
C LEU D 20 8.20 7.39 -5.03
N LEU D 21 7.34 6.40 -4.76
CA LEU D 21 7.75 5.20 -4.03
C LEU D 21 8.92 4.52 -4.73
N VAL D 22 8.75 4.24 -6.02
CA VAL D 22 9.81 3.60 -6.81
C VAL D 22 11.06 4.49 -6.82
N THR D 23 10.84 5.80 -6.93
CA THR D 23 11.95 6.76 -6.95
C THR D 23 12.72 6.73 -5.62
N LEU D 24 12.01 6.43 -4.53
CA LEU D 24 12.65 6.37 -3.21
C LEU D 24 13.50 5.10 -3.09
N ALA D 25 12.92 3.95 -3.49
CA ALA D 25 13.63 2.68 -3.42
C ALA D 25 14.95 2.76 -4.18
N ILE D 26 14.87 3.17 -5.45
CA ILE D 26 16.07 3.31 -6.28
C ILE D 26 17.05 4.32 -5.68
N LEU D 27 16.50 5.36 -5.03
CA LEU D 27 17.32 6.41 -4.41
C LEU D 27 18.22 5.82 -3.32
N THR D 28 17.65 4.97 -2.46
CA THR D 28 18.41 4.37 -1.35
C THR D 28 19.61 3.58 -1.89
N ALA D 29 19.46 3.00 -3.08
CA ALA D 29 20.53 2.21 -3.69
C ALA D 29 21.80 3.04 -3.82
N LEU D 30 21.66 4.27 -4.34
CA LEU D 30 22.77 5.23 -4.56
C LEU D 30 24.15 4.53 -4.71
N ARG D 31 24.83 4.24 -3.59
CA ARG D 31 26.15 3.57 -3.60
C ARG D 31 27.01 3.96 -4.82
N GLU E 1 -21.37 14.42 1.59
CA GLU E 1 -22.27 13.24 1.76
C GLU E 1 -21.64 12.26 2.74
N THR E 2 -22.45 11.33 3.24
CA THR E 2 -21.98 10.32 4.20
C THR E 2 -20.91 9.44 3.55
N GLY E 3 -21.16 9.04 2.31
CA GLY E 3 -20.23 8.20 1.57
C GLY E 3 -18.87 8.88 1.43
N THR E 4 -18.90 10.16 1.04
CA THR E 4 -17.68 10.93 0.87
C THR E 4 -16.94 11.08 2.19
N LEU E 5 -17.69 11.25 3.28
CA LEU E 5 -17.11 11.40 4.61
C LEU E 5 -16.29 10.17 4.96
N ILE E 6 -16.84 8.98 4.68
CA ILE E 6 -16.14 7.73 4.97
C ILE E 6 -14.84 7.65 4.19
N VAL E 7 -14.88 8.06 2.91
CA VAL E 7 -13.70 8.04 2.06
C VAL E 7 -12.61 8.94 2.66
N ASN E 8 -13.02 10.13 3.11
CA ASN E 8 -12.07 11.08 3.70
C ASN E 8 -11.51 10.54 5.02
N SER E 9 -12.37 9.85 5.79
CA SER E 9 -11.96 9.30 7.08
C SER E 9 -10.74 8.39 6.92
N VAL E 10 -10.81 7.44 5.97
CA VAL E 10 -9.72 6.52 5.73
C VAL E 10 -8.51 7.23 5.10
N LEU E 11 -8.80 8.24 4.27
CA LEU E 11 -7.74 9.00 3.59
C LEU E 11 -6.91 9.79 4.60
N LEU E 12 -7.58 10.31 5.64
CA LEU E 12 -6.91 11.10 6.68
C LEU E 12 -5.65 10.41 7.21
N PHE E 13 -5.82 9.21 7.80
CA PHE E 13 -4.68 8.48 8.34
C PHE E 13 -3.73 8.06 7.23
N LEU E 14 -4.29 7.70 6.06
CA LEU E 14 -3.47 7.28 4.92
C LEU E 14 -2.39 8.34 4.65
N ALA E 15 -2.82 9.60 4.62
CA ALA E 15 -1.91 10.72 4.37
C ALA E 15 -0.72 10.67 5.33
N PHE E 16 -1.00 10.35 6.59
CA PHE E 16 0.05 10.25 7.61
C PHE E 16 0.96 9.06 7.32
N VAL E 17 0.36 7.94 6.92
CA VAL E 17 1.13 6.72 6.62
C VAL E 17 2.10 7.00 5.46
N VAL E 18 1.61 7.70 4.42
CA VAL E 18 2.43 8.02 3.26
C VAL E 18 3.55 8.98 3.68
N PHE E 19 3.16 10.15 4.19
CA PHE E 19 4.12 11.16 4.63
C PHE E 19 5.24 10.53 5.46
N LEU E 20 4.83 9.61 6.34
CA LEU E 20 5.79 8.92 7.21
C LEU E 20 6.57 7.88 6.41
N LEU E 21 5.90 7.23 5.46
CA LEU E 21 6.54 6.21 4.62
C LEU E 21 7.76 6.79 3.92
N VAL E 22 7.58 7.92 3.23
CA VAL E 22 8.67 8.57 2.53
C VAL E 22 9.76 9.01 3.51
N THR E 23 9.34 9.44 4.70
CA THR E 23 10.27 9.88 5.73
C THR E 23 11.11 8.70 6.22
N LEU E 24 10.52 7.49 6.22
CA LEU E 24 11.23 6.29 6.66
C LEU E 24 12.28 5.88 5.63
N ALA E 25 11.89 5.86 4.35
CA ALA E 25 12.79 5.47 3.28
C ALA E 25 14.03 6.37 3.28
N ILE E 26 13.81 7.68 3.26
CA ILE E 26 14.92 8.64 3.27
C ILE E 26 15.75 8.48 4.55
N LEU E 27 15.07 8.13 5.66
CA LEU E 27 15.76 7.95 6.94
C LEU E 27 16.81 6.84 6.85
N THR E 28 16.44 5.71 6.23
CA THR E 28 17.36 4.57 6.10
C THR E 28 18.63 4.98 5.36
N ALA E 29 18.51 5.92 4.41
CA ALA E 29 19.66 6.40 3.63
C ALA E 29 20.77 6.98 4.52
N LEU E 30 20.40 7.25 5.81
CA LEU E 30 21.31 7.89 6.71
C LEU E 30 22.70 7.16 6.59
N ARG E 31 23.63 7.85 5.93
CA ARG E 31 24.97 7.32 5.72
C ARG E 31 26.00 8.44 5.79
N GLU A 1 -23.50 1.19 10.50
CA GLU A 1 -24.22 0.48 9.41
C GLU A 1 -23.42 -0.73 8.97
N THR A 2 -24.05 -1.58 8.15
CA THR A 2 -23.38 -2.79 7.64
C THR A 2 -22.18 -2.42 6.79
N GLY A 3 -22.35 -1.41 5.93
CA GLY A 3 -21.27 -0.96 5.06
C GLY A 3 -20.09 -0.45 5.87
N THR A 4 -20.40 0.34 6.91
CA THR A 4 -19.36 0.90 7.77
C THR A 4 -18.55 -0.20 8.43
N LEU A 5 -19.24 -1.26 8.87
CA LEU A 5 -18.60 -2.39 9.52
C LEU A 5 -17.58 -3.05 8.59
N ILE A 6 -17.97 -3.23 7.32
CA ILE A 6 -17.10 -3.85 6.33
C ILE A 6 -15.84 -2.99 6.14
N VAL A 7 -16.02 -1.68 6.05
CA VAL A 7 -14.90 -0.76 5.86
C VAL A 7 -13.94 -0.86 7.07
N ASN A 8 -14.52 -0.85 8.28
CA ASN A 8 -13.72 -0.95 9.49
C ASN A 8 -12.93 -2.26 9.54
N SER A 9 -13.56 -3.34 9.07
CA SER A 9 -12.93 -4.66 9.06
C SER A 9 -11.62 -4.61 8.28
N VAL A 10 -11.64 -3.93 7.14
CA VAL A 10 -10.45 -3.80 6.29
C VAL A 10 -9.39 -2.95 7.00
N LEU A 11 -9.84 -1.85 7.61
CA LEU A 11 -8.93 -0.95 8.32
C LEU A 11 -8.26 -1.68 9.49
N LEU A 12 -9.01 -2.57 10.13
CA LEU A 12 -8.49 -3.33 11.29
C LEU A 12 -7.14 -3.95 10.97
N PHE A 13 -7.09 -4.82 9.96
CA PHE A 13 -5.84 -5.48 9.57
C PHE A 13 -4.86 -4.48 8.96
N LEU A 14 -5.39 -3.44 8.30
CA LEU A 14 -4.54 -2.41 7.68
C LEU A 14 -3.51 -1.92 8.71
N ALA A 15 -4.02 -1.61 9.91
CA ALA A 15 -3.18 -1.15 11.01
C ALA A 15 -1.94 -2.03 11.15
N PHE A 16 -2.14 -3.34 11.02
CA PHE A 16 -1.06 -4.31 11.12
C PHE A 16 -0.08 -4.13 9.95
N VAL A 17 -0.64 -3.89 8.76
CA VAL A 17 0.16 -3.71 7.55
C VAL A 17 1.15 -2.55 7.74
N VAL A 18 0.63 -1.39 8.16
CA VAL A 18 1.47 -0.21 8.37
C VAL A 18 2.47 -0.51 9.49
N PHE A 19 1.97 -1.08 10.59
CA PHE A 19 2.82 -1.43 11.73
C PHE A 19 4.09 -2.15 11.26
N LEU A 20 3.90 -3.11 10.35
CA LEU A 20 5.01 -3.86 9.79
C LEU A 20 5.84 -2.95 8.87
N LEU A 21 5.15 -2.11 8.09
CA LEU A 21 5.82 -1.19 7.16
C LEU A 21 6.87 -0.36 7.90
N VAL A 22 6.49 0.20 9.04
CA VAL A 22 7.40 1.02 9.84
C VAL A 22 8.53 0.12 10.38
N THR A 23 8.17 -1.10 10.78
CA THR A 23 9.15 -2.06 11.32
C THR A 23 10.36 -2.19 10.39
N LEU A 24 10.12 -2.12 9.07
CA LEU A 24 11.21 -2.23 8.09
C LEU A 24 12.26 -1.16 8.37
N ALA A 25 11.80 0.05 8.71
CA ALA A 25 12.71 1.16 9.01
C ALA A 25 13.74 0.73 10.06
N ILE A 26 13.26 -0.04 11.06
CA ILE A 26 14.15 -0.53 12.12
C ILE A 26 15.25 -1.40 11.51
N LEU A 27 14.86 -2.27 10.58
CA LEU A 27 15.81 -3.17 9.91
C LEU A 27 16.86 -2.37 9.15
N THR A 28 16.44 -1.30 8.47
CA THR A 28 17.37 -0.46 7.71
C THR A 28 18.31 0.28 8.67
N ALA A 29 17.77 0.69 9.82
CA ALA A 29 18.56 1.38 10.83
C ALA A 29 19.72 0.49 11.27
N LEU A 30 19.42 -0.82 11.40
CA LEU A 30 20.40 -1.85 11.79
C LEU A 30 21.77 -1.57 11.18
N ARG A 31 22.55 -0.79 11.95
CA ARG A 31 23.89 -0.41 11.51
C ARG A 31 24.89 -0.56 12.65
N GLU B 1 -22.72 -12.01 1.20
CA GLU B 1 -23.38 -11.29 0.08
C GLU B 1 -22.40 -11.19 -1.09
N THR B 2 -22.93 -10.79 -2.25
CA THR B 2 -22.11 -10.65 -3.46
C THR B 2 -21.02 -9.59 -3.24
N GLY B 3 -21.40 -8.47 -2.63
CA GLY B 3 -20.47 -7.38 -2.37
C GLY B 3 -19.34 -7.85 -1.44
N THR B 4 -19.72 -8.59 -0.40
CA THR B 4 -18.75 -9.11 0.57
C THR B 4 -17.74 -10.01 -0.13
N LEU B 5 -18.21 -10.83 -1.05
CA LEU B 5 -17.34 -11.75 -1.79
C LEU B 5 -16.29 -10.98 -2.59
N ILE B 6 -16.72 -9.87 -3.20
CA ILE B 6 -15.81 -9.04 -3.99
C ILE B 6 -14.72 -8.45 -3.09
N VAL B 7 -15.13 -7.97 -1.91
CA VAL B 7 -14.19 -7.38 -0.95
C VAL B 7 -13.17 -8.44 -0.51
N ASN B 8 -13.67 -9.64 -0.21
CA ASN B 8 -12.79 -10.74 0.22
C ASN B 8 -11.80 -11.11 -0.88
N SER B 9 -12.26 -11.07 -2.13
CA SER B 9 -11.41 -11.42 -3.27
C SER B 9 -10.18 -10.52 -3.31
N VAL B 10 -10.38 -9.24 -3.02
CA VAL B 10 -9.28 -8.27 -3.02
C VAL B 10 -8.34 -8.56 -1.84
N LEU B 11 -8.93 -8.82 -0.68
CA LEU B 11 -8.16 -9.12 0.53
C LEU B 11 -7.30 -10.37 0.32
N LEU B 12 -7.86 -11.36 -0.40
CA LEU B 12 -7.15 -12.61 -0.66
C LEU B 12 -5.74 -12.36 -1.17
N PHE B 13 -5.62 -11.65 -2.30
CA PHE B 13 -4.31 -11.36 -2.87
C PHE B 13 -3.54 -10.36 -2.00
N LEU B 14 -4.26 -9.49 -1.29
CA LEU B 14 -3.63 -8.49 -0.41
C LEU B 14 -2.65 -9.21 0.52
N ALA B 15 -3.14 -10.29 1.12
CA ALA B 15 -2.32 -11.10 2.03
C ALA B 15 -0.94 -11.38 1.43
N PHE B 16 -0.93 -11.69 0.13
CA PHE B 16 0.31 -11.96 -0.58
C PHE B 16 1.16 -10.69 -0.67
N VAL B 17 0.51 -9.56 -0.91
CA VAL B 17 1.21 -8.26 -1.02
C VAL B 17 2.00 -7.99 0.27
N VAL B 18 1.31 -8.07 1.41
CA VAL B 18 1.96 -7.82 2.70
C VAL B 18 3.06 -8.85 2.92
N PHE B 19 2.71 -10.13 2.70
CA PHE B 19 3.67 -11.23 2.87
C PHE B 19 5.01 -10.87 2.22
N LEU B 20 4.93 -10.33 1.01
CA LEU B 20 6.13 -9.92 0.28
C LEU B 20 6.74 -8.68 0.95
N LEU B 21 5.88 -7.75 1.37
CA LEU B 21 6.34 -6.52 2.02
C LEU B 21 7.29 -6.85 3.18
N VAL B 22 6.87 -7.78 4.03
CA VAL B 22 7.70 -8.19 5.18
C VAL B 22 8.99 -8.85 4.67
N THR B 23 8.86 -9.64 3.61
CA THR B 23 10.01 -10.35 3.02
C THR B 23 11.16 -9.37 2.78
N LEU B 24 10.84 -8.14 2.37
CA LEU B 24 11.87 -7.12 2.11
C LEU B 24 12.74 -6.93 3.35
N ALA B 25 12.11 -6.93 4.53
CA ALA B 25 12.84 -6.76 5.78
C ALA B 25 13.99 -7.77 5.87
N ILE B 26 13.71 -9.00 5.43
CA ILE B 26 14.72 -10.06 5.43
C ILE B 26 15.92 -9.64 4.58
N LEU B 27 15.62 -9.09 3.40
CA LEU B 27 16.66 -8.64 2.47
C LEU B 27 17.53 -7.55 3.11
N THR B 28 16.89 -6.61 3.82
CA THR B 28 17.63 -5.52 4.46
C THR B 28 18.49 -6.07 5.60
N ALA B 29 17.95 -7.07 6.32
CA ALA B 29 18.69 -7.71 7.42
C ALA B 29 19.98 -8.31 6.89
N LEU B 30 19.91 -8.89 5.67
CA LEU B 30 21.05 -9.53 5.01
C LEU B 30 22.35 -8.74 5.25
N ARG B 31 23.00 -9.03 6.39
CA ARG B 31 24.25 -8.34 6.75
C ARG B 31 25.31 -9.36 7.14
N GLU C 1 -20.23 -7.46 -13.97
CA GLU C 1 -21.08 -6.26 -13.77
C GLU C 1 -20.23 -5.00 -13.94
N THR C 2 -20.90 -3.85 -14.00
CA THR C 2 -20.21 -2.57 -14.17
C THR C 2 -19.30 -2.29 -12.98
N GLY C 3 -19.81 -2.55 -11.78
CA GLY C 3 -19.04 -2.34 -10.56
C GLY C 3 -17.80 -3.24 -10.53
N THR C 4 -17.99 -4.49 -10.94
CA THR C 4 -16.89 -5.46 -10.97
C THR C 4 -15.78 -4.97 -11.90
N LEU C 5 -16.17 -4.41 -13.04
CA LEU C 5 -15.21 -3.91 -14.02
C LEU C 5 -14.35 -2.80 -13.40
N ILE C 6 -14.99 -1.93 -12.62
CA ILE C 6 -14.28 -0.82 -11.96
C ILE C 6 -13.25 -1.38 -10.97
N VAL C 7 -13.66 -2.38 -10.20
CA VAL C 7 -12.79 -3.01 -9.22
C VAL C 7 -11.58 -3.63 -9.91
N ASN C 8 -11.84 -4.35 -11.01
CA ASN C 8 -10.77 -5.00 -11.78
C ASN C 8 -9.80 -3.96 -12.34
N SER C 9 -10.35 -2.82 -12.77
CA SER C 9 -9.52 -1.75 -13.34
C SER C 9 -8.46 -1.30 -12.34
N VAL C 10 -8.85 -1.19 -11.07
CA VAL C 10 -7.93 -0.77 -10.02
C VAL C 10 -6.88 -1.87 -9.78
N LEU C 11 -7.34 -3.12 -9.75
CA LEU C 11 -6.45 -4.27 -9.54
C LEU C 11 -5.41 -4.36 -10.65
N LEU C 12 -5.83 -4.04 -11.88
CA LEU C 12 -4.94 -4.09 -13.04
C LEU C 12 -3.68 -3.28 -12.77
N PHE C 13 -3.88 -2.02 -12.35
CA PHE C 13 -2.76 -1.13 -12.04
C PHE C 13 -2.03 -1.60 -10.78
N LEU C 14 -2.80 -2.15 -9.83
CA LEU C 14 -2.24 -2.63 -8.57
C LEU C 14 -1.10 -3.61 -8.83
N ALA C 15 -1.37 -4.58 -9.71
CA ALA C 15 -0.37 -5.60 -10.07
C ALA C 15 1.00 -4.97 -10.33
N PHE C 16 1.00 -3.84 -11.04
CA PHE C 16 2.23 -3.13 -11.35
C PHE C 16 2.87 -2.56 -10.07
N VAL C 17 2.02 -2.07 -9.17
CA VAL C 17 2.49 -1.49 -7.91
C VAL C 17 3.29 -2.52 -7.12
N VAL C 18 2.70 -3.70 -6.91
CA VAL C 18 3.38 -4.77 -6.16
C VAL C 18 4.64 -5.17 -6.92
N PHE C 19 4.49 -5.38 -8.24
CA PHE C 19 5.61 -5.78 -9.10
C PHE C 19 6.84 -4.92 -8.80
N LEU C 20 6.62 -3.61 -8.65
CA LEU C 20 7.69 -2.68 -8.35
C LEU C 20 8.13 -2.85 -6.89
N LEU C 21 7.16 -3.06 -6.00
CA LEU C 21 7.44 -3.24 -4.57
C LEU C 21 8.50 -4.33 -4.37
N VAL C 22 8.31 -5.47 -5.02
CA VAL C 22 9.25 -6.59 -4.91
C VAL C 22 10.60 -6.17 -5.51
N THR C 23 10.55 -5.43 -6.63
CA THR C 23 11.76 -4.96 -7.30
C THR C 23 12.72 -4.30 -6.32
N LEU C 24 12.17 -3.57 -5.33
CA LEU C 24 13.00 -2.88 -4.34
C LEU C 24 13.90 -3.89 -3.63
N ALA C 25 13.35 -5.06 -3.32
CA ALA C 25 14.11 -6.12 -2.65
C ALA C 25 15.43 -6.39 -3.41
N ILE C 26 15.33 -6.39 -4.73
CA ILE C 26 16.50 -6.63 -5.59
C ILE C 26 17.55 -5.54 -5.32
N LEU C 27 17.09 -4.29 -5.21
CA LEU C 27 17.99 -3.17 -4.97
C LEU C 27 18.70 -3.32 -3.62
N THR C 28 17.96 -3.76 -2.59
CA THR C 28 18.55 -3.94 -1.26
C THR C 28 19.56 -5.08 -1.27
N ALA C 29 19.24 -6.13 -2.04
CA ALA C 29 20.12 -7.29 -2.16
C ALA C 29 21.47 -6.88 -2.75
N LEU C 30 21.41 -5.93 -3.71
CA LEU C 30 22.60 -5.40 -4.41
C LEU C 30 23.78 -5.16 -3.44
N ARG C 31 24.49 -6.25 -3.08
CA ARG C 31 25.65 -6.15 -2.18
C ARG C 31 26.91 -6.64 -2.88
N GLU D 1 -19.57 8.65 -14.21
CA GLU D 1 -20.58 8.74 -13.12
C GLU D 1 -19.94 9.37 -11.88
N THR D 2 -20.78 9.74 -10.92
CA THR D 2 -20.30 10.35 -9.68
C THR D 2 -19.38 9.41 -8.93
N GLY D 3 -19.80 8.13 -8.85
CA GLY D 3 -19.01 7.12 -8.17
C GLY D 3 -17.66 6.94 -8.84
N THR D 4 -17.66 6.92 -10.18
CA THR D 4 -16.43 6.77 -10.94
C THR D 4 -15.46 7.90 -10.64
N LEU D 5 -16.01 9.12 -10.54
CA LEU D 5 -15.19 10.30 -10.25
C LEU D 5 -14.49 10.16 -8.90
N ILE D 6 -15.21 9.64 -7.91
CA ILE D 6 -14.65 9.46 -6.57
C ILE D 6 -13.49 8.45 -6.63
N VAL D 7 -13.70 7.37 -7.37
CA VAL D 7 -12.67 6.33 -7.51
C VAL D 7 -11.42 6.93 -8.16
N ASN D 8 -11.62 7.71 -9.23
CA ASN D 8 -10.52 8.34 -9.95
C ASN D 8 -9.76 9.30 -9.04
N SER D 9 -10.49 10.01 -8.18
CA SER D 9 -9.89 10.98 -7.27
C SER D 9 -8.86 10.30 -6.37
N VAL D 10 -9.19 9.10 -5.90
CA VAL D 10 -8.29 8.33 -5.03
C VAL D 10 -7.07 7.88 -5.84
N LEU D 11 -7.32 7.40 -7.06
CA LEU D 11 -6.25 6.93 -7.93
C LEU D 11 -5.28 8.07 -8.26
N LEU D 12 -5.81 9.28 -8.40
CA LEU D 12 -5.01 10.45 -8.72
C LEU D 12 -3.81 10.58 -7.78
N PHE D 13 -4.08 10.70 -6.48
CA PHE D 13 -2.99 10.82 -5.50
C PHE D 13 -2.21 9.52 -5.39
N LEU D 14 -2.89 8.37 -5.61
CA LEU D 14 -2.23 7.07 -5.54
C LEU D 14 -0.96 7.09 -6.41
N ALA D 15 -1.11 7.60 -7.62
CA ALA D 15 0.01 7.72 -8.57
C ALA D 15 1.23 8.31 -7.88
N PHE D 16 0.99 9.32 -7.04
CA PHE D 16 2.06 9.98 -6.30
C PHE D 16 2.67 9.02 -5.26
N VAL D 17 1.80 8.24 -4.62
CA VAL D 17 2.24 7.27 -3.60
C VAL D 17 3.24 6.29 -4.22
N VAL D 18 2.86 5.66 -5.34
CA VAL D 18 3.74 4.71 -6.01
C VAL D 18 5.02 5.43 -6.46
N PHE D 19 4.84 6.59 -7.09
CA PHE D 19 5.96 7.40 -7.57
C PHE D 19 7.04 7.50 -6.50
N LEU D 20 6.61 7.78 -5.27
CA LEU D 20 7.52 7.89 -4.14
C LEU D 20 8.07 6.51 -3.78
N LEU D 21 7.20 5.50 -3.82
CA LEU D 21 7.59 4.12 -3.49
C LEU D 21 8.83 3.70 -4.30
N VAL D 22 8.78 3.96 -5.60
CA VAL D 22 9.91 3.62 -6.49
C VAL D 22 11.13 4.46 -6.12
N THR D 23 10.88 5.73 -5.78
CA THR D 23 11.95 6.65 -5.41
C THR D 23 12.85 6.05 -4.33
N LEU D 24 12.25 5.29 -3.41
CA LEU D 24 13.01 4.65 -2.33
C LEU D 24 14.11 3.77 -2.91
N ALA D 25 13.79 3.04 -3.99
CA ALA D 25 14.76 2.16 -4.65
C ALA D 25 16.04 2.92 -4.97
N ILE D 26 15.87 4.17 -5.42
CA ILE D 26 17.00 5.03 -5.77
C ILE D 26 17.88 5.24 -4.52
N LEU D 27 17.22 5.46 -3.38
CA LEU D 27 17.93 5.69 -2.12
C LEU D 27 18.75 4.46 -1.72
N THR D 28 18.16 3.26 -1.89
CA THR D 28 18.85 2.02 -1.52
C THR D 28 20.04 1.75 -2.44
N ALA D 29 19.87 2.09 -3.72
CA ALA D 29 20.92 1.89 -4.71
C ALA D 29 22.12 2.81 -4.47
N LEU D 30 21.84 3.96 -3.84
CA LEU D 30 22.83 5.06 -3.57
C LEU D 30 24.11 4.61 -2.83
N ARG D 31 24.87 3.68 -3.44
CA ARG D 31 26.12 3.15 -2.86
C ARG D 31 27.33 3.91 -3.40
N GLU E 1 -21.58 14.10 1.05
CA GLU E 1 -22.51 12.96 1.31
C GLU E 1 -21.90 12.03 2.35
N THR E 2 -22.72 11.09 2.84
CA THR E 2 -22.25 10.14 3.85
C THR E 2 -21.15 9.26 3.27
N GLY E 3 -21.34 8.81 2.02
CA GLY E 3 -20.36 7.96 1.36
C GLY E 3 -19.03 8.68 1.20
N THR E 4 -19.10 9.95 0.79
CA THR E 4 -17.90 10.77 0.60
C THR E 4 -17.13 10.90 1.90
N LEU E 5 -17.87 11.10 3.01
CA LEU E 5 -17.25 11.25 4.32
C LEU E 5 -16.45 10.00 4.69
N ILE E 6 -17.03 8.83 4.41
CA ILE E 6 -16.37 7.56 4.72
C ILE E 6 -15.07 7.44 3.93
N VAL E 7 -15.12 7.80 2.64
CA VAL E 7 -13.94 7.74 1.78
C VAL E 7 -12.84 8.67 2.32
N ASN E 8 -13.24 9.89 2.67
CA ASN E 8 -12.29 10.88 3.21
C ASN E 8 -11.66 10.38 4.50
N SER E 9 -12.46 9.71 5.33
CA SER E 9 -11.97 9.18 6.61
C SER E 9 -10.79 8.24 6.39
N VAL E 10 -10.89 7.40 5.36
CA VAL E 10 -9.82 6.45 5.03
C VAL E 10 -8.60 7.20 4.53
N LEU E 11 -8.83 8.17 3.65
CA LEU E 11 -7.74 8.98 3.09
C LEU E 11 -6.99 9.73 4.20
N LEU E 12 -7.73 10.18 5.21
CA LEU E 12 -7.15 10.92 6.32
C LEU E 12 -5.92 10.22 6.89
N PHE E 13 -6.11 8.99 7.39
CA PHE E 13 -4.99 8.22 7.95
C PHE E 13 -4.01 7.80 6.86
N LEU E 14 -4.52 7.60 5.63
CA LEU E 14 -3.66 7.20 4.52
C LEU E 14 -2.46 8.14 4.44
N ALA E 15 -2.76 9.44 4.50
CA ALA E 15 -1.73 10.48 4.46
C ALA E 15 -0.58 10.14 5.40
N PHE E 16 -0.94 9.64 6.59
CA PHE E 16 0.05 9.26 7.60
C PHE E 16 0.85 8.05 7.11
N VAL E 17 0.17 7.10 6.46
CA VAL E 17 0.82 5.89 5.95
C VAL E 17 1.94 6.28 4.98
N VAL E 18 1.60 7.10 3.98
CA VAL E 18 2.58 7.54 2.98
C VAL E 18 3.69 8.32 3.68
N PHE E 19 3.29 9.26 4.55
CA PHE E 19 4.24 10.09 5.30
C PHE E 19 5.34 9.22 5.90
N LEU E 20 4.93 8.09 6.47
CA LEU E 20 5.88 7.15 7.06
C LEU E 20 6.67 6.44 5.96
N LEU E 21 5.97 6.07 4.88
CA LEU E 21 6.59 5.40 3.74
C LEU E 21 7.83 6.17 3.26
N VAL E 22 7.66 7.48 3.07
CA VAL E 22 8.76 8.33 2.62
C VAL E 22 9.85 8.37 3.70
N THR E 23 9.42 8.42 4.96
CA THR E 23 10.36 8.46 6.10
C THR E 23 11.40 7.35 6.00
N LEU E 24 10.99 6.18 5.49
CA LEU E 24 11.92 5.05 5.34
C LEU E 24 13.11 5.47 4.48
N ALA E 25 12.84 6.23 3.42
CA ALA E 25 13.89 6.71 2.52
C ALA E 25 15.00 7.38 3.32
N ILE E 26 14.60 8.15 4.33
CA ILE E 26 15.56 8.85 5.20
C ILE E 26 16.46 7.82 5.87
N LEU E 27 15.86 6.74 6.38
CA LEU E 27 16.60 5.68 7.06
C LEU E 27 17.63 5.05 6.11
N THR E 28 17.23 4.82 4.86
CA THR E 28 18.14 4.23 3.87
C THR E 28 19.28 5.18 3.54
N ALA E 29 18.96 6.49 3.49
CA ALA E 29 19.97 7.51 3.20
C ALA E 29 21.05 7.54 4.31
N LEU E 30 20.61 7.04 5.54
CA LEU E 30 21.48 7.04 6.66
C LEU E 30 22.81 6.35 6.18
N ARG E 31 23.82 7.15 5.91
CA ARG E 31 25.10 6.61 5.46
C ARG E 31 26.25 7.39 6.08
N GLU A 1 -24.78 1.06 8.32
CA GLU A 1 -24.03 0.49 9.47
C GLU A 1 -23.25 -0.74 9.02
N THR A 2 -23.92 -1.60 8.25
CA THR A 2 -23.29 -2.82 7.75
C THR A 2 -22.09 -2.50 6.86
N GLY A 3 -22.28 -1.52 5.96
CA GLY A 3 -21.22 -1.10 5.06
C GLY A 3 -20.01 -0.57 5.85
N THR A 4 -20.30 0.25 6.85
CA THR A 4 -19.25 0.83 7.69
C THR A 4 -18.45 -0.27 8.38
N LEU A 5 -19.15 -1.31 8.86
CA LEU A 5 -18.51 -2.42 9.53
C LEU A 5 -17.51 -3.12 8.60
N ILE A 6 -17.92 -3.31 7.35
CA ILE A 6 -17.05 -3.96 6.36
C ILE A 6 -15.79 -3.12 6.14
N VAL A 7 -15.98 -1.80 6.04
CA VAL A 7 -14.85 -0.89 5.83
C VAL A 7 -13.89 -0.99 7.02
N ASN A 8 -14.45 -0.99 8.23
CA ASN A 8 -13.65 -1.08 9.45
C ASN A 8 -12.86 -2.39 9.48
N SER A 9 -13.49 -3.46 8.99
CA SER A 9 -12.84 -4.78 8.97
C SER A 9 -11.54 -4.72 8.18
N VAL A 10 -11.57 -4.00 7.06
CA VAL A 10 -10.38 -3.85 6.21
C VAL A 10 -9.34 -2.99 6.94
N LEU A 11 -9.82 -1.91 7.56
CA LEU A 11 -8.95 -0.99 8.30
C LEU A 11 -8.22 -1.72 9.42
N LEU A 12 -8.93 -2.66 10.06
CA LEU A 12 -8.37 -3.44 11.16
C LEU A 12 -7.02 -4.03 10.80
N PHE A 13 -6.97 -4.83 9.73
CA PHE A 13 -5.71 -5.46 9.32
C PHE A 13 -4.76 -4.43 8.73
N LEU A 14 -5.30 -3.41 8.03
CA LEU A 14 -4.46 -2.35 7.45
C LEU A 14 -3.56 -1.78 8.54
N ALA A 15 -4.16 -1.52 9.70
CA ALA A 15 -3.44 -0.97 10.85
C ALA A 15 -2.15 -1.77 11.10
N PHE A 16 -2.27 -3.10 10.98
CA PHE A 16 -1.12 -3.98 11.18
C PHE A 16 -0.13 -3.83 10.01
N VAL A 17 -0.67 -3.68 8.80
CA VAL A 17 0.18 -3.51 7.61
C VAL A 17 1.06 -2.27 7.77
N VAL A 18 0.43 -1.14 8.11
CA VAL A 18 1.17 0.12 8.30
C VAL A 18 2.16 -0.05 9.45
N PHE A 19 1.65 -0.50 10.60
CA PHE A 19 2.48 -0.71 11.79
C PHE A 19 3.74 -1.47 11.42
N LEU A 20 3.58 -2.53 10.61
CA LEU A 20 4.70 -3.33 10.15
C LEU A 20 5.60 -2.50 9.24
N LEU A 21 4.99 -1.67 8.41
CA LEU A 21 5.72 -0.81 7.48
C LEU A 21 6.83 -0.04 8.20
N VAL A 22 6.46 0.71 9.23
CA VAL A 22 7.43 1.49 9.99
C VAL A 22 8.53 0.58 10.55
N THR A 23 8.15 -0.64 10.94
CA THR A 23 9.10 -1.61 11.48
C THR A 23 10.30 -1.79 10.56
N LEU A 24 10.06 -1.72 9.24
CA LEU A 24 11.13 -1.86 8.26
C LEU A 24 12.17 -0.76 8.44
N ALA A 25 11.69 0.46 8.68
CA ALA A 25 12.56 1.62 8.87
C ALA A 25 13.56 1.35 10.00
N ILE A 26 13.08 0.78 11.09
CA ILE A 26 13.93 0.47 12.23
C ILE A 26 14.96 -0.61 11.82
N LEU A 27 14.49 -1.61 11.07
CA LEU A 27 15.38 -2.69 10.63
C LEU A 27 16.51 -2.15 9.75
N THR A 28 16.18 -1.23 8.83
CA THR A 28 17.21 -0.64 7.96
C THR A 28 18.28 0.04 8.79
N ALA A 29 17.89 0.58 9.95
CA ALA A 29 18.83 1.27 10.84
C ALA A 29 19.99 0.33 11.20
N LEU A 30 19.74 -0.99 11.12
CA LEU A 30 20.75 -2.01 11.40
C LEU A 30 22.03 -1.72 10.62
N ARG A 31 22.88 -0.88 11.23
CA ARG A 31 24.14 -0.49 10.60
C ARG A 31 25.19 -0.19 11.67
N GLU B 1 -24.08 -10.18 0.17
CA GLU B 1 -23.17 -11.37 0.15
C GLU B 1 -22.23 -11.26 -1.05
N THR B 2 -22.78 -10.91 -2.21
CA THR B 2 -21.98 -10.77 -3.43
C THR B 2 -20.90 -9.70 -3.24
N GLY B 3 -21.30 -8.56 -2.65
CA GLY B 3 -20.37 -7.45 -2.42
C GLY B 3 -19.24 -7.90 -1.50
N THR B 4 -19.60 -8.62 -0.43
CA THR B 4 -18.62 -9.11 0.53
C THR B 4 -17.60 -10.01 -0.15
N LEU B 5 -18.10 -10.86 -1.05
CA LEU B 5 -17.23 -11.79 -1.79
C LEU B 5 -16.20 -11.02 -2.60
N ILE B 6 -16.64 -9.93 -3.24
CA ILE B 6 -15.73 -9.10 -4.05
C ILE B 6 -14.65 -8.50 -3.16
N VAL B 7 -15.05 -8.01 -1.99
CA VAL B 7 -14.12 -7.40 -1.04
C VAL B 7 -13.09 -8.45 -0.62
N ASN B 8 -13.56 -9.66 -0.30
CA ASN B 8 -12.69 -10.75 0.12
C ASN B 8 -11.70 -11.10 -0.99
N SER B 9 -12.15 -11.05 -2.23
CA SER B 9 -11.31 -11.36 -3.38
C SER B 9 -10.07 -10.46 -3.40
N VAL B 10 -10.29 -9.19 -3.09
CA VAL B 10 -9.19 -8.21 -3.06
C VAL B 10 -8.28 -8.52 -1.86
N LEU B 11 -8.90 -8.80 -0.71
CA LEU B 11 -8.15 -9.12 0.50
C LEU B 11 -7.25 -10.33 0.28
N LEU B 12 -7.75 -11.32 -0.48
CA LEU B 12 -6.99 -12.53 -0.77
C LEU B 12 -5.62 -12.18 -1.36
N PHE B 13 -5.64 -11.31 -2.39
CA PHE B 13 -4.41 -10.87 -3.04
C PHE B 13 -3.58 -10.01 -2.10
N LEU B 14 -4.25 -9.13 -1.35
CA LEU B 14 -3.58 -8.23 -0.42
C LEU B 14 -2.73 -9.02 0.57
N ALA B 15 -3.32 -10.08 1.13
CA ALA B 15 -2.62 -10.92 2.11
C ALA B 15 -1.22 -11.26 1.62
N PHE B 16 -1.10 -11.59 0.34
CA PHE B 16 0.20 -11.91 -0.26
C PHE B 16 1.08 -10.67 -0.34
N VAL B 17 0.47 -9.53 -0.67
CA VAL B 17 1.22 -8.27 -0.79
C VAL B 17 1.89 -7.94 0.55
N VAL B 18 1.10 -7.97 1.63
CA VAL B 18 1.62 -7.68 2.97
C VAL B 18 2.69 -8.71 3.32
N PHE B 19 2.31 -10.00 3.21
CA PHE B 19 3.24 -11.09 3.51
C PHE B 19 4.59 -10.85 2.85
N LEU B 20 4.55 -10.43 1.58
CA LEU B 20 5.76 -10.12 0.84
C LEU B 20 6.47 -8.91 1.44
N LEU B 21 5.67 -7.92 1.87
CA LEU B 21 6.19 -6.70 2.47
C LEU B 21 7.21 -7.03 3.58
N VAL B 22 6.77 -7.80 4.58
CA VAL B 22 7.65 -8.17 5.68
C VAL B 22 8.91 -8.86 5.16
N THR B 23 8.76 -9.66 4.09
CA THR B 23 9.89 -10.37 3.50
C THR B 23 11.06 -9.41 3.21
N LEU B 24 10.73 -8.17 2.80
CA LEU B 24 11.75 -7.18 2.49
C LEU B 24 12.60 -6.88 3.73
N ALA B 25 11.93 -6.79 4.88
CA ALA B 25 12.61 -6.51 6.15
C ALA B 25 13.72 -7.54 6.40
N ILE B 26 13.39 -8.81 6.16
CA ILE B 26 14.34 -9.89 6.36
C ILE B 26 15.51 -9.73 5.37
N LEU B 27 15.18 -9.38 4.12
CA LEU B 27 16.21 -9.20 3.08
C LEU B 27 17.18 -8.09 3.45
N THR B 28 16.65 -6.96 3.96
CA THR B 28 17.51 -5.84 4.36
C THR B 28 18.51 -6.29 5.43
N ALA B 29 18.09 -7.24 6.28
CA ALA B 29 18.97 -7.76 7.33
C ALA B 29 20.28 -8.28 6.73
N LEU B 30 20.24 -8.65 5.44
CA LEU B 30 21.42 -9.17 4.72
C LEU B 30 22.62 -8.22 4.90
N ARG B 31 23.30 -8.35 6.05
CA ARG B 31 24.46 -7.52 6.35
C ARG B 31 25.49 -8.30 7.16
N GLU C 1 -22.00 -6.05 -12.75
CA GLU C 1 -20.92 -6.30 -13.74
C GLU C 1 -20.08 -5.05 -13.92
N THR C 2 -20.76 -3.91 -14.07
CA THR C 2 -20.08 -2.62 -14.25
C THR C 2 -19.17 -2.32 -13.06
N GLY C 3 -19.69 -2.54 -11.86
CA GLY C 3 -18.93 -2.28 -10.64
C GLY C 3 -17.69 -3.16 -10.59
N THR C 4 -17.87 -4.44 -10.95
CA THR C 4 -16.77 -5.40 -10.95
C THR C 4 -15.66 -4.92 -11.88
N LEU C 5 -16.05 -4.40 -13.05
CA LEU C 5 -15.10 -3.90 -14.03
C LEU C 5 -14.25 -2.78 -13.43
N ILE C 6 -14.90 -1.88 -12.68
CA ILE C 6 -14.20 -0.77 -12.05
C ILE C 6 -13.18 -1.30 -11.04
N VAL C 7 -13.59 -2.29 -10.25
CA VAL C 7 -12.72 -2.89 -9.25
C VAL C 7 -11.50 -3.51 -9.93
N ASN C 8 -11.76 -4.23 -11.03
CA ASN C 8 -10.68 -4.87 -11.79
C ASN C 8 -9.71 -3.83 -12.35
N SER C 9 -10.25 -2.68 -12.77
CA SER C 9 -9.43 -1.60 -13.32
C SER C 9 -8.37 -1.17 -12.30
N VAL C 10 -8.77 -1.09 -11.03
CA VAL C 10 -7.86 -0.69 -9.96
C VAL C 10 -6.84 -1.81 -9.73
N LEU C 11 -7.33 -3.05 -9.72
CA LEU C 11 -6.47 -4.22 -9.51
C LEU C 11 -5.39 -4.29 -10.59
N LEU C 12 -5.76 -3.92 -11.82
CA LEU C 12 -4.84 -3.95 -12.95
C LEU C 12 -3.52 -3.24 -12.62
N PHE C 13 -3.60 -1.96 -12.25
CA PHE C 13 -2.39 -1.20 -11.94
C PHE C 13 -1.78 -1.67 -10.61
N LEU C 14 -2.63 -2.07 -9.65
CA LEU C 14 -2.13 -2.56 -8.36
C LEU C 14 -1.10 -3.67 -8.61
N ALA C 15 -1.46 -4.58 -9.52
CA ALA C 15 -0.58 -5.70 -9.89
C ALA C 15 0.83 -5.19 -10.17
N PHE C 16 0.92 -4.06 -10.87
CA PHE C 16 2.21 -3.46 -11.19
C PHE C 16 2.85 -2.87 -9.93
N VAL C 17 2.03 -2.28 -9.06
CA VAL C 17 2.53 -1.70 -7.81
C VAL C 17 3.21 -2.77 -6.97
N VAL C 18 2.51 -3.90 -6.77
CA VAL C 18 3.06 -5.01 -5.99
C VAL C 18 4.31 -5.55 -6.70
N PHE C 19 4.15 -5.87 -7.98
CA PHE C 19 5.26 -6.40 -8.80
C PHE C 19 6.51 -5.55 -8.60
N LEU C 20 6.31 -4.23 -8.60
CA LEU C 20 7.41 -3.28 -8.41
C LEU C 20 7.94 -3.40 -6.97
N LEU C 21 7.01 -3.59 -6.02
CA LEU C 21 7.37 -3.71 -4.61
C LEU C 21 8.49 -4.74 -4.41
N VAL C 22 8.25 -5.97 -4.86
CA VAL C 22 9.24 -7.04 -4.73
C VAL C 22 10.57 -6.62 -5.37
N THR C 23 10.49 -5.87 -6.47
CA THR C 23 11.69 -5.41 -7.18
C THR C 23 12.65 -4.70 -6.22
N LEU C 24 12.09 -3.98 -5.24
CA LEU C 24 12.91 -3.26 -4.26
C LEU C 24 13.77 -4.24 -3.48
N ALA C 25 13.18 -5.37 -3.10
CA ALA C 25 13.88 -6.40 -2.33
C ALA C 25 15.14 -6.84 -3.06
N ILE C 26 15.02 -7.05 -4.37
CA ILE C 26 16.16 -7.47 -5.18
C ILE C 26 17.22 -6.35 -5.21
N LEU C 27 16.76 -5.10 -5.33
CA LEU C 27 17.66 -3.96 -5.37
C LEU C 27 18.47 -3.85 -4.08
N THR C 28 17.80 -4.02 -2.94
CA THR C 28 18.47 -3.94 -1.64
C THR C 28 19.61 -4.96 -1.57
N ALA C 29 19.40 -6.13 -2.19
CA ALA C 29 20.42 -7.18 -2.20
C ALA C 29 21.75 -6.68 -2.75
N LEU C 30 21.70 -5.56 -3.51
CA LEU C 30 22.89 -4.94 -4.12
C LEU C 30 23.97 -4.64 -3.07
N ARG C 31 24.62 -5.70 -2.56
CA ARG C 31 25.69 -5.56 -1.58
C ARG C 31 26.87 -6.46 -1.94
N GLU D 1 -21.42 7.77 -12.74
CA GLU D 1 -20.39 8.76 -13.15
C GLU D 1 -19.78 9.39 -11.91
N THR D 2 -20.64 9.80 -10.97
CA THR D 2 -20.18 10.43 -9.74
C THR D 2 -19.29 9.47 -8.95
N GLY D 3 -19.70 8.21 -8.87
CA GLY D 3 -18.94 7.20 -8.15
C GLY D 3 -17.57 7.01 -8.80
N THR D 4 -17.56 6.95 -10.13
CA THR D 4 -16.31 6.77 -10.87
C THR D 4 -15.35 7.92 -10.58
N LEU D 5 -15.90 9.13 -10.52
CA LEU D 5 -15.09 10.32 -10.24
C LEU D 5 -14.40 10.20 -8.88
N ILE D 6 -15.14 9.71 -7.89
CA ILE D 6 -14.60 9.54 -6.54
C ILE D 6 -13.45 8.54 -6.57
N VAL D 7 -13.64 7.43 -7.30
CA VAL D 7 -12.61 6.40 -7.41
C VAL D 7 -11.37 6.99 -8.06
N ASN D 8 -11.56 7.78 -9.12
CA ASN D 8 -10.45 8.41 -9.83
C ASN D 8 -9.69 9.36 -8.90
N SER D 9 -10.44 10.06 -8.04
CA SER D 9 -9.84 11.00 -7.10
C SER D 9 -8.81 10.31 -6.21
N VAL D 10 -9.15 9.09 -5.78
CA VAL D 10 -8.24 8.31 -4.93
C VAL D 10 -7.04 7.85 -5.75
N LEU D 11 -7.32 7.41 -6.98
CA LEU D 11 -6.26 6.94 -7.89
C LEU D 11 -5.25 8.06 -8.16
N LEU D 12 -5.76 9.29 -8.26
CA LEU D 12 -4.92 10.45 -8.54
C LEU D 12 -3.71 10.50 -7.59
N PHE D 13 -3.98 10.54 -6.28
CA PHE D 13 -2.89 10.61 -5.30
C PHE D 13 -2.13 9.29 -5.23
N LEU D 14 -2.84 8.16 -5.43
CA LEU D 14 -2.18 6.84 -5.40
C LEU D 14 -1.01 6.86 -6.37
N ALA D 15 -1.26 7.39 -7.57
CA ALA D 15 -0.24 7.49 -8.61
C ALA D 15 1.05 8.07 -8.02
N PHE D 16 0.90 9.09 -7.18
CA PHE D 16 2.05 9.73 -6.53
C PHE D 16 2.67 8.80 -5.50
N VAL D 17 1.82 8.07 -4.78
CA VAL D 17 2.29 7.13 -3.75
C VAL D 17 3.20 6.08 -4.39
N VAL D 18 2.72 5.47 -5.48
CA VAL D 18 3.50 4.45 -6.18
C VAL D 18 4.76 5.08 -6.77
N PHE D 19 4.57 6.18 -7.50
CA PHE D 19 5.68 6.91 -8.11
C PHE D 19 6.80 7.13 -7.09
N LEU D 20 6.39 7.51 -5.88
CA LEU D 20 7.33 7.72 -4.78
C LEU D 20 7.96 6.41 -4.35
N LEU D 21 7.13 5.34 -4.35
CA LEU D 21 7.60 4.01 -3.97
C LEU D 21 8.89 3.63 -4.71
N VAL D 22 8.82 3.64 -6.03
CA VAL D 22 9.99 3.29 -6.86
C VAL D 22 11.18 4.18 -6.49
N THR D 23 10.90 5.45 -6.16
CA THR D 23 11.97 6.39 -5.80
C THR D 23 12.85 5.83 -4.69
N LEU D 24 12.24 5.06 -3.77
CA LEU D 24 12.99 4.46 -2.67
C LEU D 24 14.06 3.50 -3.20
N ALA D 25 13.68 2.72 -4.22
CA ALA D 25 14.59 1.74 -4.83
C ALA D 25 15.87 2.42 -5.30
N ILE D 26 15.71 3.58 -5.94
CA ILE D 26 16.84 4.35 -6.44
C ILE D 26 17.70 4.82 -5.25
N LEU D 27 17.03 5.28 -4.19
CA LEU D 27 17.73 5.76 -3.00
C LEU D 27 18.57 4.67 -2.35
N THR D 28 18.02 3.46 -2.25
CA THR D 28 18.75 2.34 -1.62
C THR D 28 20.06 2.06 -2.37
N ALA D 29 20.02 2.21 -3.69
CA ALA D 29 21.21 1.97 -4.53
C ALA D 29 22.38 2.90 -4.17
N LEU D 30 22.07 3.99 -3.47
CA LEU D 30 23.05 5.06 -3.11
C LEU D 30 24.51 4.58 -2.94
N ARG D 31 24.71 3.33 -2.47
CA ARG D 31 26.07 2.76 -2.27
C ARG D 31 27.02 3.14 -3.41
N GLU E 1 -23.16 12.23 0.36
CA GLU E 1 -22.32 13.01 1.30
C GLU E 1 -21.75 12.07 2.36
N THR E 2 -22.59 11.18 2.87
CA THR E 2 -22.16 10.22 3.90
C THR E 2 -21.06 9.31 3.34
N GLY E 3 -21.27 8.83 2.12
CA GLY E 3 -20.29 7.95 1.46
C GLY E 3 -18.95 8.65 1.30
N THR E 4 -19.00 9.90 0.84
CA THR E 4 -17.80 10.69 0.62
C THR E 4 -17.03 10.85 1.94
N LEU E 5 -17.77 11.08 3.02
CA LEU E 5 -17.15 11.26 4.34
C LEU E 5 -16.38 10.01 4.75
N ILE E 6 -16.97 8.84 4.48
CA ILE E 6 -16.32 7.57 4.82
C ILE E 6 -15.03 7.42 4.03
N VAL E 7 -15.08 7.76 2.74
CA VAL E 7 -13.90 7.67 1.87
C VAL E 7 -12.80 8.60 2.41
N ASN E 8 -13.18 9.82 2.78
CA ASN E 8 -12.24 10.79 3.30
C ASN E 8 -11.59 10.28 4.60
N SER E 9 -12.39 9.60 5.43
CA SER E 9 -11.91 9.06 6.69
C SER E 9 -10.72 8.13 6.44
N VAL E 10 -10.83 7.30 5.40
CA VAL E 10 -9.76 6.36 5.06
C VAL E 10 -8.55 7.14 4.52
N LEU E 11 -8.82 8.13 3.68
CA LEU E 11 -7.76 8.96 3.11
C LEU E 11 -6.96 9.66 4.22
N LEU E 12 -7.67 10.09 5.27
CA LEU E 12 -7.05 10.77 6.39
C LEU E 12 -5.89 9.93 6.95
N PHE E 13 -6.18 8.66 7.21
CA PHE E 13 -5.19 7.73 7.75
C PHE E 13 -4.12 7.42 6.70
N LEU E 14 -4.55 7.26 5.45
CA LEU E 14 -3.64 6.96 4.35
C LEU E 14 -2.55 8.01 4.25
N ALA E 15 -2.96 9.28 4.31
CA ALA E 15 -2.02 10.41 4.22
C ALA E 15 -0.81 10.17 5.12
N PHE E 16 -1.06 9.68 6.33
CA PHE E 16 0.00 9.40 7.29
C PHE E 16 0.85 8.21 6.83
N VAL E 17 0.18 7.20 6.26
CA VAL E 17 0.87 6.00 5.78
C VAL E 17 1.89 6.40 4.71
N VAL E 18 1.44 7.16 3.71
CA VAL E 18 2.32 7.61 2.63
C VAL E 18 3.43 8.48 3.22
N PHE E 19 3.02 9.50 3.99
CA PHE E 19 3.97 10.42 4.63
C PHE E 19 5.09 9.63 5.31
N LEU E 20 4.70 8.57 6.01
CA LEU E 20 5.65 7.70 6.70
C LEU E 20 6.51 6.96 5.67
N LEU E 21 5.89 6.54 4.57
CA LEU E 21 6.58 5.82 3.50
C LEU E 21 7.86 6.55 3.09
N VAL E 22 7.71 7.81 2.66
CA VAL E 22 8.86 8.61 2.23
C VAL E 22 9.92 8.66 3.35
N THR E 23 9.45 8.71 4.60
CA THR E 23 10.37 8.77 5.75
C THR E 23 11.40 7.65 5.68
N LEU E 24 10.99 6.47 5.19
CA LEU E 24 11.90 5.33 5.07
C LEU E 24 13.06 5.67 4.15
N ALA E 25 12.75 6.36 3.05
CA ALA E 25 13.77 6.75 2.06
C ALA E 25 14.88 7.55 2.74
N ILE E 26 14.49 8.48 3.61
CA ILE E 26 15.45 9.31 4.32
C ILE E 26 16.28 8.42 5.26
N LEU E 27 15.62 7.48 5.94
CA LEU E 27 16.32 6.58 6.86
C LEU E 27 17.37 5.75 6.12
N THR E 28 17.02 5.24 4.94
CA THR E 28 17.98 4.44 4.17
C THR E 28 19.23 5.26 3.86
N ALA E 29 19.06 6.58 3.68
CA ALA E 29 20.20 7.47 3.40
C ALA E 29 21.29 7.33 4.49
N LEU E 30 20.84 6.80 5.69
CA LEU E 30 21.76 6.59 6.77
C LEU E 30 22.95 5.77 6.19
N ARG E 31 24.02 6.44 5.82
CA ARG E 31 25.19 5.76 5.28
C ARG E 31 26.42 6.66 5.41
#